data_1YD0
# 
_entry.id   1YD0 
# 
_audit_conform.dict_name       mmcif_pdbx.dic 
_audit_conform.dict_version    5.388 
_audit_conform.dict_location   http://mmcif.pdb.org/dictionaries/ascii/mmcif_pdbx.dic 
# 
loop_
_database_2.database_id 
_database_2.database_code 
_database_2.pdbx_database_accession 
_database_2.pdbx_DOI 
PDB   1YD0         pdb_00001yd0 10.2210/pdb1yd0/pdb 
RCSB  RCSB031390   ?            ?                   
WWPDB D_1000031390 ?            ?                   
# 
loop_
_pdbx_audit_revision_history.ordinal 
_pdbx_audit_revision_history.data_content_type 
_pdbx_audit_revision_history.major_revision 
_pdbx_audit_revision_history.minor_revision 
_pdbx_audit_revision_history.revision_date 
1 'Structure model' 1 0 2005-03-01 
2 'Structure model' 1 1 2008-04-30 
3 'Structure model' 1 2 2011-07-13 
4 'Structure model' 1 3 2024-03-13 
# 
_pdbx_audit_revision_details.ordinal             1 
_pdbx_audit_revision_details.revision_ordinal    1 
_pdbx_audit_revision_details.data_content_type   'Structure model' 
_pdbx_audit_revision_details.provider            repository 
_pdbx_audit_revision_details.type                'Initial release' 
_pdbx_audit_revision_details.description         ? 
_pdbx_audit_revision_details.details             ? 
# 
loop_
_pdbx_audit_revision_group.ordinal 
_pdbx_audit_revision_group.revision_ordinal 
_pdbx_audit_revision_group.data_content_type 
_pdbx_audit_revision_group.group 
1 2 'Structure model' 'Version format compliance' 
2 3 'Structure model' 'Non-polymer description'   
3 3 'Structure model' 'Version format compliance' 
4 4 'Structure model' 'Data collection'           
5 4 'Structure model' 'Database references'       
6 4 'Structure model' 'Derived calculations'      
# 
loop_
_pdbx_audit_revision_category.ordinal 
_pdbx_audit_revision_category.revision_ordinal 
_pdbx_audit_revision_category.data_content_type 
_pdbx_audit_revision_category.category 
1 4 'Structure model' chem_comp_atom         
2 4 'Structure model' chem_comp_bond         
3 4 'Structure model' database_2             
4 4 'Structure model' pdbx_struct_conn_angle 
5 4 'Structure model' struct_conn            
6 4 'Structure model' struct_site            
# 
loop_
_pdbx_audit_revision_item.ordinal 
_pdbx_audit_revision_item.revision_ordinal 
_pdbx_audit_revision_item.data_content_type 
_pdbx_audit_revision_item.item 
1  4 'Structure model' '_database_2.pdbx_DOI'                        
2  4 'Structure model' '_database_2.pdbx_database_accession'         
3  4 'Structure model' '_pdbx_struct_conn_angle.ptnr1_auth_comp_id'  
4  4 'Structure model' '_pdbx_struct_conn_angle.ptnr1_auth_seq_id'   
5  4 'Structure model' '_pdbx_struct_conn_angle.ptnr1_label_asym_id' 
6  4 'Structure model' '_pdbx_struct_conn_angle.ptnr1_label_atom_id' 
7  4 'Structure model' '_pdbx_struct_conn_angle.ptnr1_label_comp_id' 
8  4 'Structure model' '_pdbx_struct_conn_angle.ptnr1_label_seq_id'  
9  4 'Structure model' '_pdbx_struct_conn_angle.ptnr2_auth_seq_id'   
10 4 'Structure model' '_pdbx_struct_conn_angle.ptnr2_label_asym_id' 
11 4 'Structure model' '_pdbx_struct_conn_angle.ptnr3_auth_comp_id'  
12 4 'Structure model' '_pdbx_struct_conn_angle.ptnr3_auth_seq_id'   
13 4 'Structure model' '_pdbx_struct_conn_angle.ptnr3_label_asym_id' 
14 4 'Structure model' '_pdbx_struct_conn_angle.ptnr3_label_atom_id' 
15 4 'Structure model' '_pdbx_struct_conn_angle.ptnr3_label_comp_id' 
16 4 'Structure model' '_pdbx_struct_conn_angle.ptnr3_label_seq_id'  
17 4 'Structure model' '_pdbx_struct_conn_angle.value'               
18 4 'Structure model' '_struct_conn.pdbx_dist_value'                
19 4 'Structure model' '_struct_conn.ptnr1_auth_comp_id'             
20 4 'Structure model' '_struct_conn.ptnr1_auth_seq_id'              
21 4 'Structure model' '_struct_conn.ptnr1_label_asym_id'            
22 4 'Structure model' '_struct_conn.ptnr1_label_atom_id'            
23 4 'Structure model' '_struct_conn.ptnr1_label_comp_id'            
24 4 'Structure model' '_struct_conn.ptnr1_label_seq_id'             
25 4 'Structure model' '_struct_conn.ptnr2_auth_comp_id'             
26 4 'Structure model' '_struct_conn.ptnr2_auth_seq_id'              
27 4 'Structure model' '_struct_conn.ptnr2_label_asym_id'            
28 4 'Structure model' '_struct_conn.ptnr2_label_atom_id'            
29 4 'Structure model' '_struct_conn.ptnr2_label_comp_id'            
30 4 'Structure model' '_struct_conn.ptnr2_label_seq_id'             
31 4 'Structure model' '_struct_site.pdbx_auth_asym_id'              
32 4 'Structure model' '_struct_site.pdbx_auth_comp_id'              
33 4 'Structure model' '_struct_site.pdbx_auth_seq_id'               
# 
_pdbx_database_status.status_code                     REL 
_pdbx_database_status.entry_id                        1YD0 
_pdbx_database_status.recvd_initial_deposition_date   2004-12-23 
_pdbx_database_status.deposit_site                    RCSB 
_pdbx_database_status.process_site                    PDBJ 
_pdbx_database_status.status_code_sf                  REL 
_pdbx_database_status.status_code_mr                  ? 
_pdbx_database_status.SG_entry                        ? 
_pdbx_database_status.pdb_format_compatible           Y 
_pdbx_database_status.status_code_cs                  ? 
_pdbx_database_status.status_code_nmr_data            ? 
_pdbx_database_status.methods_development_category    ? 
# 
loop_
_pdbx_database_related.db_name 
_pdbx_database_related.db_id 
_pdbx_database_related.details 
_pdbx_database_related.content_type 
PDB 1LN0 'Endonuclease domain of I-TevI'                                            unspecified 
PDB 1MK0 'Endonuclease domain of I-TevI'                                            unspecified 
PDB 1KFT 'Solution Structure Of The C-Terminal Domain Of Uvrc From E- Coli'         unspecified 
PDB 1D9X 'Crystal Structure of UvrB'                                                unspecified 
PDB 1YCZ 'the same protein from Thermotoga maritima'                                unspecified 
PDB 1YD1 'the same protein from Thermotoga maritima bound to magnesium'             unspecified 
PDB 1YD2 'the same protein from Thermotoga maritima Y19F mutant bound to manganese' unspecified 
PDB 1YD3 'the same protein from Thermotoga maritima Y43F mutant bound to manganese' unspecified 
PDB 1YD4 'the same protein from Thermotoga maritima Y29F mutant bound to manganese' unspecified 
PDB 1YD5 'the same protein from Thermotoga maritima N88A mutant bound to manganese' unspecified 
PDB 1YD6 'the same protein from Bacillus caldotenax'                                unspecified 
# 
loop_
_audit_author.name 
_audit_author.pdbx_ordinal 
'Truglio, J.J.'      1  
'Rhau, B.'           2  
'Croteau, D.L.'      3  
'Wang, L.'           4  
'Skorvaga, M.'       5  
'Karakas, E.'        6  
'DellaVecchia, M.J.' 7  
'Wang, H.'           8  
'Van Houten, B.'     9  
'Kisker, C.'         10 
# 
_citation.id                        primary 
_citation.title                     'Structural insights into the first incision reaction during nucleotide excision repair' 
_citation.journal_abbrev            'Embo J.' 
_citation.journal_volume            24 
_citation.page_first                885 
_citation.page_last                 894 
_citation.year                      2005 
_citation.journal_id_ASTM           EMJODG 
_citation.country                   UK 
_citation.journal_id_ISSN           0261-4189 
_citation.journal_id_CSD            0897 
_citation.book_publisher            ? 
_citation.pdbx_database_id_PubMed   15692561 
_citation.pdbx_database_id_DOI      10.1038/sj.emboj.7600568 
# 
loop_
_citation_author.citation_id 
_citation_author.name 
_citation_author.ordinal 
_citation_author.identifier_ORCID 
primary 'Truglio, J.J.'      1  ? 
primary 'Rhau, B.'           2  ? 
primary 'Croteau, D.L.'      3  ? 
primary 'Wang, L.'           4  ? 
primary 'Skorvaga, M.'       5  ? 
primary 'Karakas, E.'        6  ? 
primary 'Dellavecchia, M.J.' 7  ? 
primary 'Wang, H.'           8  ? 
primary 'Van Houten, B.'     9  ? 
primary 'Kisker, C.'         10 ? 
# 
loop_
_entity.id 
_entity.type 
_entity.src_method 
_entity.pdbx_description 
_entity.formula_weight 
_entity.pdbx_number_of_molecules 
_entity.pdbx_ec 
_entity.pdbx_mutation 
_entity.pdbx_fragment 
_entity.details 
1 polymer     man 'UvrABC system protein C' 11378.382 1   ? ? 'N-terminal domain' ? 
2 non-polymer syn 'MANGANESE (II) ION'      54.938    4   ? ? ?                   ? 
3 non-polymer syn GLYCEROL                  92.094    1   ? ? ?                   ? 
4 water       nat water                     18.015    132 ? ? ?                   ? 
# 
_entity_name_com.entity_id   1 
_entity_name_com.name        'UvrC protein, Excinuclease ABC subunit C' 
# 
_entity_poly.entity_id                      1 
_entity_poly.type                           'polypeptide(L)' 
_entity_poly.nstd_linkage                   no 
_entity_poly.nstd_monomer                   no 
_entity_poly.pdbx_seq_one_letter_code       
;MKEKIRKKILLAPEEPGVYIFKNKGVPIYIGKAKRLSNRLRSYLNPQTEKVFRIGEEADELETIVVMNEREAFILEANLI
KKYRPKYNVRLKDTDF
;
_entity_poly.pdbx_seq_one_letter_code_can   
;MKEKIRKKILLAPEEPGVYIFKNKGVPIYIGKAKRLSNRLRSYLNPQTEKVFRIGEEADELETIVVMNEREAFILEANLI
KKYRPKYNVRLKDTDF
;
_entity_poly.pdbx_strand_id                 A 
_entity_poly.pdbx_target_identifier         ? 
# 
loop_
_pdbx_entity_nonpoly.entity_id 
_pdbx_entity_nonpoly.name 
_pdbx_entity_nonpoly.comp_id 
2 'MANGANESE (II) ION' MN  
3 GLYCEROL             GOL 
4 water                HOH 
# 
loop_
_entity_poly_seq.entity_id 
_entity_poly_seq.num 
_entity_poly_seq.mon_id 
_entity_poly_seq.hetero 
1 1  MET n 
1 2  LYS n 
1 3  GLU n 
1 4  LYS n 
1 5  ILE n 
1 6  ARG n 
1 7  LYS n 
1 8  LYS n 
1 9  ILE n 
1 10 LEU n 
1 11 LEU n 
1 12 ALA n 
1 13 PRO n 
1 14 GLU n 
1 15 GLU n 
1 16 PRO n 
1 17 GLY n 
1 18 VAL n 
1 19 TYR n 
1 20 ILE n 
1 21 PHE n 
1 22 LYS n 
1 23 ASN n 
1 24 LYS n 
1 25 GLY n 
1 26 VAL n 
1 27 PRO n 
1 28 ILE n 
1 29 TYR n 
1 30 ILE n 
1 31 GLY n 
1 32 LYS n 
1 33 ALA n 
1 34 LYS n 
1 35 ARG n 
1 36 LEU n 
1 37 SER n 
1 38 ASN n 
1 39 ARG n 
1 40 LEU n 
1 41 ARG n 
1 42 SER n 
1 43 TYR n 
1 44 LEU n 
1 45 ASN n 
1 46 PRO n 
1 47 GLN n 
1 48 THR n 
1 49 GLU n 
1 50 LYS n 
1 51 VAL n 
1 52 PHE n 
1 53 ARG n 
1 54 ILE n 
1 55 GLY n 
1 56 GLU n 
1 57 GLU n 
1 58 ALA n 
1 59 ASP n 
1 60 GLU n 
1 61 LEU n 
1 62 GLU n 
1 63 THR n 
1 64 ILE n 
1 65 VAL n 
1 66 VAL n 
1 67 MET n 
1 68 ASN n 
1 69 GLU n 
1 70 ARG n 
1 71 GLU n 
1 72 ALA n 
1 73 PHE n 
1 74 ILE n 
1 75 LEU n 
1 76 GLU n 
1 77 ALA n 
1 78 ASN n 
1 79 LEU n 
1 80 ILE n 
1 81 LYS n 
1 82 LYS n 
1 83 TYR n 
1 84 ARG n 
1 85 PRO n 
1 86 LYS n 
1 87 TYR n 
1 88 ASN n 
1 89 VAL n 
1 90 ARG n 
1 91 LEU n 
1 92 LYS n 
1 93 ASP n 
1 94 THR n 
1 95 ASP n 
1 96 PHE n 
# 
_entity_src_gen.entity_id                          1 
_entity_src_gen.pdbx_src_id                        1 
_entity_src_gen.pdbx_alt_source_flag               sample 
_entity_src_gen.pdbx_seq_type                      ? 
_entity_src_gen.pdbx_beg_seq_num                   ? 
_entity_src_gen.pdbx_end_seq_num                   ? 
_entity_src_gen.gene_src_common_name               ? 
_entity_src_gen.gene_src_genus                     Thermotoga 
_entity_src_gen.pdbx_gene_src_gene                 ? 
_entity_src_gen.gene_src_species                   ? 
_entity_src_gen.gene_src_strain                    ? 
_entity_src_gen.gene_src_tissue                    ? 
_entity_src_gen.gene_src_tissue_fraction           ? 
_entity_src_gen.gene_src_details                   ? 
_entity_src_gen.pdbx_gene_src_fragment             ? 
_entity_src_gen.pdbx_gene_src_scientific_name      'Thermotoga maritima' 
_entity_src_gen.pdbx_gene_src_ncbi_taxonomy_id     2336 
_entity_src_gen.pdbx_gene_src_variant              ? 
_entity_src_gen.pdbx_gene_src_cell_line            ? 
_entity_src_gen.pdbx_gene_src_atcc                 ? 
_entity_src_gen.pdbx_gene_src_organ                ? 
_entity_src_gen.pdbx_gene_src_organelle            ? 
_entity_src_gen.pdbx_gene_src_cell                 ? 
_entity_src_gen.pdbx_gene_src_cellular_location    ? 
_entity_src_gen.host_org_common_name               ? 
_entity_src_gen.pdbx_host_org_scientific_name      'Escherichia coli' 
_entity_src_gen.pdbx_host_org_ncbi_taxonomy_id     562 
_entity_src_gen.host_org_genus                     Escherichia 
_entity_src_gen.pdbx_host_org_gene                 ? 
_entity_src_gen.pdbx_host_org_organ                ? 
_entity_src_gen.host_org_species                   ? 
_entity_src_gen.pdbx_host_org_tissue               ? 
_entity_src_gen.pdbx_host_org_tissue_fraction      ? 
_entity_src_gen.pdbx_host_org_strain               ? 
_entity_src_gen.pdbx_host_org_variant              ? 
_entity_src_gen.pdbx_host_org_cell_line            ? 
_entity_src_gen.pdbx_host_org_atcc                 ? 
_entity_src_gen.pdbx_host_org_culture_collection   ? 
_entity_src_gen.pdbx_host_org_cell                 ? 
_entity_src_gen.pdbx_host_org_organelle            ? 
_entity_src_gen.pdbx_host_org_cellular_location    ? 
_entity_src_gen.pdbx_host_org_vector_type          ? 
_entity_src_gen.pdbx_host_org_vector               ? 
_entity_src_gen.host_org_details                   ? 
_entity_src_gen.expression_system_id               ? 
_entity_src_gen.plasmid_name                       ? 
_entity_src_gen.plasmid_details                    ? 
_entity_src_gen.pdbx_description                   ? 
# 
loop_
_chem_comp.id 
_chem_comp.type 
_chem_comp.mon_nstd_flag 
_chem_comp.name 
_chem_comp.pdbx_synonyms 
_chem_comp.formula 
_chem_comp.formula_weight 
ALA 'L-peptide linking' y ALANINE              ?                               'C3 H7 N O2'     89.093  
ARG 'L-peptide linking' y ARGININE             ?                               'C6 H15 N4 O2 1' 175.209 
ASN 'L-peptide linking' y ASPARAGINE           ?                               'C4 H8 N2 O3'    132.118 
ASP 'L-peptide linking' y 'ASPARTIC ACID'      ?                               'C4 H7 N O4'     133.103 
GLN 'L-peptide linking' y GLUTAMINE            ?                               'C5 H10 N2 O3'   146.144 
GLU 'L-peptide linking' y 'GLUTAMIC ACID'      ?                               'C5 H9 N O4'     147.129 
GLY 'peptide linking'   y GLYCINE              ?                               'C2 H5 N O2'     75.067  
GOL non-polymer         . GLYCEROL             'GLYCERIN; PROPANE-1,2,3-TRIOL' 'C3 H8 O3'       92.094  
HOH non-polymer         . WATER                ?                               'H2 O'           18.015  
ILE 'L-peptide linking' y ISOLEUCINE           ?                               'C6 H13 N O2'    131.173 
LEU 'L-peptide linking' y LEUCINE              ?                               'C6 H13 N O2'    131.173 
LYS 'L-peptide linking' y LYSINE               ?                               'C6 H15 N2 O2 1' 147.195 
MET 'L-peptide linking' y METHIONINE           ?                               'C5 H11 N O2 S'  149.211 
MN  non-polymer         . 'MANGANESE (II) ION' ?                               'Mn 2'           54.938  
PHE 'L-peptide linking' y PHENYLALANINE        ?                               'C9 H11 N O2'    165.189 
PRO 'L-peptide linking' y PROLINE              ?                               'C5 H9 N O2'     115.130 
SER 'L-peptide linking' y SERINE               ?                               'C3 H7 N O3'     105.093 
THR 'L-peptide linking' y THREONINE            ?                               'C4 H9 N O3'     119.119 
TYR 'L-peptide linking' y TYROSINE             ?                               'C9 H11 N O3'    181.189 
VAL 'L-peptide linking' y VALINE               ?                               'C5 H11 N O2'    117.146 
# 
loop_
_pdbx_poly_seq_scheme.asym_id 
_pdbx_poly_seq_scheme.entity_id 
_pdbx_poly_seq_scheme.seq_id 
_pdbx_poly_seq_scheme.mon_id 
_pdbx_poly_seq_scheme.ndb_seq_num 
_pdbx_poly_seq_scheme.pdb_seq_num 
_pdbx_poly_seq_scheme.auth_seq_num 
_pdbx_poly_seq_scheme.pdb_mon_id 
_pdbx_poly_seq_scheme.auth_mon_id 
_pdbx_poly_seq_scheme.pdb_strand_id 
_pdbx_poly_seq_scheme.pdb_ins_code 
_pdbx_poly_seq_scheme.hetero 
A 1 1  MET 1  1  1  MET MET A . n 
A 1 2  LYS 2  2  2  LYS LYS A . n 
A 1 3  GLU 3  3  3  GLU GLU A . n 
A 1 4  LYS 4  4  4  LYS LYS A . n 
A 1 5  ILE 5  5  5  ILE ILE A . n 
A 1 6  ARG 6  6  6  ARG ARG A . n 
A 1 7  LYS 7  7  7  LYS LYS A . n 
A 1 8  LYS 8  8  8  LYS LYS A . n 
A 1 9  ILE 9  9  9  ILE ILE A . n 
A 1 10 LEU 10 10 10 LEU LEU A . n 
A 1 11 LEU 11 11 11 LEU LEU A . n 
A 1 12 ALA 12 12 12 ALA ALA A . n 
A 1 13 PRO 13 13 13 PRO PRO A . n 
A 1 14 GLU 14 14 14 GLU GLU A . n 
A 1 15 GLU 15 15 15 GLU GLU A . n 
A 1 16 PRO 16 16 16 PRO PRO A . n 
A 1 17 GLY 17 17 17 GLY GLY A . n 
A 1 18 VAL 18 18 18 VAL VAL A . n 
A 1 19 TYR 19 19 19 TYR TYR A . n 
A 1 20 ILE 20 20 20 ILE ILE A . n 
A 1 21 PHE 21 21 21 PHE PHE A . n 
A 1 22 LYS 22 22 22 LYS LYS A . n 
A 1 23 ASN 23 23 23 ASN ASN A . n 
A 1 24 LYS 24 24 24 LYS LYS A . n 
A 1 25 GLY 25 25 25 GLY GLY A . n 
A 1 26 VAL 26 26 26 VAL VAL A . n 
A 1 27 PRO 27 27 27 PRO PRO A . n 
A 1 28 ILE 28 28 28 ILE ILE A . n 
A 1 29 TYR 29 29 29 TYR TYR A . n 
A 1 30 ILE 30 30 30 ILE ILE A . n 
A 1 31 GLY 31 31 31 GLY GLY A . n 
A 1 32 LYS 32 32 32 LYS LYS A . n 
A 1 33 ALA 33 33 33 ALA ALA A . n 
A 1 34 LYS 34 34 34 LYS LYS A . n 
A 1 35 ARG 35 35 35 ARG ARG A . n 
A 1 36 LEU 36 36 36 LEU LEU A . n 
A 1 37 SER 37 37 37 SER SER A . n 
A 1 38 ASN 38 38 38 ASN ASN A . n 
A 1 39 ARG 39 39 39 ARG ARG A . n 
A 1 40 LEU 40 40 40 LEU LEU A . n 
A 1 41 ARG 41 41 41 ARG ARG A . n 
A 1 42 SER 42 42 42 SER SER A . n 
A 1 43 TYR 43 43 43 TYR TYR A . n 
A 1 44 LEU 44 44 44 LEU LEU A . n 
A 1 45 ASN 45 45 45 ASN ASN A . n 
A 1 46 PRO 46 46 46 PRO PRO A . n 
A 1 47 GLN 47 47 47 GLN GLN A . n 
A 1 48 THR 48 48 48 THR THR A . n 
A 1 49 GLU 49 49 49 GLU GLU A . n 
A 1 50 LYS 50 50 50 LYS LYS A . n 
A 1 51 VAL 51 51 51 VAL VAL A . n 
A 1 52 PHE 52 52 52 PHE PHE A . n 
A 1 53 ARG 53 53 53 ARG ARG A . n 
A 1 54 ILE 54 54 54 ILE ILE A . n 
A 1 55 GLY 55 55 55 GLY GLY A . n 
A 1 56 GLU 56 56 56 GLU GLU A . n 
A 1 57 GLU 57 57 57 GLU GLU A . n 
A 1 58 ALA 58 58 58 ALA ALA A . n 
A 1 59 ASP 59 59 59 ASP ASP A . n 
A 1 60 GLU 60 60 60 GLU GLU A . n 
A 1 61 LEU 61 61 61 LEU LEU A . n 
A 1 62 GLU 62 62 62 GLU GLU A . n 
A 1 63 THR 63 63 63 THR THR A . n 
A 1 64 ILE 64 64 64 ILE ILE A . n 
A 1 65 VAL 65 65 65 VAL VAL A . n 
A 1 66 VAL 66 66 66 VAL VAL A . n 
A 1 67 MET 67 67 67 MET MET A . n 
A 1 68 ASN 68 68 68 ASN ASN A . n 
A 1 69 GLU 69 69 69 GLU GLU A . n 
A 1 70 ARG 70 70 70 ARG ARG A . n 
A 1 71 GLU 71 71 71 GLU GLU A . n 
A 1 72 ALA 72 72 72 ALA ALA A . n 
A 1 73 PHE 73 73 73 PHE PHE A . n 
A 1 74 ILE 74 74 74 ILE ILE A . n 
A 1 75 LEU 75 75 75 LEU LEU A . n 
A 1 76 GLU 76 76 76 GLU GLU A . n 
A 1 77 ALA 77 77 77 ALA ALA A . n 
A 1 78 ASN 78 78 78 ASN ASN A . n 
A 1 79 LEU 79 79 79 LEU LEU A . n 
A 1 80 ILE 80 80 80 ILE ILE A . n 
A 1 81 LYS 81 81 81 LYS LYS A . n 
A 1 82 LYS 82 82 82 LYS LYS A . n 
A 1 83 TYR 83 83 83 TYR TYR A . n 
A 1 84 ARG 84 84 84 ARG ARG A . n 
A 1 85 PRO 85 85 85 PRO PRO A . n 
A 1 86 LYS 86 86 86 LYS LYS A . n 
A 1 87 TYR 87 87 87 TYR TYR A . n 
A 1 88 ASN 88 88 88 ASN ASN A . n 
A 1 89 VAL 89 89 89 VAL VAL A . n 
A 1 90 ARG 90 90 ?  ?   ?   A . n 
A 1 91 LEU 91 91 ?  ?   ?   A . n 
A 1 92 LYS 92 92 ?  ?   ?   A . n 
A 1 93 ASP 93 93 ?  ?   ?   A . n 
A 1 94 THR 94 94 ?  ?   ?   A . n 
A 1 95 ASP 95 95 ?  ?   ?   A . n 
A 1 96 PHE 96 96 ?  ?   ?   A . n 
# 
loop_
_pdbx_nonpoly_scheme.asym_id 
_pdbx_nonpoly_scheme.entity_id 
_pdbx_nonpoly_scheme.mon_id 
_pdbx_nonpoly_scheme.ndb_seq_num 
_pdbx_nonpoly_scheme.pdb_seq_num 
_pdbx_nonpoly_scheme.auth_seq_num 
_pdbx_nonpoly_scheme.pdb_mon_id 
_pdbx_nonpoly_scheme.auth_mon_id 
_pdbx_nonpoly_scheme.pdb_strand_id 
_pdbx_nonpoly_scheme.pdb_ins_code 
B 2 MN  1   2001 1   MN  MN  A . 
C 2 MN  1   2002 2   MN  MN  A . 
D 2 MN  1   2003 3   MN  MN  A . 
E 2 MN  1   2004 4   MN  MN  A . 
F 3 GOL 1   1001 1   GOL GOL A . 
G 4 HOH 1   2005 1   HOH HOH A . 
G 4 HOH 2   2006 2   HOH HOH A . 
G 4 HOH 3   2007 3   HOH HOH A . 
G 4 HOH 4   2008 4   HOH HOH A . 
G 4 HOH 5   2009 5   HOH HOH A . 
G 4 HOH 6   2010 6   HOH HOH A . 
G 4 HOH 7   2011 7   HOH HOH A . 
G 4 HOH 8   2012 8   HOH HOH A . 
G 4 HOH 9   2013 9   HOH HOH A . 
G 4 HOH 10  2014 10  HOH HOH A . 
G 4 HOH 11  2015 11  HOH HOH A . 
G 4 HOH 12  2016 12  HOH HOH A . 
G 4 HOH 13  2017 13  HOH HOH A . 
G 4 HOH 14  2018 14  HOH HOH A . 
G 4 HOH 15  2019 15  HOH HOH A . 
G 4 HOH 16  2020 16  HOH HOH A . 
G 4 HOH 17  2021 17  HOH HOH A . 
G 4 HOH 18  2022 18  HOH HOH A . 
G 4 HOH 19  2023 19  HOH HOH A . 
G 4 HOH 20  2024 20  HOH HOH A . 
G 4 HOH 21  2025 21  HOH HOH A . 
G 4 HOH 22  2026 22  HOH HOH A . 
G 4 HOH 23  2027 23  HOH HOH A . 
G 4 HOH 24  2028 24  HOH HOH A . 
G 4 HOH 25  2029 25  HOH HOH A . 
G 4 HOH 26  2030 26  HOH HOH A . 
G 4 HOH 27  2031 27  HOH HOH A . 
G 4 HOH 28  2032 28  HOH HOH A . 
G 4 HOH 29  2033 29  HOH HOH A . 
G 4 HOH 30  2034 30  HOH HOH A . 
G 4 HOH 31  2035 31  HOH HOH A . 
G 4 HOH 32  2036 32  HOH HOH A . 
G 4 HOH 33  2037 33  HOH HOH A . 
G 4 HOH 34  2038 34  HOH HOH A . 
G 4 HOH 35  2039 35  HOH HOH A . 
G 4 HOH 36  2040 36  HOH HOH A . 
G 4 HOH 37  2041 37  HOH HOH A . 
G 4 HOH 38  2042 38  HOH HOH A . 
G 4 HOH 39  2043 39  HOH HOH A . 
G 4 HOH 40  2044 40  HOH HOH A . 
G 4 HOH 41  2045 41  HOH HOH A . 
G 4 HOH 42  2046 42  HOH HOH A . 
G 4 HOH 43  2047 43  HOH HOH A . 
G 4 HOH 44  2048 44  HOH HOH A . 
G 4 HOH 45  2049 45  HOH HOH A . 
G 4 HOH 46  2050 46  HOH HOH A . 
G 4 HOH 47  2051 47  HOH HOH A . 
G 4 HOH 48  2052 48  HOH HOH A . 
G 4 HOH 49  2053 49  HOH HOH A . 
G 4 HOH 50  2054 50  HOH HOH A . 
G 4 HOH 51  2055 51  HOH HOH A . 
G 4 HOH 52  2056 52  HOH HOH A . 
G 4 HOH 53  2057 53  HOH HOH A . 
G 4 HOH 54  2058 54  HOH HOH A . 
G 4 HOH 55  2059 55  HOH HOH A . 
G 4 HOH 56  2060 56  HOH HOH A . 
G 4 HOH 57  2061 57  HOH HOH A . 
G 4 HOH 58  2062 58  HOH HOH A . 
G 4 HOH 59  2063 60  HOH HOH A . 
G 4 HOH 60  2064 61  HOH HOH A . 
G 4 HOH 61  2065 62  HOH HOH A . 
G 4 HOH 62  2066 63  HOH HOH A . 
G 4 HOH 63  2067 64  HOH HOH A . 
G 4 HOH 64  2068 65  HOH HOH A . 
G 4 HOH 65  2069 66  HOH HOH A . 
G 4 HOH 66  2070 67  HOH HOH A . 
G 4 HOH 67  2071 68  HOH HOH A . 
G 4 HOH 68  2072 69  HOH HOH A . 
G 4 HOH 69  2073 70  HOH HOH A . 
G 4 HOH 70  2074 71  HOH HOH A . 
G 4 HOH 71  2075 72  HOH HOH A . 
G 4 HOH 72  2076 73  HOH HOH A . 
G 4 HOH 73  2077 74  HOH HOH A . 
G 4 HOH 74  2078 75  HOH HOH A . 
G 4 HOH 75  2079 76  HOH HOH A . 
G 4 HOH 76  2080 77  HOH HOH A . 
G 4 HOH 77  2081 78  HOH HOH A . 
G 4 HOH 78  2082 79  HOH HOH A . 
G 4 HOH 79  2083 80  HOH HOH A . 
G 4 HOH 80  2084 81  HOH HOH A . 
G 4 HOH 81  2085 82  HOH HOH A . 
G 4 HOH 82  2086 83  HOH HOH A . 
G 4 HOH 83  2087 84  HOH HOH A . 
G 4 HOH 84  2088 85  HOH HOH A . 
G 4 HOH 85  2089 87  HOH HOH A . 
G 4 HOH 86  2090 88  HOH HOH A . 
G 4 HOH 87  2091 89  HOH HOH A . 
G 4 HOH 88  2092 90  HOH HOH A . 
G 4 HOH 89  2093 91  HOH HOH A . 
G 4 HOH 90  2094 92  HOH HOH A . 
G 4 HOH 91  2095 94  HOH HOH A . 
G 4 HOH 92  2096 95  HOH HOH A . 
G 4 HOH 93  2097 96  HOH HOH A . 
G 4 HOH 94  2098 97  HOH HOH A . 
G 4 HOH 95  2099 98  HOH HOH A . 
G 4 HOH 96  2100 99  HOH HOH A . 
G 4 HOH 97  2101 100 HOH HOH A . 
G 4 HOH 98  2102 101 HOH HOH A . 
G 4 HOH 99  2103 102 HOH HOH A . 
G 4 HOH 100 2104 103 HOH HOH A . 
G 4 HOH 101 2105 104 HOH HOH A . 
G 4 HOH 102 2106 105 HOH HOH A . 
G 4 HOH 103 2107 106 HOH HOH A . 
G 4 HOH 104 2108 107 HOH HOH A . 
G 4 HOH 105 2109 108 HOH HOH A . 
G 4 HOH 106 2110 110 HOH HOH A . 
G 4 HOH 107 2111 111 HOH HOH A . 
G 4 HOH 108 2112 114 HOH HOH A . 
G 4 HOH 109 2113 115 HOH HOH A . 
G 4 HOH 110 2114 117 HOH HOH A . 
G 4 HOH 111 2115 118 HOH HOH A . 
G 4 HOH 112 2116 119 HOH HOH A . 
G 4 HOH 113 2117 120 HOH HOH A . 
G 4 HOH 114 2118 121 HOH HOH A . 
G 4 HOH 115 2119 122 HOH HOH A . 
G 4 HOH 116 2120 124 HOH HOH A . 
G 4 HOH 117 2121 125 HOH HOH A . 
G 4 HOH 118 2122 126 HOH HOH A . 
G 4 HOH 119 2123 127 HOH HOH A . 
G 4 HOH 120 2124 129 HOH HOH A . 
G 4 HOH 121 2125 130 HOH HOH A . 
G 4 HOH 122 2126 131 HOH HOH A . 
G 4 HOH 123 2127 133 HOH HOH A . 
G 4 HOH 124 2128 134 HOH HOH A . 
G 4 HOH 125 2129 135 HOH HOH A . 
G 4 HOH 126 2130 137 HOH HOH A . 
G 4 HOH 127 2131 138 HOH HOH A . 
G 4 HOH 128 2132 139 HOH HOH A . 
G 4 HOH 129 2133 141 HOH HOH A . 
G 4 HOH 130 2134 144 HOH HOH A . 
G 4 HOH 131 2135 147 HOH HOH A . 
G 4 HOH 132 2136 148 HOH HOH A . 
# 
loop_
_software.name 
_software.classification 
_software.version 
_software.citation_id 
_software.pdbx_ordinal 
REFMAC    refinement       5.2.0005 ? 1 
DENZO     'data reduction' .        ? 2 
SCALEPACK 'data scaling'   .        ? 3 
CNS       phasing          .        ? 4 
# 
_cell.entry_id           1YD0 
_cell.length_a           55.009 
_cell.length_b           55.009 
_cell.length_c           109.025 
_cell.angle_alpha        90.00 
_cell.angle_beta         90.00 
_cell.angle_gamma        90.00 
_cell.Z_PDB              8 
_cell.pdbx_unique_axis   ? 
# 
_symmetry.entry_id                         1YD0 
_symmetry.space_group_name_H-M             'P 43 21 2' 
_symmetry.pdbx_full_space_group_name_H-M   ? 
_symmetry.cell_setting                     ? 
_symmetry.Int_Tables_number                96 
_symmetry.space_group_name_Hall            ? 
# 
_exptl.entry_id          1YD0 
_exptl.method            'X-RAY DIFFRACTION' 
_exptl.crystals_number   1 
# 
_exptl_crystal.id                    1 
_exptl_crystal.density_meas          ? 
_exptl_crystal.density_Matthews      3.7 
_exptl_crystal.density_percent_sol   66 
_exptl_crystal.description           ? 
_exptl_crystal.F_000                 ? 
_exptl_crystal.preparation           ? 
# 
_exptl_crystal_grow.crystal_id      1 
_exptl_crystal_grow.method          'VAPOR DIFFUSION, HANGING DROP' 
_exptl_crystal_grow.temp            295 
_exptl_crystal_grow.temp_details    ? 
_exptl_crystal_grow.pH              8.5 
_exptl_crystal_grow.pdbx_details    'PEG 8000, Tris, pH 8.5, VAPOR DIFFUSION, HANGING DROP, temperature 295K' 
_exptl_crystal_grow.pdbx_pH_range   . 
# 
loop_
_diffrn.id 
_diffrn.ambient_temp 
_diffrn.ambient_temp_details 
_diffrn.crystal_id 
1 100 ? 1 
2 ?   ? 1 
3 ?   ? 1 
# 
_diffrn_detector.diffrn_id              1 
_diffrn_detector.detector               CCD 
_diffrn_detector.type                   'ADSC QUANTUM 4' 
_diffrn_detector.pdbx_collection_date   2004-01-01 
_diffrn_detector.details                ? 
# 
_diffrn_radiation.diffrn_id                        1 
_diffrn_radiation.wavelength_id                    1 
_diffrn_radiation.pdbx_monochromatic_or_laue_m_l   M 
_diffrn_radiation.monochromator                    ? 
_diffrn_radiation.pdbx_diffrn_protocol             'SINGLE WAVELENGTH' 
_diffrn_radiation.pdbx_scattering_type             x-ray 
# 
_diffrn_radiation_wavelength.id           1 
_diffrn_radiation_wavelength.wavelength   1.1 
_diffrn_radiation_wavelength.wt           1.0 
# 
loop_
_diffrn_source.diffrn_id 
_diffrn_source.source 
_diffrn_source.type 
_diffrn_source.pdbx_synchrotron_site 
_diffrn_source.pdbx_synchrotron_beamline 
_diffrn_source.pdbx_wavelength 
_diffrn_source.pdbx_wavelength_list 
1 SYNCHROTRON 'NSLS BEAMLINE X26C' NSLS X26C ? 1.1 
2 SYNCHROTRON 'NSLS BEAMLINE X12B' NSLS X12B ? 1.1 
3 SYNCHROTRON 'NSLS BEAMLINE X25'  NSLS X25  ? 1.1 
# 
_reflns.entry_id                     1YD0 
_reflns.observed_criterion_sigma_F   2 
_reflns.observed_criterion_sigma_I   2 
_reflns.d_resolution_high            1.5 
_reflns.d_resolution_low             30 
_reflns.number_all                   50076 
_reflns.number_obs                   50076 
_reflns.percent_possible_obs         98.4 
_reflns.pdbx_Rmerge_I_obs            ? 
_reflns.pdbx_Rsym_value              ? 
_reflns.pdbx_netI_over_sigmaI        ? 
_reflns.B_iso_Wilson_estimate        ? 
_reflns.pdbx_redundancy              ? 
_reflns.R_free_details               ? 
_reflns.limit_h_max                  ? 
_reflns.limit_h_min                  ? 
_reflns.limit_k_max                  ? 
_reflns.limit_k_min                  ? 
_reflns.limit_l_max                  ? 
_reflns.limit_l_min                  ? 
_reflns.observed_criterion_F_max     ? 
_reflns.observed_criterion_F_min     ? 
_reflns.pdbx_chi_squared             ? 
_reflns.pdbx_scaling_rejects         ? 
_reflns.pdbx_ordinal                 1 
_reflns.pdbx_diffrn_id               1 
# 
_reflns_shell.d_res_high             1.5 
_reflns_shell.d_res_low              1.54 
_reflns_shell.percent_possible_all   99 
_reflns_shell.Rmerge_I_obs           ? 
_reflns_shell.pdbx_Rsym_value        ? 
_reflns_shell.meanI_over_sigI_obs    ? 
_reflns_shell.pdbx_redundancy        ? 
_reflns_shell.percent_possible_obs   ? 
_reflns_shell.number_unique_all      ? 
_reflns_shell.number_measured_all    ? 
_reflns_shell.number_measured_obs    ? 
_reflns_shell.number_unique_obs      ? 
_reflns_shell.pdbx_chi_squared       ? 
_reflns_shell.pdbx_ordinal           1 
_reflns_shell.pdbx_diffrn_id         1 
# 
_refine.entry_id                                 1YD0 
_refine.ls_number_reflns_obs                     25612 
_refine.ls_number_reflns_all                     25612 
_refine.pdbx_ls_sigma_I                          ? 
_refine.pdbx_ls_sigma_F                          2 
_refine.pdbx_data_cutoff_high_absF               ? 
_refine.pdbx_data_cutoff_low_absF                ? 
_refine.pdbx_data_cutoff_high_rms_absF           ? 
_refine.ls_d_res_low                             15.00 
_refine.ls_d_res_high                            1.50 
_refine.ls_percent_reflns_obs                    98.43 
_refine.ls_R_factor_obs                          0.16761 
_refine.ls_R_factor_all                          0.17 
_refine.ls_R_factor_R_work                       0.16672 
_refine.ls_R_factor_R_free                       0.18456 
_refine.ls_R_factor_R_free_error                 ? 
_refine.ls_R_factor_R_free_error_details         ? 
_refine.ls_percent_reflns_R_free                 5.0 
_refine.ls_number_reflns_R_free                  1358 
_refine.ls_number_parameters                     ? 
_refine.ls_number_restraints                     ? 
_refine.occupancy_min                            ? 
_refine.occupancy_max                            ? 
_refine.correlation_coeff_Fo_to_Fc               0.960 
_refine.correlation_coeff_Fo_to_Fc_free          0.953 
_refine.B_iso_mean                               24.806 
_refine.aniso_B[1][1]                            0.37 
_refine.aniso_B[2][2]                            0.37 
_refine.aniso_B[3][3]                            -0.73 
_refine.aniso_B[1][2]                            0.00 
_refine.aniso_B[1][3]                            0.00 
_refine.aniso_B[2][3]                            0.00 
_refine.solvent_model_details                    'BABINET MODEL WITH MASK' 
_refine.solvent_model_param_ksol                 ? 
_refine.solvent_model_param_bsol                 ? 
_refine.pdbx_solvent_vdw_probe_radii             1.20 
_refine.pdbx_solvent_ion_probe_radii             0.80 
_refine.pdbx_solvent_shrinkage_radii             0.80 
_refine.pdbx_ls_cross_valid_method               THROUGHOUT 
_refine.details                                  ? 
_refine.pdbx_starting_model                      ? 
_refine.pdbx_method_to_determine_struct          'FOURIER SYNTHESIS' 
_refine.pdbx_isotropic_thermal_model             ? 
_refine.pdbx_stereochemistry_target_values       'MAXIMUM LIKELIHOOD' 
_refine.pdbx_stereochem_target_val_spec_case     ? 
_refine.pdbx_R_Free_selection_details            RANDOM 
_refine.pdbx_overall_ESU_R                       0.057 
_refine.pdbx_overall_ESU_R_Free                  0.053 
_refine.overall_SU_ML                            0.026 
_refine.overall_SU_B                             1.454 
_refine.ls_redundancy_reflns_obs                 ? 
_refine.B_iso_min                                ? 
_refine.B_iso_max                                ? 
_refine.overall_SU_R_Cruickshank_DPI             ? 
_refine.overall_SU_R_free                        ? 
_refine.ls_wR_factor_R_free                      ? 
_refine.ls_wR_factor_R_work                      ? 
_refine.overall_FOM_free_R_set                   ? 
_refine.overall_FOM_work_R_set                   ? 
_refine.pdbx_refine_id                           'X-RAY DIFFRACTION' 
_refine.pdbx_diffrn_id                           1 
_refine.pdbx_TLS_residual_ADP_flag               ? 
_refine.pdbx_overall_phase_error                 ? 
_refine.pdbx_overall_SU_R_free_Cruickshank_DPI   ? 
_refine.pdbx_overall_SU_R_Blow_DPI               ? 
_refine.pdbx_overall_SU_R_free_Blow_DPI          ? 
# 
_refine_hist.pdbx_refine_id                   'X-RAY DIFFRACTION' 
_refine_hist.cycle_id                         LAST 
_refine_hist.pdbx_number_atoms_protein        738 
_refine_hist.pdbx_number_atoms_nucleic_acid   0 
_refine_hist.pdbx_number_atoms_ligand         10 
_refine_hist.number_atoms_solvent             132 
_refine_hist.number_atoms_total               880 
_refine_hist.d_res_high                       1.50 
_refine_hist.d_res_low                        15.00 
# 
loop_
_refine_ls_restr.type 
_refine_ls_restr.dev_ideal 
_refine_ls_restr.dev_ideal_target 
_refine_ls_restr.weight 
_refine_ls_restr.number 
_refine_ls_restr.pdbx_refine_id 
_refine_ls_restr.pdbx_restraint_function 
r_bond_refined_d         0.013  0.022  ? 755  'X-RAY DIFFRACTION' ? 
r_angle_refined_deg      1.456  2.013  ? 1009 'X-RAY DIFFRACTION' ? 
r_dihedral_angle_1_deg   5.028  5.000  ? 88   'X-RAY DIFFRACTION' ? 
r_dihedral_angle_2_deg   27.063 23.529 ? 34   'X-RAY DIFFRACTION' ? 
r_dihedral_angle_3_deg   12.365 15.000 ? 158  'X-RAY DIFFRACTION' ? 
r_dihedral_angle_4_deg   20.078 15.000 ? 7    'X-RAY DIFFRACTION' ? 
r_chiral_restr           0.091  0.200  ? 110  'X-RAY DIFFRACTION' ? 
r_gen_planes_refined     0.008  0.020  ? 544  'X-RAY DIFFRACTION' ? 
r_nbd_refined            0.198  0.200  ? 345  'X-RAY DIFFRACTION' ? 
r_nbtor_refined          0.315  0.200  ? 534  'X-RAY DIFFRACTION' ? 
r_xyhbond_nbd_refined    0.161  0.200  ? 81   'X-RAY DIFFRACTION' ? 
r_symmetry_vdw_refined   0.191  0.200  ? 19   'X-RAY DIFFRACTION' ? 
r_symmetry_hbond_refined 0.162  0.200  ? 15   'X-RAY DIFFRACTION' ? 
r_mcbond_it              1.877  1.500  ? 463  'X-RAY DIFFRACTION' ? 
r_mcangle_it             2.574  2.000  ? 724  'X-RAY DIFFRACTION' ? 
r_scbond_it              4.082  3.000  ? 325  'X-RAY DIFFRACTION' ? 
r_scangle_it             5.941  4.500  ? 285  'X-RAY DIFFRACTION' ? 
r_rigid_bond_restr       2.397  3.000  ? 788  'X-RAY DIFFRACTION' ? 
r_sphericity_free        7.469  3.000  ? 136  'X-RAY DIFFRACTION' ? 
r_sphericity_bonded      5.255  3.000  ? 744  'X-RAY DIFFRACTION' ? 
# 
_refine_ls_shell.pdbx_total_number_of_bins_used   20 
_refine_ls_shell.d_res_high                       1.503 
_refine_ls_shell.d_res_low                        1.542 
_refine_ls_shell.number_reflns_R_work             1837 
_refine_ls_shell.R_factor_R_work                  0.14 
_refine_ls_shell.percent_reflns_obs               98.93 
_refine_ls_shell.R_factor_R_free                  0.195 
_refine_ls_shell.R_factor_R_free_error            ? 
_refine_ls_shell.percent_reflns_R_free            ? 
_refine_ls_shell.number_reflns_R_free             108 
_refine_ls_shell.number_reflns_obs                ? 
_refine_ls_shell.redundancy_reflns_obs            ? 
_refine_ls_shell.number_reflns_all                ? 
_refine_ls_shell.pdbx_refine_id                   'X-RAY DIFFRACTION' 
_refine_ls_shell.R_factor_all                     ? 
# 
_struct.entry_id                  1YD0 
_struct.title                     
;Crystal structure of the GIY-YIG N-terminal endonuclease domain of UvrC from Thermotoga maritima bound to its catalytic divalent cation: manganese
;
_struct.pdbx_model_details        ? 
_struct.pdbx_CASP_flag            ? 
_struct.pdbx_model_type_details   ? 
# 
_struct_keywords.entry_id        1YD0 
_struct_keywords.pdbx_keywords   'DNA BINDING PROTEIN' 
_struct_keywords.text            'DNA BINDING PROTEIN' 
# 
loop_
_struct_asym.id 
_struct_asym.pdbx_blank_PDB_chainid_flag 
_struct_asym.pdbx_modified 
_struct_asym.entity_id 
_struct_asym.details 
A N N 1 ? 
B N N 2 ? 
C N N 2 ? 
D N N 2 ? 
E N N 2 ? 
F N N 3 ? 
G N N 4 ? 
# 
_struct_ref.id                         1 
_struct_ref.db_name                    UNP 
_struct_ref.db_code                    UVRC_THEMA 
_struct_ref.pdbx_db_accession          Q9WYA3 
_struct_ref.entity_id                  1 
_struct_ref.pdbx_seq_one_letter_code   
;MKEKIRKKILLAPEEPGVYIFKNKGVPIYIGKAKRLSNRLRSYLNPQTEKVFRIGEEADELETIVVMNEREAFILEANLI
KKYRPKYNVRLKDTDF
;
_struct_ref.pdbx_align_begin           1 
_struct_ref.pdbx_db_isoform            ? 
# 
_struct_ref_seq.align_id                      1 
_struct_ref_seq.ref_id                        1 
_struct_ref_seq.pdbx_PDB_id_code              1YD0 
_struct_ref_seq.pdbx_strand_id                A 
_struct_ref_seq.seq_align_beg                 1 
_struct_ref_seq.pdbx_seq_align_beg_ins_code   ? 
_struct_ref_seq.seq_align_end                 96 
_struct_ref_seq.pdbx_seq_align_end_ins_code   ? 
_struct_ref_seq.pdbx_db_accession             Q9WYA3 
_struct_ref_seq.db_align_beg                  1 
_struct_ref_seq.pdbx_db_align_beg_ins_code    ? 
_struct_ref_seq.db_align_end                  96 
_struct_ref_seq.pdbx_db_align_end_ins_code    ? 
_struct_ref_seq.pdbx_auth_seq_align_beg       1 
_struct_ref_seq.pdbx_auth_seq_align_end       96 
# 
_pdbx_struct_assembly.id                   1 
_pdbx_struct_assembly.details              author_defined_assembly 
_pdbx_struct_assembly.method_details       ? 
_pdbx_struct_assembly.oligomeric_details   monomeric 
_pdbx_struct_assembly.oligomeric_count     1 
# 
_pdbx_struct_assembly_gen.assembly_id       1 
_pdbx_struct_assembly_gen.oper_expression   1 
_pdbx_struct_assembly_gen.asym_id_list      A,B,C,D,E,F,G 
# 
_pdbx_struct_oper_list.id                   1 
_pdbx_struct_oper_list.type                 'identity operation' 
_pdbx_struct_oper_list.name                 1_555 
_pdbx_struct_oper_list.symmetry_operation   x,y,z 
_pdbx_struct_oper_list.matrix[1][1]         1.0000000000 
_pdbx_struct_oper_list.matrix[1][2]         0.0000000000 
_pdbx_struct_oper_list.matrix[1][3]         0.0000000000 
_pdbx_struct_oper_list.vector[1]            0.0000000000 
_pdbx_struct_oper_list.matrix[2][1]         0.0000000000 
_pdbx_struct_oper_list.matrix[2][2]         1.0000000000 
_pdbx_struct_oper_list.matrix[2][3]         0.0000000000 
_pdbx_struct_oper_list.vector[2]            0.0000000000 
_pdbx_struct_oper_list.matrix[3][1]         0.0000000000 
_pdbx_struct_oper_list.matrix[3][2]         0.0000000000 
_pdbx_struct_oper_list.matrix[3][3]         1.0000000000 
_pdbx_struct_oper_list.vector[3]            0.0000000000 
# 
_struct_biol.id   1 
# 
loop_
_struct_conf.conf_type_id 
_struct_conf.id 
_struct_conf.pdbx_PDB_helix_id 
_struct_conf.beg_label_comp_id 
_struct_conf.beg_label_asym_id 
_struct_conf.beg_label_seq_id 
_struct_conf.pdbx_beg_PDB_ins_code 
_struct_conf.end_label_comp_id 
_struct_conf.end_label_asym_id 
_struct_conf.end_label_seq_id 
_struct_conf.pdbx_end_PDB_ins_code 
_struct_conf.beg_auth_comp_id 
_struct_conf.beg_auth_asym_id 
_struct_conf.beg_auth_seq_id 
_struct_conf.end_auth_comp_id 
_struct_conf.end_auth_asym_id 
_struct_conf.end_auth_seq_id 
_struct_conf.pdbx_PDB_helix_class 
_struct_conf.details 
_struct_conf.pdbx_PDB_helix_length 
HELX_P HELX_P1 1 LYS A 2  ? ALA A 12 ? LYS A 2  ALA A 12 1 ? 11 
HELX_P HELX_P2 2 ARG A 35 ? SER A 42 ? ARG A 35 SER A 42 1 ? 8  
HELX_P HELX_P3 3 TYR A 43 ? ASN A 45 ? TYR A 43 ASN A 45 5 ? 3  
HELX_P HELX_P4 4 THR A 48 ? ALA A 58 ? THR A 48 ALA A 58 1 ? 11 
HELX_P HELX_P5 5 ASN A 68 ? ARG A 84 ? ASN A 68 ARG A 84 1 ? 17 
# 
_struct_conf_type.id          HELX_P 
_struct_conf_type.criteria    ? 
_struct_conf_type.reference   ? 
# 
loop_
_struct_conn.id 
_struct_conn.conn_type_id 
_struct_conn.pdbx_leaving_atom_flag 
_struct_conn.pdbx_PDB_id 
_struct_conn.ptnr1_label_asym_id 
_struct_conn.ptnr1_label_comp_id 
_struct_conn.ptnr1_label_seq_id 
_struct_conn.ptnr1_label_atom_id 
_struct_conn.pdbx_ptnr1_label_alt_id 
_struct_conn.pdbx_ptnr1_PDB_ins_code 
_struct_conn.pdbx_ptnr1_standard_comp_id 
_struct_conn.ptnr1_symmetry 
_struct_conn.ptnr2_label_asym_id 
_struct_conn.ptnr2_label_comp_id 
_struct_conn.ptnr2_label_seq_id 
_struct_conn.ptnr2_label_atom_id 
_struct_conn.pdbx_ptnr2_label_alt_id 
_struct_conn.pdbx_ptnr2_PDB_ins_code 
_struct_conn.ptnr1_auth_asym_id 
_struct_conn.ptnr1_auth_comp_id 
_struct_conn.ptnr1_auth_seq_id 
_struct_conn.ptnr2_auth_asym_id 
_struct_conn.ptnr2_auth_comp_id 
_struct_conn.ptnr2_auth_seq_id 
_struct_conn.ptnr2_symmetry 
_struct_conn.pdbx_ptnr3_label_atom_id 
_struct_conn.pdbx_ptnr3_label_seq_id 
_struct_conn.pdbx_ptnr3_label_comp_id 
_struct_conn.pdbx_ptnr3_label_asym_id 
_struct_conn.pdbx_ptnr3_label_alt_id 
_struct_conn.pdbx_ptnr3_PDB_ins_code 
_struct_conn.details 
_struct_conn.pdbx_dist_value 
_struct_conn.pdbx_value_order 
_struct_conn.pdbx_role 
metalc1  metalc ? ? A GLU 49 OE2 ? ? ? 1_555 D MN  . MN ? ? A GLU 49   A MN  2003 1_555 ? ? ? ? ? ? ? 1.969 ? ? 
metalc2  metalc ? ? A GLU 60 OE1 ? ? ? 1_555 E MN  . MN ? ? A GLU 60   A MN  2004 1_555 ? ? ? ? ? ? ? 1.990 ? ? 
metalc3  metalc ? ? A GLU 76 OE2 ? ? ? 1_555 B MN  . MN ? ? A GLU 76   A MN  2001 1_555 ? ? ? ? ? ? ? 2.079 ? ? 
metalc4  metalc ? ? B MN  .  MN  ? ? ? 1_555 G HOH . O  ? ? A MN  2001 A HOH 2007 1_555 ? ? ? ? ? ? ? 2.356 ? ? 
metalc5  metalc ? ? B MN  .  MN  ? ? ? 1_555 G HOH . O  ? ? A MN  2001 A HOH 2022 1_555 ? ? ? ? ? ? ? 2.178 ? ? 
metalc6  metalc ? ? B MN  .  MN  ? ? ? 1_555 G HOH . O  ? ? A MN  2001 A HOH 2026 1_555 ? ? ? ? ? ? ? 2.217 ? ? 
metalc7  metalc ? ? B MN  .  MN  ? ? ? 1_555 G HOH . O  ? ? A MN  2001 A HOH 2123 1_555 ? ? ? ? ? ? ? 2.152 ? ? 
metalc8  metalc ? ? B MN  .  MN  ? ? ? 1_555 G HOH . O  ? ? A MN  2001 A HOH 2126 1_555 ? ? ? ? ? ? ? 2.137 ? ? 
metalc9  metalc ? ? D MN  .  MN  ? ? ? 1_555 G HOH . O  ? ? A MN  2003 A HOH 2087 1_555 ? ? ? ? ? ? ? 2.140 ? ? 
metalc10 metalc ? ? D MN  .  MN  ? ? ? 1_555 G HOH . O  ? ? A MN  2003 A HOH 2128 1_555 ? ? ? ? ? ? ? 2.145 ? ? 
metalc11 metalc ? ? E MN  .  MN  ? ? ? 1_555 G HOH . O  ? ? A MN  2004 A HOH 2061 1_555 ? ? ? ? ? ? ? 2.296 ? ? 
metalc12 metalc ? ? E MN  .  MN  ? ? ? 1_555 G HOH . O  ? ? A MN  2004 A HOH 2090 1_555 ? ? ? ? ? ? ? 2.033 ? ? 
metalc13 metalc ? ? E MN  .  MN  ? ? ? 1_555 G HOH . O  ? ? A MN  2004 A HOH 2101 1_555 ? ? ? ? ? ? ? 2.123 ? ? 
metalc14 metalc ? ? E MN  .  MN  ? ? ? 1_555 G HOH . O  ? ? A MN  2004 A HOH 2107 1_555 ? ? ? ? ? ? ? 2.156 ? ? 
metalc15 metalc ? ? E MN  .  MN  ? ? ? 1_555 G HOH . O  ? ? A MN  2004 A HOH 2110 1_555 ? ? ? ? ? ? ? 2.231 ? ? 
# 
_struct_conn_type.id          metalc 
_struct_conn_type.criteria    ? 
_struct_conn_type.reference   ? 
# 
loop_
_pdbx_struct_conn_angle.id 
_pdbx_struct_conn_angle.ptnr1_label_atom_id 
_pdbx_struct_conn_angle.ptnr1_label_alt_id 
_pdbx_struct_conn_angle.ptnr1_label_asym_id 
_pdbx_struct_conn_angle.ptnr1_label_comp_id 
_pdbx_struct_conn_angle.ptnr1_label_seq_id 
_pdbx_struct_conn_angle.ptnr1_auth_atom_id 
_pdbx_struct_conn_angle.ptnr1_auth_asym_id 
_pdbx_struct_conn_angle.ptnr1_auth_comp_id 
_pdbx_struct_conn_angle.ptnr1_auth_seq_id 
_pdbx_struct_conn_angle.ptnr1_PDB_ins_code 
_pdbx_struct_conn_angle.ptnr1_symmetry 
_pdbx_struct_conn_angle.ptnr2_label_atom_id 
_pdbx_struct_conn_angle.ptnr2_label_alt_id 
_pdbx_struct_conn_angle.ptnr2_label_asym_id 
_pdbx_struct_conn_angle.ptnr2_label_comp_id 
_pdbx_struct_conn_angle.ptnr2_label_seq_id 
_pdbx_struct_conn_angle.ptnr2_auth_atom_id 
_pdbx_struct_conn_angle.ptnr2_auth_asym_id 
_pdbx_struct_conn_angle.ptnr2_auth_comp_id 
_pdbx_struct_conn_angle.ptnr2_auth_seq_id 
_pdbx_struct_conn_angle.ptnr2_PDB_ins_code 
_pdbx_struct_conn_angle.ptnr2_symmetry 
_pdbx_struct_conn_angle.ptnr3_label_atom_id 
_pdbx_struct_conn_angle.ptnr3_label_alt_id 
_pdbx_struct_conn_angle.ptnr3_label_asym_id 
_pdbx_struct_conn_angle.ptnr3_label_comp_id 
_pdbx_struct_conn_angle.ptnr3_label_seq_id 
_pdbx_struct_conn_angle.ptnr3_auth_atom_id 
_pdbx_struct_conn_angle.ptnr3_auth_asym_id 
_pdbx_struct_conn_angle.ptnr3_auth_comp_id 
_pdbx_struct_conn_angle.ptnr3_auth_seq_id 
_pdbx_struct_conn_angle.ptnr3_PDB_ins_code 
_pdbx_struct_conn_angle.ptnr3_symmetry 
_pdbx_struct_conn_angle.value 
_pdbx_struct_conn_angle.value_esd 
1  OE2 ? A GLU 49 ? A GLU 49   ? 1_555 MN ? D MN . ? A MN 2003 ? 1_555 O ? G HOH . ? A HOH 2087 ? 1_555 104.2 ? 
2  OE2 ? A GLU 49 ? A GLU 49   ? 1_555 MN ? D MN . ? A MN 2003 ? 1_555 O ? G HOH . ? A HOH 2128 ? 1_555 102.4 ? 
3  O   ? G HOH .  ? A HOH 2087 ? 1_555 MN ? D MN . ? A MN 2003 ? 1_555 O ? G HOH . ? A HOH 2128 ? 1_555 81.2  ? 
4  OE1 ? A GLU 60 ? A GLU 60   ? 1_555 MN ? E MN . ? A MN 2004 ? 1_555 O ? G HOH . ? A HOH 2061 ? 1_555 81.2  ? 
5  OE1 ? A GLU 60 ? A GLU 60   ? 1_555 MN ? E MN . ? A MN 2004 ? 1_555 O ? G HOH . ? A HOH 2090 ? 1_555 98.8  ? 
6  O   ? G HOH .  ? A HOH 2061 ? 1_555 MN ? E MN . ? A MN 2004 ? 1_555 O ? G HOH . ? A HOH 2090 ? 1_555 86.2  ? 
7  OE1 ? A GLU 60 ? A GLU 60   ? 1_555 MN ? E MN . ? A MN 2004 ? 1_555 O ? G HOH . ? A HOH 2101 ? 1_555 172.5 ? 
8  O   ? G HOH .  ? A HOH 2061 ? 1_555 MN ? E MN . ? A MN 2004 ? 1_555 O ? G HOH . ? A HOH 2101 ? 1_555 94.6  ? 
9  O   ? G HOH .  ? A HOH 2090 ? 1_555 MN ? E MN . ? A MN 2004 ? 1_555 O ? G HOH . ? A HOH 2101 ? 1_555 87.1  ? 
10 OE1 ? A GLU 60 ? A GLU 60   ? 1_555 MN ? E MN . ? A MN 2004 ? 1_555 O ? G HOH . ? A HOH 2107 ? 1_555 85.1  ? 
11 O   ? G HOH .  ? A HOH 2061 ? 1_555 MN ? E MN . ? A MN 2004 ? 1_555 O ? G HOH . ? A HOH 2107 ? 1_555 92.5  ? 
12 O   ? G HOH .  ? A HOH 2090 ? 1_555 MN ? E MN . ? A MN 2004 ? 1_555 O ? G HOH . ? A HOH 2107 ? 1_555 175.6 ? 
13 O   ? G HOH .  ? A HOH 2101 ? 1_555 MN ? E MN . ? A MN 2004 ? 1_555 O ? G HOH . ? A HOH 2107 ? 1_555 88.9  ? 
14 OE1 ? A GLU 60 ? A GLU 60   ? 1_555 MN ? E MN . ? A MN 2004 ? 1_555 O ? G HOH . ? A HOH 2110 ? 1_555 99.5  ? 
15 O   ? G HOH .  ? A HOH 2061 ? 1_555 MN ? E MN . ? A MN 2004 ? 1_555 O ? G HOH . ? A HOH 2110 ? 1_555 179.1 ? 
16 O   ? G HOH .  ? A HOH 2090 ? 1_555 MN ? E MN . ? A MN 2004 ? 1_555 O ? G HOH . ? A HOH 2110 ? 1_555 93.2  ? 
17 O   ? G HOH .  ? A HOH 2101 ? 1_555 MN ? E MN . ? A MN 2004 ? 1_555 O ? G HOH . ? A HOH 2110 ? 1_555 84.7  ? 
18 O   ? G HOH .  ? A HOH 2107 ? 1_555 MN ? E MN . ? A MN 2004 ? 1_555 O ? G HOH . ? A HOH 2110 ? 1_555 88.1  ? 
19 OE2 ? A GLU 76 ? A GLU 76   ? 1_555 MN ? B MN . ? A MN 2001 ? 1_555 O ? G HOH . ? A HOH 2007 ? 1_555 89.8  ? 
20 OE2 ? A GLU 76 ? A GLU 76   ? 1_555 MN ? B MN . ? A MN 2001 ? 1_555 O ? G HOH . ? A HOH 2022 ? 1_555 174.2 ? 
21 O   ? G HOH .  ? A HOH 2007 ? 1_555 MN ? B MN . ? A MN 2001 ? 1_555 O ? G HOH . ? A HOH 2022 ? 1_555 86.1  ? 
22 OE2 ? A GLU 76 ? A GLU 76   ? 1_555 MN ? B MN . ? A MN 2001 ? 1_555 O ? G HOH . ? A HOH 2026 ? 1_555 98.1  ? 
23 O   ? G HOH .  ? A HOH 2007 ? 1_555 MN ? B MN . ? A MN 2001 ? 1_555 O ? G HOH . ? A HOH 2026 ? 1_555 171.9 ? 
24 O   ? G HOH .  ? A HOH 2022 ? 1_555 MN ? B MN . ? A MN 2001 ? 1_555 O ? G HOH . ? A HOH 2026 ? 1_555 86.1  ? 
25 OE2 ? A GLU 76 ? A GLU 76   ? 1_555 MN ? B MN . ? A MN 2001 ? 1_555 O ? G HOH . ? A HOH 2123 ? 1_555 86.5  ? 
26 O   ? G HOH .  ? A HOH 2007 ? 1_555 MN ? B MN . ? A MN 2001 ? 1_555 O ? G HOH . ? A HOH 2123 ? 1_555 95.2  ? 
27 O   ? G HOH .  ? A HOH 2022 ? 1_555 MN ? B MN . ? A MN 2001 ? 1_555 O ? G HOH . ? A HOH 2123 ? 1_555 89.7  ? 
28 O   ? G HOH .  ? A HOH 2026 ? 1_555 MN ? B MN . ? A MN 2001 ? 1_555 O ? G HOH . ? A HOH 2123 ? 1_555 86.7  ? 
29 OE2 ? A GLU 76 ? A GLU 76   ? 1_555 MN ? B MN . ? A MN 2001 ? 1_555 O ? G HOH . ? A HOH 2126 ? 1_555 90.2  ? 
30 O   ? G HOH .  ? A HOH 2007 ? 1_555 MN ? B MN . ? A MN 2001 ? 1_555 O ? G HOH . ? A HOH 2126 ? 1_555 91.5  ? 
31 O   ? G HOH .  ? A HOH 2022 ? 1_555 MN ? B MN . ? A MN 2001 ? 1_555 O ? G HOH . ? A HOH 2126 ? 1_555 94.0  ? 
32 O   ? G HOH .  ? A HOH 2026 ? 1_555 MN ? B MN . ? A MN 2001 ? 1_555 O ? G HOH . ? A HOH 2126 ? 1_555 87.0  ? 
33 O   ? G HOH .  ? A HOH 2123 ? 1_555 MN ? B MN . ? A MN 2001 ? 1_555 O ? G HOH . ? A HOH 2126 ? 1_555 172.5 ? 
# 
_struct_sheet.id               A 
_struct_sheet.type             ? 
_struct_sheet.number_strands   3 
_struct_sheet.details          ? 
# 
loop_
_struct_sheet_order.sheet_id 
_struct_sheet_order.range_id_1 
_struct_sheet_order.range_id_2 
_struct_sheet_order.offset 
_struct_sheet_order.sense 
A 1 2 ? anti-parallel 
A 2 3 ? anti-parallel 
# 
loop_
_struct_sheet_range.sheet_id 
_struct_sheet_range.id 
_struct_sheet_range.beg_label_comp_id 
_struct_sheet_range.beg_label_asym_id 
_struct_sheet_range.beg_label_seq_id 
_struct_sheet_range.pdbx_beg_PDB_ins_code 
_struct_sheet_range.end_label_comp_id 
_struct_sheet_range.end_label_asym_id 
_struct_sheet_range.end_label_seq_id 
_struct_sheet_range.pdbx_end_PDB_ins_code 
_struct_sheet_range.beg_auth_comp_id 
_struct_sheet_range.beg_auth_asym_id 
_struct_sheet_range.beg_auth_seq_id 
_struct_sheet_range.end_auth_comp_id 
_struct_sheet_range.end_auth_asym_id 
_struct_sheet_range.end_auth_seq_id 
A 1 VAL A 26 ? ALA A 33 ? VAL A 26 ALA A 33 
A 2 GLY A 17 ? ASN A 23 ? GLY A 17 ASN A 23 
A 3 GLU A 60 ? VAL A 65 ? GLU A 60 VAL A 65 
# 
loop_
_pdbx_struct_sheet_hbond.sheet_id 
_pdbx_struct_sheet_hbond.range_id_1 
_pdbx_struct_sheet_hbond.range_id_2 
_pdbx_struct_sheet_hbond.range_1_label_atom_id 
_pdbx_struct_sheet_hbond.range_1_label_comp_id 
_pdbx_struct_sheet_hbond.range_1_label_asym_id 
_pdbx_struct_sheet_hbond.range_1_label_seq_id 
_pdbx_struct_sheet_hbond.range_1_PDB_ins_code 
_pdbx_struct_sheet_hbond.range_1_auth_atom_id 
_pdbx_struct_sheet_hbond.range_1_auth_comp_id 
_pdbx_struct_sheet_hbond.range_1_auth_asym_id 
_pdbx_struct_sheet_hbond.range_1_auth_seq_id 
_pdbx_struct_sheet_hbond.range_2_label_atom_id 
_pdbx_struct_sheet_hbond.range_2_label_comp_id 
_pdbx_struct_sheet_hbond.range_2_label_asym_id 
_pdbx_struct_sheet_hbond.range_2_label_seq_id 
_pdbx_struct_sheet_hbond.range_2_PDB_ins_code 
_pdbx_struct_sheet_hbond.range_2_auth_atom_id 
_pdbx_struct_sheet_hbond.range_2_auth_comp_id 
_pdbx_struct_sheet_hbond.range_2_auth_asym_id 
_pdbx_struct_sheet_hbond.range_2_auth_seq_id 
A 1 2 O ILE A 28 ? O ILE A 28 N PHE A 21 ? N PHE A 21 
A 2 3 N ILE A 20 ? N ILE A 20 O GLU A 62 ? O GLU A 62 
# 
loop_
_struct_site.id 
_struct_site.pdbx_evidence_code 
_struct_site.pdbx_auth_asym_id 
_struct_site.pdbx_auth_comp_id 
_struct_site.pdbx_auth_seq_id 
_struct_site.pdbx_auth_ins_code 
_struct_site.pdbx_num_residues 
_struct_site.details 
AC1 Software A MN  2001 ? 6 'BINDING SITE FOR RESIDUE MN A 2001'  
AC2 Software A MN  2002 ? 3 'BINDING SITE FOR RESIDUE MN A 2002'  
AC3 Software A MN  2003 ? 3 'BINDING SITE FOR RESIDUE MN A 2003'  
AC4 Software A MN  2004 ? 6 'BINDING SITE FOR RESIDUE MN A 2004'  
AC5 Software A GOL 1001 ? 7 'BINDING SITE FOR RESIDUE GOL A 1001' 
# 
loop_
_struct_site_gen.id 
_struct_site_gen.site_id 
_struct_site_gen.pdbx_num_res 
_struct_site_gen.label_comp_id 
_struct_site_gen.label_asym_id 
_struct_site_gen.label_seq_id 
_struct_site_gen.pdbx_auth_ins_code 
_struct_site_gen.auth_comp_id 
_struct_site_gen.auth_asym_id 
_struct_site_gen.auth_seq_id 
_struct_site_gen.label_atom_id 
_struct_site_gen.label_alt_id 
_struct_site_gen.symmetry 
_struct_site_gen.details 
1  AC1 6 GLU A 76 ? GLU A 76   . ? 1_555 ? 
2  AC1 6 HOH G .  ? HOH A 2007 . ? 1_555 ? 
3  AC1 6 HOH G .  ? HOH A 2022 . ? 1_555 ? 
4  AC1 6 HOH G .  ? HOH A 2026 . ? 1_555 ? 
5  AC1 6 HOH G .  ? HOH A 2123 . ? 1_555 ? 
6  AC1 6 HOH G .  ? HOH A 2126 . ? 1_555 ? 
7  AC2 3 MET A 1  ? MET A 1    . ? 3_644 ? 
8  AC2 3 ARG A 6  ? ARG A 6    . ? 3_644 ? 
9  AC2 3 ASN A 68 ? ASN A 68   . ? 1_555 ? 
10 AC3 3 GLU A 49 ? GLU A 49   . ? 1_555 ? 
11 AC3 3 HOH G .  ? HOH A 2087 . ? 1_555 ? 
12 AC3 3 HOH G .  ? HOH A 2128 . ? 1_555 ? 
13 AC4 6 GLU A 60 ? GLU A 60   . ? 1_555 ? 
14 AC4 6 HOH G .  ? HOH A 2061 . ? 1_555 ? 
15 AC4 6 HOH G .  ? HOH A 2090 . ? 1_555 ? 
16 AC4 6 HOH G .  ? HOH A 2101 . ? 1_555 ? 
17 AC4 6 HOH G .  ? HOH A 2107 . ? 1_555 ? 
18 AC4 6 HOH G .  ? HOH A 2110 . ? 1_555 ? 
19 AC5 7 ILE A 20 ? ILE A 20   . ? 1_555 ? 
20 AC5 7 LYS A 22 ? LYS A 22   . ? 1_555 ? 
21 AC5 7 PRO A 27 ? PRO A 27   . ? 1_555 ? 
22 AC5 7 GLU A 62 ? GLU A 62   . ? 1_555 ? 
23 AC5 7 TYR A 83 ? TYR A 83   . ? 1_555 ? 
24 AC5 7 HOH G .  ? HOH A 2055 . ? 1_555 ? 
25 AC5 7 HOH G .  ? HOH A 2095 . ? 1_555 ? 
# 
_pdbx_struct_special_symmetry.id              1 
_pdbx_struct_special_symmetry.PDB_model_num   1 
_pdbx_struct_special_symmetry.auth_asym_id    A 
_pdbx_struct_special_symmetry.auth_comp_id    HOH 
_pdbx_struct_special_symmetry.auth_seq_id     2076 
_pdbx_struct_special_symmetry.PDB_ins_code    ? 
_pdbx_struct_special_symmetry.label_asym_id   G 
_pdbx_struct_special_symmetry.label_comp_id   HOH 
_pdbx_struct_special_symmetry.label_seq_id    . 
# 
loop_
_pdbx_unobs_or_zero_occ_residues.id 
_pdbx_unobs_or_zero_occ_residues.PDB_model_num 
_pdbx_unobs_or_zero_occ_residues.polymer_flag 
_pdbx_unobs_or_zero_occ_residues.occupancy_flag 
_pdbx_unobs_or_zero_occ_residues.auth_asym_id 
_pdbx_unobs_or_zero_occ_residues.auth_comp_id 
_pdbx_unobs_or_zero_occ_residues.auth_seq_id 
_pdbx_unobs_or_zero_occ_residues.PDB_ins_code 
_pdbx_unobs_or_zero_occ_residues.label_asym_id 
_pdbx_unobs_or_zero_occ_residues.label_comp_id 
_pdbx_unobs_or_zero_occ_residues.label_seq_id 
1 1 Y 1 A ARG 90 ? A ARG 90 
2 1 Y 1 A LEU 91 ? A LEU 91 
3 1 Y 1 A LYS 92 ? A LYS 92 
4 1 Y 1 A ASP 93 ? A ASP 93 
5 1 Y 1 A THR 94 ? A THR 94 
6 1 Y 1 A ASP 95 ? A ASP 95 
7 1 Y 1 A PHE 96 ? A PHE 96 
# 
loop_
_chem_comp_atom.comp_id 
_chem_comp_atom.atom_id 
_chem_comp_atom.type_symbol 
_chem_comp_atom.pdbx_aromatic_flag 
_chem_comp_atom.pdbx_stereo_config 
_chem_comp_atom.pdbx_ordinal 
ALA N    N  N N 1   
ALA CA   C  N S 2   
ALA C    C  N N 3   
ALA O    O  N N 4   
ALA CB   C  N N 5   
ALA OXT  O  N N 6   
ALA H    H  N N 7   
ALA H2   H  N N 8   
ALA HA   H  N N 9   
ALA HB1  H  N N 10  
ALA HB2  H  N N 11  
ALA HB3  H  N N 12  
ALA HXT  H  N N 13  
ARG N    N  N N 14  
ARG CA   C  N S 15  
ARG C    C  N N 16  
ARG O    O  N N 17  
ARG CB   C  N N 18  
ARG CG   C  N N 19  
ARG CD   C  N N 20  
ARG NE   N  N N 21  
ARG CZ   C  N N 22  
ARG NH1  N  N N 23  
ARG NH2  N  N N 24  
ARG OXT  O  N N 25  
ARG H    H  N N 26  
ARG H2   H  N N 27  
ARG HA   H  N N 28  
ARG HB2  H  N N 29  
ARG HB3  H  N N 30  
ARG HG2  H  N N 31  
ARG HG3  H  N N 32  
ARG HD2  H  N N 33  
ARG HD3  H  N N 34  
ARG HE   H  N N 35  
ARG HH11 H  N N 36  
ARG HH12 H  N N 37  
ARG HH21 H  N N 38  
ARG HH22 H  N N 39  
ARG HXT  H  N N 40  
ASN N    N  N N 41  
ASN CA   C  N S 42  
ASN C    C  N N 43  
ASN O    O  N N 44  
ASN CB   C  N N 45  
ASN CG   C  N N 46  
ASN OD1  O  N N 47  
ASN ND2  N  N N 48  
ASN OXT  O  N N 49  
ASN H    H  N N 50  
ASN H2   H  N N 51  
ASN HA   H  N N 52  
ASN HB2  H  N N 53  
ASN HB3  H  N N 54  
ASN HD21 H  N N 55  
ASN HD22 H  N N 56  
ASN HXT  H  N N 57  
ASP N    N  N N 58  
ASP CA   C  N S 59  
ASP C    C  N N 60  
ASP O    O  N N 61  
ASP CB   C  N N 62  
ASP CG   C  N N 63  
ASP OD1  O  N N 64  
ASP OD2  O  N N 65  
ASP OXT  O  N N 66  
ASP H    H  N N 67  
ASP H2   H  N N 68  
ASP HA   H  N N 69  
ASP HB2  H  N N 70  
ASP HB3  H  N N 71  
ASP HD2  H  N N 72  
ASP HXT  H  N N 73  
GLN N    N  N N 74  
GLN CA   C  N S 75  
GLN C    C  N N 76  
GLN O    O  N N 77  
GLN CB   C  N N 78  
GLN CG   C  N N 79  
GLN CD   C  N N 80  
GLN OE1  O  N N 81  
GLN NE2  N  N N 82  
GLN OXT  O  N N 83  
GLN H    H  N N 84  
GLN H2   H  N N 85  
GLN HA   H  N N 86  
GLN HB2  H  N N 87  
GLN HB3  H  N N 88  
GLN HG2  H  N N 89  
GLN HG3  H  N N 90  
GLN HE21 H  N N 91  
GLN HE22 H  N N 92  
GLN HXT  H  N N 93  
GLU N    N  N N 94  
GLU CA   C  N S 95  
GLU C    C  N N 96  
GLU O    O  N N 97  
GLU CB   C  N N 98  
GLU CG   C  N N 99  
GLU CD   C  N N 100 
GLU OE1  O  N N 101 
GLU OE2  O  N N 102 
GLU OXT  O  N N 103 
GLU H    H  N N 104 
GLU H2   H  N N 105 
GLU HA   H  N N 106 
GLU HB2  H  N N 107 
GLU HB3  H  N N 108 
GLU HG2  H  N N 109 
GLU HG3  H  N N 110 
GLU HE2  H  N N 111 
GLU HXT  H  N N 112 
GLY N    N  N N 113 
GLY CA   C  N N 114 
GLY C    C  N N 115 
GLY O    O  N N 116 
GLY OXT  O  N N 117 
GLY H    H  N N 118 
GLY H2   H  N N 119 
GLY HA2  H  N N 120 
GLY HA3  H  N N 121 
GLY HXT  H  N N 122 
GOL C1   C  N N 123 
GOL O1   O  N N 124 
GOL C2   C  N N 125 
GOL O2   O  N N 126 
GOL C3   C  N N 127 
GOL O3   O  N N 128 
GOL H11  H  N N 129 
GOL H12  H  N N 130 
GOL HO1  H  N N 131 
GOL H2   H  N N 132 
GOL HO2  H  N N 133 
GOL H31  H  N N 134 
GOL H32  H  N N 135 
GOL HO3  H  N N 136 
HOH O    O  N N 137 
HOH H1   H  N N 138 
HOH H2   H  N N 139 
ILE N    N  N N 140 
ILE CA   C  N S 141 
ILE C    C  N N 142 
ILE O    O  N N 143 
ILE CB   C  N S 144 
ILE CG1  C  N N 145 
ILE CG2  C  N N 146 
ILE CD1  C  N N 147 
ILE OXT  O  N N 148 
ILE H    H  N N 149 
ILE H2   H  N N 150 
ILE HA   H  N N 151 
ILE HB   H  N N 152 
ILE HG12 H  N N 153 
ILE HG13 H  N N 154 
ILE HG21 H  N N 155 
ILE HG22 H  N N 156 
ILE HG23 H  N N 157 
ILE HD11 H  N N 158 
ILE HD12 H  N N 159 
ILE HD13 H  N N 160 
ILE HXT  H  N N 161 
LEU N    N  N N 162 
LEU CA   C  N S 163 
LEU C    C  N N 164 
LEU O    O  N N 165 
LEU CB   C  N N 166 
LEU CG   C  N N 167 
LEU CD1  C  N N 168 
LEU CD2  C  N N 169 
LEU OXT  O  N N 170 
LEU H    H  N N 171 
LEU H2   H  N N 172 
LEU HA   H  N N 173 
LEU HB2  H  N N 174 
LEU HB3  H  N N 175 
LEU HG   H  N N 176 
LEU HD11 H  N N 177 
LEU HD12 H  N N 178 
LEU HD13 H  N N 179 
LEU HD21 H  N N 180 
LEU HD22 H  N N 181 
LEU HD23 H  N N 182 
LEU HXT  H  N N 183 
LYS N    N  N N 184 
LYS CA   C  N S 185 
LYS C    C  N N 186 
LYS O    O  N N 187 
LYS CB   C  N N 188 
LYS CG   C  N N 189 
LYS CD   C  N N 190 
LYS CE   C  N N 191 
LYS NZ   N  N N 192 
LYS OXT  O  N N 193 
LYS H    H  N N 194 
LYS H2   H  N N 195 
LYS HA   H  N N 196 
LYS HB2  H  N N 197 
LYS HB3  H  N N 198 
LYS HG2  H  N N 199 
LYS HG3  H  N N 200 
LYS HD2  H  N N 201 
LYS HD3  H  N N 202 
LYS HE2  H  N N 203 
LYS HE3  H  N N 204 
LYS HZ1  H  N N 205 
LYS HZ2  H  N N 206 
LYS HZ3  H  N N 207 
LYS HXT  H  N N 208 
MET N    N  N N 209 
MET CA   C  N S 210 
MET C    C  N N 211 
MET O    O  N N 212 
MET CB   C  N N 213 
MET CG   C  N N 214 
MET SD   S  N N 215 
MET CE   C  N N 216 
MET OXT  O  N N 217 
MET H    H  N N 218 
MET H2   H  N N 219 
MET HA   H  N N 220 
MET HB2  H  N N 221 
MET HB3  H  N N 222 
MET HG2  H  N N 223 
MET HG3  H  N N 224 
MET HE1  H  N N 225 
MET HE2  H  N N 226 
MET HE3  H  N N 227 
MET HXT  H  N N 228 
MN  MN   MN N N 229 
PHE N    N  N N 230 
PHE CA   C  N S 231 
PHE C    C  N N 232 
PHE O    O  N N 233 
PHE CB   C  N N 234 
PHE CG   C  Y N 235 
PHE CD1  C  Y N 236 
PHE CD2  C  Y N 237 
PHE CE1  C  Y N 238 
PHE CE2  C  Y N 239 
PHE CZ   C  Y N 240 
PHE OXT  O  N N 241 
PHE H    H  N N 242 
PHE H2   H  N N 243 
PHE HA   H  N N 244 
PHE HB2  H  N N 245 
PHE HB3  H  N N 246 
PHE HD1  H  N N 247 
PHE HD2  H  N N 248 
PHE HE1  H  N N 249 
PHE HE2  H  N N 250 
PHE HZ   H  N N 251 
PHE HXT  H  N N 252 
PRO N    N  N N 253 
PRO CA   C  N S 254 
PRO C    C  N N 255 
PRO O    O  N N 256 
PRO CB   C  N N 257 
PRO CG   C  N N 258 
PRO CD   C  N N 259 
PRO OXT  O  N N 260 
PRO H    H  N N 261 
PRO HA   H  N N 262 
PRO HB2  H  N N 263 
PRO HB3  H  N N 264 
PRO HG2  H  N N 265 
PRO HG3  H  N N 266 
PRO HD2  H  N N 267 
PRO HD3  H  N N 268 
PRO HXT  H  N N 269 
SER N    N  N N 270 
SER CA   C  N S 271 
SER C    C  N N 272 
SER O    O  N N 273 
SER CB   C  N N 274 
SER OG   O  N N 275 
SER OXT  O  N N 276 
SER H    H  N N 277 
SER H2   H  N N 278 
SER HA   H  N N 279 
SER HB2  H  N N 280 
SER HB3  H  N N 281 
SER HG   H  N N 282 
SER HXT  H  N N 283 
THR N    N  N N 284 
THR CA   C  N S 285 
THR C    C  N N 286 
THR O    O  N N 287 
THR CB   C  N R 288 
THR OG1  O  N N 289 
THR CG2  C  N N 290 
THR OXT  O  N N 291 
THR H    H  N N 292 
THR H2   H  N N 293 
THR HA   H  N N 294 
THR HB   H  N N 295 
THR HG1  H  N N 296 
THR HG21 H  N N 297 
THR HG22 H  N N 298 
THR HG23 H  N N 299 
THR HXT  H  N N 300 
TYR N    N  N N 301 
TYR CA   C  N S 302 
TYR C    C  N N 303 
TYR O    O  N N 304 
TYR CB   C  N N 305 
TYR CG   C  Y N 306 
TYR CD1  C  Y N 307 
TYR CD2  C  Y N 308 
TYR CE1  C  Y N 309 
TYR CE2  C  Y N 310 
TYR CZ   C  Y N 311 
TYR OH   O  N N 312 
TYR OXT  O  N N 313 
TYR H    H  N N 314 
TYR H2   H  N N 315 
TYR HA   H  N N 316 
TYR HB2  H  N N 317 
TYR HB3  H  N N 318 
TYR HD1  H  N N 319 
TYR HD2  H  N N 320 
TYR HE1  H  N N 321 
TYR HE2  H  N N 322 
TYR HH   H  N N 323 
TYR HXT  H  N N 324 
VAL N    N  N N 325 
VAL CA   C  N S 326 
VAL C    C  N N 327 
VAL O    O  N N 328 
VAL CB   C  N N 329 
VAL CG1  C  N N 330 
VAL CG2  C  N N 331 
VAL OXT  O  N N 332 
VAL H    H  N N 333 
VAL H2   H  N N 334 
VAL HA   H  N N 335 
VAL HB   H  N N 336 
VAL HG11 H  N N 337 
VAL HG12 H  N N 338 
VAL HG13 H  N N 339 
VAL HG21 H  N N 340 
VAL HG22 H  N N 341 
VAL HG23 H  N N 342 
VAL HXT  H  N N 343 
# 
loop_
_chem_comp_bond.comp_id 
_chem_comp_bond.atom_id_1 
_chem_comp_bond.atom_id_2 
_chem_comp_bond.value_order 
_chem_comp_bond.pdbx_aromatic_flag 
_chem_comp_bond.pdbx_stereo_config 
_chem_comp_bond.pdbx_ordinal 
ALA N   CA   sing N N 1   
ALA N   H    sing N N 2   
ALA N   H2   sing N N 3   
ALA CA  C    sing N N 4   
ALA CA  CB   sing N N 5   
ALA CA  HA   sing N N 6   
ALA C   O    doub N N 7   
ALA C   OXT  sing N N 8   
ALA CB  HB1  sing N N 9   
ALA CB  HB2  sing N N 10  
ALA CB  HB3  sing N N 11  
ALA OXT HXT  sing N N 12  
ARG N   CA   sing N N 13  
ARG N   H    sing N N 14  
ARG N   H2   sing N N 15  
ARG CA  C    sing N N 16  
ARG CA  CB   sing N N 17  
ARG CA  HA   sing N N 18  
ARG C   O    doub N N 19  
ARG C   OXT  sing N N 20  
ARG CB  CG   sing N N 21  
ARG CB  HB2  sing N N 22  
ARG CB  HB3  sing N N 23  
ARG CG  CD   sing N N 24  
ARG CG  HG2  sing N N 25  
ARG CG  HG3  sing N N 26  
ARG CD  NE   sing N N 27  
ARG CD  HD2  sing N N 28  
ARG CD  HD3  sing N N 29  
ARG NE  CZ   sing N N 30  
ARG NE  HE   sing N N 31  
ARG CZ  NH1  sing N N 32  
ARG CZ  NH2  doub N N 33  
ARG NH1 HH11 sing N N 34  
ARG NH1 HH12 sing N N 35  
ARG NH2 HH21 sing N N 36  
ARG NH2 HH22 sing N N 37  
ARG OXT HXT  sing N N 38  
ASN N   CA   sing N N 39  
ASN N   H    sing N N 40  
ASN N   H2   sing N N 41  
ASN CA  C    sing N N 42  
ASN CA  CB   sing N N 43  
ASN CA  HA   sing N N 44  
ASN C   O    doub N N 45  
ASN C   OXT  sing N N 46  
ASN CB  CG   sing N N 47  
ASN CB  HB2  sing N N 48  
ASN CB  HB3  sing N N 49  
ASN CG  OD1  doub N N 50  
ASN CG  ND2  sing N N 51  
ASN ND2 HD21 sing N N 52  
ASN ND2 HD22 sing N N 53  
ASN OXT HXT  sing N N 54  
ASP N   CA   sing N N 55  
ASP N   H    sing N N 56  
ASP N   H2   sing N N 57  
ASP CA  C    sing N N 58  
ASP CA  CB   sing N N 59  
ASP CA  HA   sing N N 60  
ASP C   O    doub N N 61  
ASP C   OXT  sing N N 62  
ASP CB  CG   sing N N 63  
ASP CB  HB2  sing N N 64  
ASP CB  HB3  sing N N 65  
ASP CG  OD1  doub N N 66  
ASP CG  OD2  sing N N 67  
ASP OD2 HD2  sing N N 68  
ASP OXT HXT  sing N N 69  
GLN N   CA   sing N N 70  
GLN N   H    sing N N 71  
GLN N   H2   sing N N 72  
GLN CA  C    sing N N 73  
GLN CA  CB   sing N N 74  
GLN CA  HA   sing N N 75  
GLN C   O    doub N N 76  
GLN C   OXT  sing N N 77  
GLN CB  CG   sing N N 78  
GLN CB  HB2  sing N N 79  
GLN CB  HB3  sing N N 80  
GLN CG  CD   sing N N 81  
GLN CG  HG2  sing N N 82  
GLN CG  HG3  sing N N 83  
GLN CD  OE1  doub N N 84  
GLN CD  NE2  sing N N 85  
GLN NE2 HE21 sing N N 86  
GLN NE2 HE22 sing N N 87  
GLN OXT HXT  sing N N 88  
GLU N   CA   sing N N 89  
GLU N   H    sing N N 90  
GLU N   H2   sing N N 91  
GLU CA  C    sing N N 92  
GLU CA  CB   sing N N 93  
GLU CA  HA   sing N N 94  
GLU C   O    doub N N 95  
GLU C   OXT  sing N N 96  
GLU CB  CG   sing N N 97  
GLU CB  HB2  sing N N 98  
GLU CB  HB3  sing N N 99  
GLU CG  CD   sing N N 100 
GLU CG  HG2  sing N N 101 
GLU CG  HG3  sing N N 102 
GLU CD  OE1  doub N N 103 
GLU CD  OE2  sing N N 104 
GLU OE2 HE2  sing N N 105 
GLU OXT HXT  sing N N 106 
GLY N   CA   sing N N 107 
GLY N   H    sing N N 108 
GLY N   H2   sing N N 109 
GLY CA  C    sing N N 110 
GLY CA  HA2  sing N N 111 
GLY CA  HA3  sing N N 112 
GLY C   O    doub N N 113 
GLY C   OXT  sing N N 114 
GLY OXT HXT  sing N N 115 
GOL C1  O1   sing N N 116 
GOL C1  C2   sing N N 117 
GOL C1  H11  sing N N 118 
GOL C1  H12  sing N N 119 
GOL O1  HO1  sing N N 120 
GOL C2  O2   sing N N 121 
GOL C2  C3   sing N N 122 
GOL C2  H2   sing N N 123 
GOL O2  HO2  sing N N 124 
GOL C3  O3   sing N N 125 
GOL C3  H31  sing N N 126 
GOL C3  H32  sing N N 127 
GOL O3  HO3  sing N N 128 
HOH O   H1   sing N N 129 
HOH O   H2   sing N N 130 
ILE N   CA   sing N N 131 
ILE N   H    sing N N 132 
ILE N   H2   sing N N 133 
ILE CA  C    sing N N 134 
ILE CA  CB   sing N N 135 
ILE CA  HA   sing N N 136 
ILE C   O    doub N N 137 
ILE C   OXT  sing N N 138 
ILE CB  CG1  sing N N 139 
ILE CB  CG2  sing N N 140 
ILE CB  HB   sing N N 141 
ILE CG1 CD1  sing N N 142 
ILE CG1 HG12 sing N N 143 
ILE CG1 HG13 sing N N 144 
ILE CG2 HG21 sing N N 145 
ILE CG2 HG22 sing N N 146 
ILE CG2 HG23 sing N N 147 
ILE CD1 HD11 sing N N 148 
ILE CD1 HD12 sing N N 149 
ILE CD1 HD13 sing N N 150 
ILE OXT HXT  sing N N 151 
LEU N   CA   sing N N 152 
LEU N   H    sing N N 153 
LEU N   H2   sing N N 154 
LEU CA  C    sing N N 155 
LEU CA  CB   sing N N 156 
LEU CA  HA   sing N N 157 
LEU C   O    doub N N 158 
LEU C   OXT  sing N N 159 
LEU CB  CG   sing N N 160 
LEU CB  HB2  sing N N 161 
LEU CB  HB3  sing N N 162 
LEU CG  CD1  sing N N 163 
LEU CG  CD2  sing N N 164 
LEU CG  HG   sing N N 165 
LEU CD1 HD11 sing N N 166 
LEU CD1 HD12 sing N N 167 
LEU CD1 HD13 sing N N 168 
LEU CD2 HD21 sing N N 169 
LEU CD2 HD22 sing N N 170 
LEU CD2 HD23 sing N N 171 
LEU OXT HXT  sing N N 172 
LYS N   CA   sing N N 173 
LYS N   H    sing N N 174 
LYS N   H2   sing N N 175 
LYS CA  C    sing N N 176 
LYS CA  CB   sing N N 177 
LYS CA  HA   sing N N 178 
LYS C   O    doub N N 179 
LYS C   OXT  sing N N 180 
LYS CB  CG   sing N N 181 
LYS CB  HB2  sing N N 182 
LYS CB  HB3  sing N N 183 
LYS CG  CD   sing N N 184 
LYS CG  HG2  sing N N 185 
LYS CG  HG3  sing N N 186 
LYS CD  CE   sing N N 187 
LYS CD  HD2  sing N N 188 
LYS CD  HD3  sing N N 189 
LYS CE  NZ   sing N N 190 
LYS CE  HE2  sing N N 191 
LYS CE  HE3  sing N N 192 
LYS NZ  HZ1  sing N N 193 
LYS NZ  HZ2  sing N N 194 
LYS NZ  HZ3  sing N N 195 
LYS OXT HXT  sing N N 196 
MET N   CA   sing N N 197 
MET N   H    sing N N 198 
MET N   H2   sing N N 199 
MET CA  C    sing N N 200 
MET CA  CB   sing N N 201 
MET CA  HA   sing N N 202 
MET C   O    doub N N 203 
MET C   OXT  sing N N 204 
MET CB  CG   sing N N 205 
MET CB  HB2  sing N N 206 
MET CB  HB3  sing N N 207 
MET CG  SD   sing N N 208 
MET CG  HG2  sing N N 209 
MET CG  HG3  sing N N 210 
MET SD  CE   sing N N 211 
MET CE  HE1  sing N N 212 
MET CE  HE2  sing N N 213 
MET CE  HE3  sing N N 214 
MET OXT HXT  sing N N 215 
PHE N   CA   sing N N 216 
PHE N   H    sing N N 217 
PHE N   H2   sing N N 218 
PHE CA  C    sing N N 219 
PHE CA  CB   sing N N 220 
PHE CA  HA   sing N N 221 
PHE C   O    doub N N 222 
PHE C   OXT  sing N N 223 
PHE CB  CG   sing N N 224 
PHE CB  HB2  sing N N 225 
PHE CB  HB3  sing N N 226 
PHE CG  CD1  doub Y N 227 
PHE CG  CD2  sing Y N 228 
PHE CD1 CE1  sing Y N 229 
PHE CD1 HD1  sing N N 230 
PHE CD2 CE2  doub Y N 231 
PHE CD2 HD2  sing N N 232 
PHE CE1 CZ   doub Y N 233 
PHE CE1 HE1  sing N N 234 
PHE CE2 CZ   sing Y N 235 
PHE CE2 HE2  sing N N 236 
PHE CZ  HZ   sing N N 237 
PHE OXT HXT  sing N N 238 
PRO N   CA   sing N N 239 
PRO N   CD   sing N N 240 
PRO N   H    sing N N 241 
PRO CA  C    sing N N 242 
PRO CA  CB   sing N N 243 
PRO CA  HA   sing N N 244 
PRO C   O    doub N N 245 
PRO C   OXT  sing N N 246 
PRO CB  CG   sing N N 247 
PRO CB  HB2  sing N N 248 
PRO CB  HB3  sing N N 249 
PRO CG  CD   sing N N 250 
PRO CG  HG2  sing N N 251 
PRO CG  HG3  sing N N 252 
PRO CD  HD2  sing N N 253 
PRO CD  HD3  sing N N 254 
PRO OXT HXT  sing N N 255 
SER N   CA   sing N N 256 
SER N   H    sing N N 257 
SER N   H2   sing N N 258 
SER CA  C    sing N N 259 
SER CA  CB   sing N N 260 
SER CA  HA   sing N N 261 
SER C   O    doub N N 262 
SER C   OXT  sing N N 263 
SER CB  OG   sing N N 264 
SER CB  HB2  sing N N 265 
SER CB  HB3  sing N N 266 
SER OG  HG   sing N N 267 
SER OXT HXT  sing N N 268 
THR N   CA   sing N N 269 
THR N   H    sing N N 270 
THR N   H2   sing N N 271 
THR CA  C    sing N N 272 
THR CA  CB   sing N N 273 
THR CA  HA   sing N N 274 
THR C   O    doub N N 275 
THR C   OXT  sing N N 276 
THR CB  OG1  sing N N 277 
THR CB  CG2  sing N N 278 
THR CB  HB   sing N N 279 
THR OG1 HG1  sing N N 280 
THR CG2 HG21 sing N N 281 
THR CG2 HG22 sing N N 282 
THR CG2 HG23 sing N N 283 
THR OXT HXT  sing N N 284 
TYR N   CA   sing N N 285 
TYR N   H    sing N N 286 
TYR N   H2   sing N N 287 
TYR CA  C    sing N N 288 
TYR CA  CB   sing N N 289 
TYR CA  HA   sing N N 290 
TYR C   O    doub N N 291 
TYR C   OXT  sing N N 292 
TYR CB  CG   sing N N 293 
TYR CB  HB2  sing N N 294 
TYR CB  HB3  sing N N 295 
TYR CG  CD1  doub Y N 296 
TYR CG  CD2  sing Y N 297 
TYR CD1 CE1  sing Y N 298 
TYR CD1 HD1  sing N N 299 
TYR CD2 CE2  doub Y N 300 
TYR CD2 HD2  sing N N 301 
TYR CE1 CZ   doub Y N 302 
TYR CE1 HE1  sing N N 303 
TYR CE2 CZ   sing Y N 304 
TYR CE2 HE2  sing N N 305 
TYR CZ  OH   sing N N 306 
TYR OH  HH   sing N N 307 
TYR OXT HXT  sing N N 308 
VAL N   CA   sing N N 309 
VAL N   H    sing N N 310 
VAL N   H2   sing N N 311 
VAL CA  C    sing N N 312 
VAL CA  CB   sing N N 313 
VAL CA  HA   sing N N 314 
VAL C   O    doub N N 315 
VAL C   OXT  sing N N 316 
VAL CB  CG1  sing N N 317 
VAL CB  CG2  sing N N 318 
VAL CB  HB   sing N N 319 
VAL CG1 HG11 sing N N 320 
VAL CG1 HG12 sing N N 321 
VAL CG1 HG13 sing N N 322 
VAL CG2 HG21 sing N N 323 
VAL CG2 HG22 sing N N 324 
VAL CG2 HG23 sing N N 325 
VAL OXT HXT  sing N N 326 
# 
_atom_sites.entry_id                    1YD0 
_atom_sites.fract_transf_matrix[1][1]   0.00841098 
_atom_sites.fract_transf_matrix[1][2]   0.01051484 
_atom_sites.fract_transf_matrix[1][3]   -0.01221350 
_atom_sites.fract_transf_matrix[2][1]   0.01335718 
_atom_sites.fract_transf_matrix[2][2]   -0.01225682 
_atom_sites.fract_transf_matrix[2][3]   -0.00135354 
_atom_sites.fract_transf_matrix[3][1]   -0.00454972 
_atom_sites.fract_transf_matrix[3][2]   -0.00421175 
_atom_sites.fract_transf_matrix[3][3]   -0.00675920 
_atom_sites.fract_transf_vector[1]      0.768347 
_atom_sites.fract_transf_vector[2]      0.432960 
_atom_sites.fract_transf_vector[3]      0.396640 
# 
loop_
_atom_type.symbol 
C  
MN 
N  
O  
S  
# 
loop_
_atom_site.group_PDB 
_atom_site.id 
_atom_site.type_symbol 
_atom_site.label_atom_id 
_atom_site.label_alt_id 
_atom_site.label_comp_id 
_atom_site.label_asym_id 
_atom_site.label_entity_id 
_atom_site.label_seq_id 
_atom_site.pdbx_PDB_ins_code 
_atom_site.Cartn_x 
_atom_site.Cartn_y 
_atom_site.Cartn_z 
_atom_site.occupancy 
_atom_site.B_iso_or_equiv 
_atom_site.pdbx_formal_charge 
_atom_site.auth_seq_id 
_atom_site.auth_comp_id 
_atom_site.auth_asym_id 
_atom_site.auth_atom_id 
_atom_site.pdbx_PDB_model_num 
ATOM   1   N  N   . MET A 1 1  ? -4.653  -11.872 -7.129  1.00 22.36 ? 1    MET A N   1 
ATOM   2   C  CA  . MET A 1 1  ? -5.022  -10.807 -6.139  1.00 21.98 ? 1    MET A CA  1 
ATOM   3   C  C   . MET A 1 1  ? -6.523  -10.872 -5.882  1.00 22.72 ? 1    MET A C   1 
ATOM   4   O  O   . MET A 1 1  ? -7.302  -11.027 -6.835  1.00 24.14 ? 1    MET A O   1 
ATOM   5   C  CB  . MET A 1 1  ? -4.652  -9.446  -6.717  1.00 21.70 ? 1    MET A CB  1 
ATOM   6   C  CG  . MET A 1 1  ? -5.132  -8.248  -5.866  1.00 20.07 ? 1    MET A CG  1 
ATOM   7   S  SD  . MET A 1 1  ? -4.714  -6.696  -6.682  1.00 22.52 ? 1    MET A SD  1 
ATOM   8   C  CE  . MET A 1 1  ? -3.032  -6.504  -6.084  1.00 20.40 ? 1    MET A CE  1 
ATOM   9   N  N   . LYS A 1 2  ? -6.926  -10.730 -4.620  1.00 22.43 ? 2    LYS A N   1 
ATOM   10  C  CA  . LYS A 1 2  ? -8.371  -10.730 -4.283  1.00 24.07 ? 2    LYS A CA  1 
ATOM   11  C  C   . LYS A 1 2  ? -9.113  -9.653  -5.056  1.00 24.49 ? 2    LYS A C   1 
ATOM   12  O  O   . LYS A 1 2  ? -8.621  -8.540  -5.224  1.00 23.05 ? 2    LYS A O   1 
ATOM   13  C  CB  . LYS A 1 2  ? -8.556  -10.556 -2.781  1.00 25.99 ? 2    LYS A CB  1 
ATOM   14  C  CG  . LYS A 1 2  ? -8.058  -11.761 -1.999  1.00 30.76 ? 2    LYS A CG  1 
ATOM   15  C  CD  . LYS A 1 2  ? -8.594  -11.833 -0.587  1.00 37.12 ? 2    LYS A CD  1 
ATOM   16  C  CE  . LYS A 1 2  ? -8.039  -13.055 0.131   1.00 41.11 ? 2    LYS A CE  1 
ATOM   17  N  NZ  . LYS A 1 2  ? -8.940  -13.661 1.178   1.00 45.71 ? 2    LYS A NZ  1 
ATOM   18  N  N   . GLU A 1 3  ? -10.331 -9.978  -5.517  1.00 25.19 ? 3    GLU A N   1 
ATOM   19  C  CA  . GLU A 1 3  ? -11.095 -9.018  -6.305  1.00 26.32 ? 3    GLU A CA  1 
ATOM   20  C  C   . GLU A 1 3  ? -11.360 -7.726  -5.522  1.00 24.56 ? 3    GLU A C   1 
ATOM   21  O  O   . GLU A 1 3  ? -11.340 -6.666  -6.109  1.00 24.78 ? 3    GLU A O   1 
ATOM   22  C  CB  . GLU A 1 3  ? -12.430 -9.589  -6.816  1.00 28.51 ? 3    GLU A CB  1 
ATOM   23  C  CG  . GLU A 1 3  ? -13.070 -8.730  -7.915  1.00 34.77 ? 3    GLU A CG  1 
ATOM   24  C  CD  . GLU A 1 3  ? -12.248 -8.675  -9.214  1.00 42.19 ? 3    GLU A CD  1 
ATOM   25  O  OE1 . GLU A 1 3  ? -11.533 -9.655  -9.554  1.00 46.21 ? 3    GLU A OE1 1 
ATOM   26  O  OE2 . GLU A 1 3  ? -12.314 -7.632  -9.905  1.00 47.96 ? 3    GLU A OE2 1 
ATOM   27  N  N   . LYS A 1 4  ? -11.594 -7.825  -4.223  1.00 24.09 ? 4    LYS A N   1 
ATOM   28  C  CA  . LYS A 1 4  ? -11.855 -6.599  -3.449  1.00 25.37 ? 4    LYS A CA  1 
ATOM   29  C  C   . LYS A 1 4  ? -10.661 -5.665  -3.395  1.00 24.56 ? 4    LYS A C   1 
ATOM   30  O  O   . LYS A 1 4  ? -10.820 -4.442  -3.368  1.00 24.57 ? 4    LYS A O   1 
ATOM   31  C  CB  . LYS A 1 4  ? -12.358 -6.917  -2.054  1.00 26.40 ? 4    LYS A CB  1 
ATOM   32  C  CG  . LYS A 1 4  ? -11.489 -7.777  -1.191  1.00 32.10 ? 4    LYS A CG  1 
ATOM   33  C  CD  . LYS A 1 4  ? -12.229 -8.090  0.097   1.00 39.27 ? 4    LYS A CD  1 
ATOM   34  C  CE  . LYS A 1 4  ? -11.561 -9.223  0.857   1.00 39.86 ? 4    LYS A CE  1 
ATOM   35  N  NZ  . LYS A 1 4  ? -10.392 -8.660  1.586   1.00 47.55 ? 4    LYS A NZ  1 
ATOM   36  N  N   . ILE A 1 5  ? -9.468  -6.242  -3.421  1.00 23.71 ? 5    ILE A N   1 
ATOM   37  C  CA  . ILE A 1 5  ? -8.253  -5.431  -3.436  1.00 21.52 ? 5    ILE A CA  1 
ATOM   38  C  C   . ILE A 1 5  ? -8.073  -4.785  -4.793  1.00 20.87 ? 5    ILE A C   1 
ATOM   39  O  O   . ILE A 1 5  ? -7.711  -3.620  -4.869  1.00 20.84 ? 5    ILE A O   1 
ATOM   40  C  CB  . ILE A 1 5  ? -7.040  -6.273  -3.057  1.00 20.20 ? 5    ILE A CB  1 
ATOM   41  C  CG1 . ILE A 1 5  ? -7.187  -6.751  -1.613  1.00 22.35 ? 5    ILE A CG1 1 
ATOM   42  C  CG2 . ILE A 1 5  ? -5.709  -5.480  -3.251  1.00 20.41 ? 5    ILE A CG2 1 
ATOM   43  C  CD1 . ILE A 1 5  ? -6.067  -7.656  -1.148  1.00 23.00 ? 5    ILE A CD1 1 
ATOM   44  N  N   . ARG A 1 6  ? -8.311  -5.525  -5.893  1.00 20.87 ? 6    ARG A N   1 
ATOM   45  C  CA  . ARG A 1 6  ? -8.257  -4.894  -7.206  1.00 22.20 ? 6    ARG A CA  1 
ATOM   46  C  C   . ARG A 1 6  ? -9.248  -3.717  -7.299  1.00 22.13 ? 6    ARG A C   1 
ATOM   47  O  O   . ARG A 1 6  ? -8.908  -2.664  -7.821  1.00 21.88 ? 6    ARG A O   1 
ATOM   48  C  CB  . ARG A 1 6  ? -8.565  -5.923  -8.313  1.00 22.74 ? 6    ARG A CB  1 
ATOM   49  C  CG  . ARG A 1 6  ? -8.529  -5.378  -9.714  1.00 25.48 ? 6    ARG A CG  1 
ATOM   50  C  CD  . ARG A 1 6  ? -8.730  -6.528  -10.728 1.00 25.69 ? 6    ARG A CD  1 
ATOM   51  N  NE  . ARG A 1 6  ? -7.562  -7.392  -10.801 1.00 27.54 ? 6    ARG A NE  1 
ATOM   52  C  CZ  . ARG A 1 6  ? -6.539  -7.186  -11.625 1.00 26.63 ? 6    ARG A CZ  1 
ATOM   53  N  NH1 . ARG A 1 6  ? -6.553  -6.188  -12.494 1.00 28.31 ? 6    ARG A NH1 1 
ATOM   54  N  NH2 . ARG A 1 6  ? -5.480  -7.994  -11.598 1.00 26.71 ? 6    ARG A NH2 1 
ATOM   55  N  N   . LYS A 1 7  ? -10.468 -3.932  -6.811  1.00 23.62 ? 7    LYS A N   1 
ATOM   56  C  CA  . LYS A 1 7  ? -11.475 -2.864  -6.800  1.00 25.08 ? 7    LYS A CA  1 
ATOM   57  C  C   . LYS A 1 7  ? -11.012 -1.640  -6.004  1.00 24.57 ? 7    LYS A C   1 
ATOM   58  O  O   . LYS A 1 7  ? -11.083 -0.502  -6.510  1.00 25.27 ? 7    LYS A O   1 
ATOM   59  C  CB  . LYS A 1 7  ? -12.793 -3.384  -6.242  1.00 25.95 ? 7    LYS A CB  1 
ATOM   60  C  CG  . LYS A 1 7  ? -13.932 -2.352  -6.300  1.00 30.20 ? 7    LYS A CG  1 
ATOM   61  C  CD  . LYS A 1 7  ? -15.205 -2.935  -5.732  1.00 36.62 ? 7    LYS A CD  1 
ATOM   62  C  CE  . LYS A 1 7  ? -16.406 -2.370  -6.468  1.00 41.41 ? 7    LYS A CE  1 
ATOM   63  N  NZ  . LYS A 1 7  ? -16.901 -1.104  -5.861  1.00 45.21 ? 7    LYS A NZ  1 
ATOM   64  N  N   . LYS A 1 8  ? -10.467 -1.884  -4.808  1.00 23.86 ? 8    LYS A N   1 
ATOM   65  C  CA  . LYS A 1 8  ? -9.962  -0.790  -3.957  1.00 23.74 ? 8    LYS A CA  1 
ATOM   66  C  C   . LYS A 1 8  ? -8.858  -0.027  -4.682  1.00 22.66 ? 8    LYS A C   1 
ATOM   67  O  O   . LYS A 1 8  ? -8.790  1.222   -4.658  1.00 24.15 ? 8    LYS A O   1 
ATOM   68  C  CB  . LYS A 1 8  ? -9.497  -1.352  -2.621  1.00 24.51 ? 8    LYS A CB  1 
ATOM   69  C  CG  . LYS A 1 8  ? -8.925  -0.326  -1.607  1.00 27.00 ? 8    LYS A CG  1 
ATOM   70  C  CD  . LYS A 1 8  ? -9.975  0.240   -0.708  1.00 32.96 ? 8    LYS A CD  1 
ATOM   71  C  CE  . LYS A 1 8  ? -9.331  1.180   0.324   1.00 32.77 ? 8    LYS A CE  1 
ATOM   72  N  NZ  . LYS A 1 8  ? -10.371 1.900   1.130   1.00 37.90 ? 8    LYS A NZ  1 
ATOM   73  N  N   . ILE A 1 9  ? -7.957  -0.771  -5.337  1.00 21.12 ? 9    ILE A N   1 
ATOM   74  C  CA  . ILE A 1 9  ? -6.906  -0.125  -6.104  1.00 20.87 ? 9    ILE A CA  1 
ATOM   75  C  C   . ILE A 1 9  ? -7.475  0.775   -7.205  1.00 22.17 ? 9    ILE A C   1 
ATOM   76  O  O   . ILE A 1 9  ? -7.032  1.913   -7.389  1.00 22.97 ? 9    ILE A O   1 
ATOM   77  C  CB  . ILE A 1 9  ? -5.938  -1.177  -6.671  1.00 19.97 ? 9    ILE A CB  1 
ATOM   78  C  CG1 . ILE A 1 9  ? -5.078  -1.727  -5.525  1.00 19.20 ? 9    ILE A CG1 1 
ATOM   79  C  CG2 . ILE A 1 9  ? -5.099  -0.583  -7.807  1.00 20.92 ? 9    ILE A CG2 1 
ATOM   80  C  CD1 . ILE A 1 9  ? -4.187  -2.884  -5.982  1.00 20.27 ? 9    ILE A CD1 1 
ATOM   81  N  N   . LEU A 1 10 ? -8.460  0.249   -7.944  1.00 23.23 ? 10   LEU A N   1 
ATOM   82  C  CA  . LEU A 1 10 ? -8.991  0.977   -9.078  1.00 24.13 ? 10   LEU A CA  1 
ATOM   83  C  C   . LEU A 1 10 ? -9.809  2.195   -8.662  1.00 24.85 ? 10   LEU A C   1 
ATOM   84  O  O   . LEU A 1 10 ? -9.932  3.136   -9.449  1.00 26.42 ? 10   LEU A O   1 
ATOM   85  C  CB  . LEU A 1 10 ? -9.825  0.035   -9.950  1.00 24.58 ? 10   LEU A CB  1 
ATOM   86  C  CG  . LEU A 1 10 ? -8.964  -1.020  -10.675 1.00 25.15 ? 10   LEU A CG  1 
ATOM   87  C  CD1 . LEU A 1 10 ? -9.863  -2.109  -11.285 1.00 28.97 ? 10   LEU A CD1 1 
ATOM   88  C  CD2 . LEU A 1 10 ? -8.091  -0.358  -11.738 1.00 26.37 ? 10   LEU A CD2 1 
ATOM   89  N  N   . LEU A 1 11 ? -10.312 2.176   -7.428  1.00 25.27 ? 11   LEU A N   1 
ATOM   90  C  CA  . LEU A 1 11 ? -11.071 3.303   -6.890  1.00 25.90 ? 11   LEU A CA  1 
ATOM   91  C  C   . LEU A 1 11 ? -10.206 4.337   -6.169  1.00 24.84 ? 11   LEU A C   1 
ATOM   92  O  O   . LEU A 1 11 ? -10.685 5.423   -5.808  1.00 25.40 ? 11   LEU A O   1 
ATOM   93  C  CB  . LEU A 1 11 ? -12.153 2.792   -5.942  1.00 27.39 ? 11   LEU A CB  1 
ATOM   94  C  CG  . LEU A 1 11 ? -13.347 2.118   -6.623  1.00 30.63 ? 11   LEU A CG  1 
ATOM   95  C  CD1 . LEU A 1 11 ? -14.180 1.426   -5.561  1.00 31.42 ? 11   LEU A CD1 1 
ATOM   96  C  CD2 . LEU A 1 11 ? -14.145 3.136   -7.456  1.00 33.03 ? 11   LEU A CD2 1 
ATOM   97  N  N   . ALA A 1 12 ? -8.932  4.021   -5.933  1.00 23.46 ? 12   ALA A N   1 
ATOM   98  C  CA  . ALA A 1 12 ? -8.107  4.921   -5.120  1.00 23.04 ? 12   ALA A CA  1 
ATOM   99  C  C   . ALA A 1 12 ? -7.994  6.309   -5.748  1.00 22.95 ? 12   ALA A C   1 
ATOM   100 O  O   . ALA A 1 12 ? -7.899  6.445   -6.969  1.00 24.06 ? 12   ALA A O   1 
ATOM   101 C  CB  . ALA A 1 12 ? -6.723  4.311   -4.913  1.00 22.62 ? 12   ALA A CB  1 
ATOM   102 N  N   . PRO A 1 13 ? -8.016  7.359   -4.917  1.00 23.26 ? 13   PRO A N   1 
ATOM   103 C  CA  . PRO A 1 13 ? -7.940  8.710   -5.467  1.00 23.47 ? 13   PRO A CA  1 
ATOM   104 C  C   . PRO A 1 13 ? -6.577  9.189   -5.883  1.00 23.05 ? 13   PRO A C   1 
ATOM   105 O  O   . PRO A 1 13 ? -5.553  8.622   -5.452  1.00 21.07 ? 13   PRO A O   1 
ATOM   106 C  CB  . PRO A 1 13 ? -8.437  9.567   -4.305  1.00 23.42 ? 13   PRO A CB  1 
ATOM   107 C  CG  . PRO A 1 13 ? -7.958  8.818   -3.103  1.00 23.31 ? 13   PRO A CG  1 
ATOM   108 C  CD  . PRO A 1 13 ? -8.164  7.362   -3.454  1.00 23.71 ? 13   PRO A CD  1 
ATOM   109 N  N   . GLU A 1 14 ? -6.543  10.268  -6.672  1.00 23.96 ? 14   GLU A N   1 
ATOM   110 C  CA  . GLU A 1 14 ? -5.320  10.895  -7.133  1.00 26.06 ? 14   GLU A CA  1 
ATOM   111 C  C   . GLU A 1 14 ? -4.900  11.868  -6.040  1.00 24.58 ? 14   GLU A C   1 
ATOM   112 O  O   . GLU A 1 14 ? -4.862  13.089  -6.240  1.00 25.38 ? 14   GLU A O   1 
ATOM   113 C  CB  . GLU A 1 14 ? -5.547  11.628  -8.476  1.00 26.49 ? 14   GLU A CB  1 
ATOM   114 C  CG  . GLU A 1 14 ? -5.978  10.740  -9.646  1.00 32.17 ? 14   GLU A CG  1 
ATOM   115 C  CD  . GLU A 1 14 ? -6.051  11.504  -10.969 1.00 32.49 ? 14   GLU A CD  1 
ATOM   116 O  OE1 . GLU A 1 14 ? -6.463  12.687  -10.962 1.00 41.93 ? 14   GLU A OE1 1 
ATOM   117 O  OE2 . GLU A 1 14 ? -5.676  10.927  -12.017 1.00 42.19 ? 14   GLU A OE2 1 
ATOM   118 N  N   . GLU A 1 15 ? -4.556  11.303  -4.882  1.00 21.60 ? 15   GLU A N   1 
ATOM   119 C  CA  . GLU A 1 15 ? -4.280  12.096  -3.675  1.00 20.83 ? 15   GLU A CA  1 
ATOM   120 C  C   . GLU A 1 15 ? -3.095  11.463  -2.942  1.00 19.79 ? 15   GLU A C   1 
ATOM   121 O  O   . GLU A 1 15 ? -2.885  10.249  -3.040  1.00 20.61 ? 15   GLU A O   1 
ATOM   122 C  CB  . GLU A 1 15 ? -5.502  12.077  -2.723  1.00 21.48 ? 15   GLU A CB  1 
ATOM   123 C  CG  . GLU A 1 15 ? -6.733  12.775  -3.279  1.00 22.71 ? 15   GLU A CG  1 
ATOM   124 C  CD  . GLU A 1 15 ? -6.589  14.261  -3.359  1.00 24.34 ? 15   GLU A CD  1 
ATOM   125 O  OE1 . GLU A 1 15 ? -5.617  14.827  -2.812  1.00 25.40 ? 15   GLU A OE1 1 
ATOM   126 O  OE2 . GLU A 1 15 ? -7.472  14.866  -4.005  1.00 27.27 ? 15   GLU A OE2 1 
ATOM   127 N  N   . PRO A 1 16 ? -2.326  12.264  -2.201  1.00 19.14 ? 16   PRO A N   1 
ATOM   128 C  CA  . PRO A 1 16 ? -1.200  11.682  -1.442  1.00 18.29 ? 16   PRO A CA  1 
ATOM   129 C  C   . PRO A 1 16 ? -1.729  10.790  -0.337  1.00 17.46 ? 16   PRO A C   1 
ATOM   130 O  O   . PRO A 1 16 ? -2.803  11.025  0.236   1.00 16.67 ? 16   PRO A O   1 
ATOM   131 C  CB  . PRO A 1 16 ? -0.511  12.895  -0.840  1.00 19.64 ? 16   PRO A CB  1 
ATOM   132 C  CG  . PRO A 1 16 ? -1.645  13.943  -0.753  1.00 20.52 ? 16   PRO A CG  1 
ATOM   133 C  CD  . PRO A 1 16 ? -2.480  13.722  -1.972  1.00 19.71 ? 16   PRO A CD  1 
ATOM   134 N  N   . GLY A 1 17 ? -0.945  9.788   0.031   1.00 16.15 ? 17   GLY A N   1 
ATOM   135 C  CA  . GLY A 1 17 ? -1.414  8.871   1.047   1.00 15.83 ? 17   GLY A CA  1 
ATOM   136 C  C   . GLY A 1 17 ? -0.422  7.798   1.384   1.00 14.90 ? 17   GLY A C   1 
ATOM   137 O  O   . GLY A 1 17 ? 0.664   7.713   0.785   1.00 16.17 ? 17   GLY A O   1 
ATOM   138 N  N   . VAL A 1 18 ? -0.811  6.985   2.352   1.00 15.03 ? 18   VAL A N   1 
ATOM   139 C  CA  . VAL A 1 18 ? -0.023  5.833   2.783   1.00 14.81 ? 18   VAL A CA  1 
ATOM   140 C  C   . VAL A 1 18 ? -0.921  4.619   2.595   1.00 14.88 ? 18   VAL A C   1 
ATOM   141 O  O   . VAL A 1 18 ? -2.147  4.708   2.806   1.00 16.30 ? 18   VAL A O   1 
ATOM   142 C  CB  . VAL A 1 18 ? 0.396   6.004   4.262   1.00 15.55 ? 18   VAL A CB  1 
ATOM   143 C  CG1 . VAL A 1 18 ? 1.015   4.728   4.808   1.00 17.42 ? 18   VAL A CG1 1 
ATOM   144 C  CG2 . VAL A 1 18 ? 1.390   7.164   4.360   1.00 16.28 ? 18   VAL A CG2 1 
ATOM   145 N  N   . TYR A 1 19 ? -0.348  3.505   2.156   1.00 15.12 ? 19   TYR A N   1 
ATOM   146 C  CA  . TYR A 1 19 ? -1.135  2.307   1.960   1.00 15.33 ? 19   TYR A CA  1 
ATOM   147 C  C   . TYR A 1 19 ? -0.533  1.150   2.724   1.00 14.72 ? 19   TYR A C   1 
ATOM   148 O  O   . TYR A 1 19 ? 0.696   1.091   2.918   1.00 15.05 ? 19   TYR A O   1 
ATOM   149 C  CB  . TYR A 1 19 ? -1.295  1.988   0.474   1.00 16.06 ? 19   TYR A CB  1 
ATOM   150 C  CG  . TYR A 1 19 ? -0.024  1.746   -0.291  1.00 15.79 ? 19   TYR A CG  1 
ATOM   151 C  CD1 . TYR A 1 19 ? 0.502   0.457   -0.383  1.00 17.53 ? 19   TYR A CD1 1 
ATOM   152 C  CD2 . TYR A 1 19 ? 0.661   2.790   -0.909  1.00 17.48 ? 19   TYR A CD2 1 
ATOM   153 C  CE1 . TYR A 1 19 ? 1.676   0.205   -1.102  1.00 17.72 ? 19   TYR A CE1 1 
ATOM   154 C  CE2 . TYR A 1 19 ? 1.843   2.557   -1.617  1.00 18.93 ? 19   TYR A CE2 1 
ATOM   155 C  CZ  . TYR A 1 19 ? 2.340   1.245   -1.704  1.00 16.93 ? 19   TYR A CZ  1 
ATOM   156 O  OH  . TYR A 1 19 ? 3.494   1.010   -2.435  1.00 19.54 ? 19   TYR A OH  1 
ATOM   157 N  N   . ILE A 1 20 ? -1.391  0.226   3.141   1.00 14.91 ? 20   ILE A N   1 
ATOM   158 C  CA  . ILE A 1 20 ? -0.978  -0.895  3.962   1.00 15.59 ? 20   ILE A CA  1 
ATOM   159 C  C   . ILE A 1 20 ? -1.631  -2.168  3.408   1.00 15.07 ? 20   ILE A C   1 
ATOM   160 O  O   . ILE A 1 20 ? -2.855  -2.328  3.521   1.00 16.09 ? 20   ILE A O   1 
ATOM   161 C  CB  . ILE A 1 20 ? -1.424  -0.684  5.444   1.00 15.80 ? 20   ILE A CB  1 
ATOM   162 C  CG1 . ILE A 1 20 ? -0.957  0.676   5.972   1.00 17.55 ? 20   ILE A CG1 1 
ATOM   163 C  CG2 . ILE A 1 20 ? -0.921  -1.817  6.322   1.00 16.93 ? 20   ILE A CG2 1 
ATOM   164 C  CD1 . ILE A 1 20 ? -1.556  1.056   7.309   1.00 23.02 ? 20   ILE A CD1 1 
ATOM   165 N  N   . PHE A 1 21 ? -0.828  -3.069  2.826   1.00 14.84 ? 21   PHE A N   1 
ATOM   166 C  CA  . PHE A 1 21 ? -1.336  -4.385  2.507   1.00 14.84 ? 21   PHE A CA  1 
ATOM   167 C  C   . PHE A 1 21 ? -1.240  -5.229  3.763   1.00 15.58 ? 21   PHE A C   1 
ATOM   168 O  O   . PHE A 1 21 ? -0.229  -5.172  4.462   1.00 15.61 ? 21   PHE A O   1 
ATOM   169 C  CB  . PHE A 1 21 ? -0.502  -5.013  1.400   1.00 15.30 ? 21   PHE A CB  1 
ATOM   170 C  CG  . PHE A 1 21 ? -0.773  -4.445  0.038   1.00 14.45 ? 21   PHE A CG  1 
ATOM   171 C  CD1 . PHE A 1 21 ? -0.004  -3.406  -0.472  1.00 14.85 ? 21   PHE A CD1 1 
ATOM   172 C  CD2 . PHE A 1 21 ? -1.817  -4.954  -0.757  1.00 16.62 ? 21   PHE A CD2 1 
ATOM   173 C  CE1 . PHE A 1 21 ? -0.239  -2.903  -1.750  1.00 15.30 ? 21   PHE A CE1 1 
ATOM   174 C  CE2 . PHE A 1 21 ? -2.055  -4.476  -2.036  1.00 17.58 ? 21   PHE A CE2 1 
ATOM   175 C  CZ  . PHE A 1 21 ? -1.283  -3.431  -2.541  1.00 16.42 ? 21   PHE A CZ  1 
ATOM   176 N  N   . LYS A 1 22 ? -2.298  -6.014  4.050   1.00 15.85 ? 22   LYS A N   1 
ATOM   177 C  CA  . LYS A 1 22 ? -2.389  -6.802  5.287   1.00 17.48 ? 22   LYS A CA  1 
ATOM   178 C  C   . LYS A 1 22 ? -2.769  -8.241  4.961   1.00 17.59 ? 22   LYS A C   1 
ATOM   179 O  O   . LYS A 1 22 ? -3.342  -8.512  3.907   1.00 18.49 ? 22   LYS A O   1 
ATOM   180 C  CB  . LYS A 1 22 ? -3.452  -6.207  6.261   1.00 18.47 ? 22   LYS A CB  1 
ATOM   181 C  CG  . LYS A 1 22 ? -3.164  -4.776  6.647   1.00 19.60 ? 22   LYS A CG  1 
ATOM   182 C  CD  . LYS A 1 22 ? -4.307  -4.165  7.481   1.00 22.33 ? 22   LYS A CD  1 
ATOM   183 C  CE  . LYS A 1 22 ? -4.363  -4.750  8.827   1.00 26.26 ? 22   LYS A CE  1 
ATOM   184 N  NZ  . LYS A 1 22 ? -5.034  -3.724  9.756   1.00 31.99 ? 22   LYS A NZ  1 
ATOM   185 N  N   . ASN A 1 23 ? -2.405  -9.141  5.863   1.00 18.64 ? 23   ASN A N   1 
ATOM   186 C  CA  . ASN A 1 23 ? -2.914  -10.512 5.802   1.00 21.30 ? 23   ASN A CA  1 
ATOM   187 C  C   . ASN A 1 23 ? -3.255  -10.933 7.215   1.00 22.75 ? 23   ASN A C   1 
ATOM   188 O  O   . ASN A 1 23 ? -2.423  -10.817 8.118   1.00 22.68 ? 23   ASN A O   1 
ATOM   189 C  CB  . ASN A 1 23 ? -1.873  -11.466 5.183   1.00 21.60 ? 23   ASN A CB  1 
ATOM   190 C  CG  . ASN A 1 23 ? -2.445  -12.864 4.922   1.00 25.29 ? 23   ASN A CG  1 
ATOM   191 O  OD1 . ASN A 1 23 ? -1.721  -13.846 4.974   1.00 33.70 ? 23   ASN A OD1 1 
ATOM   192 N  ND2 . ASN A 1 23 ? -3.720  -12.933 4.607   1.00 24.97 ? 23   ASN A ND2 1 
ATOM   193 N  N   . LYS A 1 24 ? -4.488  -11.425 7.384   1.00 24.16 ? 24   LYS A N   1 
ATOM   194 C  CA  . LYS A 1 24 ? -4.995  -11.846 8.709   1.00 26.40 ? 24   LYS A CA  1 
ATOM   195 C  C   . LYS A 1 24 ? -4.758  -10.769 9.753   1.00 26.41 ? 24   LYS A C   1 
ATOM   196 O  O   . LYS A 1 24 ? -4.308  -11.054 10.862  1.00 27.97 ? 24   LYS A O   1 
ATOM   197 C  CB  . LYS A 1 24 ? -4.390  -13.192 9.124   1.00 27.16 ? 24   LYS A CB  1 
ATOM   198 C  CG  . LYS A 1 24 ? -4.766  -14.298 8.144   1.00 31.56 ? 24   LYS A CG  1 
ATOM   199 C  CD  . LYS A 1 24 ? -4.064  -15.600 8.442   1.00 37.64 ? 24   LYS A CD  1 
ATOM   200 C  CE  . LYS A 1 24 ? -4.513  -16.669 7.453   1.00 40.23 ? 24   LYS A CE  1 
ATOM   201 N  NZ  . LYS A 1 24 ? -3.399  -17.617 7.156   1.00 46.14 ? 24   LYS A NZ  1 
ATOM   202 N  N   . GLY A 1 25 ? -5.005  -9.519  9.357   1.00 25.66 ? 25   GLY A N   1 
ATOM   203 C  CA  . GLY A 1 25 ? -4.912  -8.396  10.279  1.00 26.14 ? 25   GLY A CA  1 
ATOM   204 C  C   . GLY A 1 25 ? -3.523  -7.836  10.532  1.00 25.96 ? 25   GLY A C   1 
ATOM   205 O  O   . GLY A 1 25 ? -3.360  -6.865  11.286  1.00 27.73 ? 25   GLY A O   1 
ATOM   206 N  N   . VAL A 1 26 ? -2.503  -8.418  9.895   1.00 24.49 ? 26   VAL A N   1 
ATOM   207 C  CA  . VAL A 1 26 ? -1.124  -8.032  10.114  1.00 24.27 ? 26   VAL A CA  1 
ATOM   208 C  C   . VAL A 1 26 ? -0.582  -7.309  8.858   1.00 21.72 ? 26   VAL A C   1 
ATOM   209 O  O   . VAL A 1 26 ? -0.683  -7.839  7.745   1.00 20.89 ? 26   VAL A O   1 
ATOM   210 C  CB  . VAL A 1 26 ? -0.268  -9.308  10.326  1.00 25.18 ? 26   VAL A CB  1 
ATOM   211 C  CG1 . VAL A 1 26 ? 1.172   -8.968  10.584  1.00 26.56 ? 26   VAL A CG1 1 
ATOM   212 C  CG2 . VAL A 1 26 ? -0.830  -10.154 11.478  1.00 28.34 ? 26   VAL A CG2 1 
ATOM   213 N  N   . PRO A 1 27 ? -0.042  -6.075  9.007   1.00 20.20 ? 27   PRO A N   1 
ATOM   214 C  CA  . PRO A 1 27 ? 0.580   -5.436  7.831   1.00 19.01 ? 27   PRO A CA  1 
ATOM   215 C  C   . PRO A 1 27 ? 1.723   -6.275  7.270   1.00 18.29 ? 27   PRO A C   1 
ATOM   216 O  O   . PRO A 1 27 ? 2.608   -6.695  8.016   1.00 19.70 ? 27   PRO A O   1 
ATOM   217 C  CB  . PRO A 1 27 ? 1.119   -4.099  8.388   1.00 19.06 ? 27   PRO A CB  1 
ATOM   218 C  CG  . PRO A 1 27 ? 0.178   -3.825  9.543   1.00 21.02 ? 27   PRO A CG  1 
ATOM   219 C  CD  . PRO A 1 27 ? -0.045  -5.174  10.185  1.00 21.16 ? 27   PRO A CD  1 
ATOM   220 N  N   . ILE A 1 28 ? 1.710   -6.460  5.958   1.00 16.42 ? 28   ILE A N   1 
ATOM   221 C  CA  . ILE A 1 28 ? 2.819   -7.159  5.270   1.00 16.34 ? 28   ILE A CA  1 
ATOM   222 C  C   . ILE A 1 28 ? 3.617   -6.216  4.369   1.00 15.69 ? 28   ILE A C   1 
ATOM   223 O  O   . ILE A 1 28 ? 4.757   -6.503  4.039   1.00 16.17 ? 28   ILE A O   1 
ATOM   224 C  CB  . ILE A 1 28 ? 2.346   -8.393  4.459   1.00 16.42 ? 28   ILE A CB  1 
ATOM   225 C  CG1 . ILE A 1 28 ? 1.368   -7.989  3.343   1.00 16.61 ? 28   ILE A CG1 1 
ATOM   226 C  CG2 . ILE A 1 28 ? 1.760   -9.449  5.418   1.00 18.16 ? 28   ILE A CG2 1 
ATOM   227 C  CD1 . ILE A 1 28 ? 1.005   -9.158  2.385   1.00 18.14 ? 28   ILE A CD1 1 
ATOM   228 N  N   . TYR A 1 29 ? 3.065   -5.049  4.027   1.00 15.13 ? 29   TYR A N   1 
ATOM   229 C  CA  . TYR A 1 29 ? 3.847   -4.040  3.304   1.00 13.71 ? 29   TYR A CA  1 
ATOM   230 C  C   . TYR A 1 29 ? 3.177   -2.695  3.505   1.00 14.59 ? 29   TYR A C   1 
ATOM   231 O  O   . TYR A 1 29 ? 1.952   -2.578  3.355   1.00 15.60 ? 29   TYR A O   1 
ATOM   232 C  CB  . TYR A 1 29 ? 3.930   -4.339  1.788   1.00 14.57 ? 29   TYR A CB  1 
ATOM   233 C  CG  . TYR A 1 29 ? 4.847   -3.375  1.095   1.00 14.66 ? 29   TYR A CG  1 
ATOM   234 C  CD1 . TYR A 1 29 ? 6.237   -3.505  1.249   1.00 16.79 ? 29   TYR A CD1 1 
ATOM   235 C  CD2 . TYR A 1 29 ? 4.356   -2.305  0.368   1.00 16.50 ? 29   TYR A CD2 1 
ATOM   236 C  CE1 . TYR A 1 29 ? 7.108   -2.610  0.657   1.00 16.68 ? 29   TYR A CE1 1 
ATOM   237 C  CE2 . TYR A 1 29 ? 5.228   -1.385  -0.222  1.00 17.80 ? 29   TYR A CE2 1 
ATOM   238 C  CZ  . TYR A 1 29 ? 6.596   -1.547  -0.091  1.00 17.05 ? 29   TYR A CZ  1 
ATOM   239 O  OH  . TYR A 1 29 ? 7.439   -0.629  -0.704  1.00 20.33 ? 29   TYR A OH  1 
ATOM   240 N  N   . ILE A 1 30 ? 3.994   -1.699  3.810   1.00 14.56 ? 30   ILE A N   1 
ATOM   241 C  CA  . ILE A 1 30 ? 3.524   -0.300  3.911   1.00 14.36 ? 30   ILE A CA  1 
ATOM   242 C  C   . ILE A 1 30 ? 4.293   0.549   2.931   1.00 14.89 ? 30   ILE A C   1 
ATOM   243 O  O   . ILE A 1 30 ? 5.526   0.472   2.866   1.00 15.47 ? 30   ILE A O   1 
ATOM   244 C  CB  . ILE A 1 30 ? 3.704   0.199   5.346   1.00 14.57 ? 30   ILE A CB  1 
ATOM   245 C  CG1 . ILE A 1 30 ? 2.792   -0.610  6.264   1.00 16.36 ? 30   ILE A CG1 1 
ATOM   246 C  CG2 . ILE A 1 30 ? 3.425   1.715   5.462   1.00 16.16 ? 30   ILE A CG2 1 
ATOM   247 C  CD1 . ILE A 1 30 ? 2.991   -0.299  7.734   1.00 19.41 ? 30   ILE A CD1 1 
ATOM   248 N  N   . GLY A 1 31 ? 3.579   1.386   2.182   1.00 14.37 ? 31   GLY A N   1 
ATOM   249 C  CA  . GLY A 1 31 ? 4.224   2.317   1.235   1.00 15.33 ? 31   GLY A CA  1 
ATOM   250 C  C   . GLY A 1 31 ? 3.534   3.664   1.234   1.00 15.27 ? 31   GLY A C   1 
ATOM   251 O  O   . GLY A 1 31 ? 2.488   3.830   1.887   1.00 15.12 ? 31   GLY A O   1 
ATOM   252 N  N   . LYS A 1 32 ? 4.102   4.611   0.500   1.00 16.78 ? 32   LYS A N   1 
ATOM   253 C  CA  . LYS A 1 32 ? 3.442   5.912   0.344   1.00 16.81 ? 32   LYS A CA  1 
ATOM   254 C  C   . LYS A 1 32 ? 3.331   6.277   -1.118  1.00 17.08 ? 32   LYS A C   1 
ATOM   255 O  O   . LYS A 1 32 ? 3.929   5.623   -1.998  1.00 18.63 ? 32   LYS A O   1 
ATOM   256 C  CB  . LYS A 1 32 ? 4.186   7.009   1.095   1.00 17.93 ? 32   LYS A CB  1 
ATOM   257 C  CG  . LYS A 1 32 ? 5.581   7.277   0.557   1.00 18.61 ? 32   LYS A CG  1 
ATOM   258 C  CD  . LYS A 1 32 ? 6.256   8.383   1.368   1.00 22.46 ? 32   LYS A CD  1 
ATOM   259 C  CE  . LYS A 1 32 ? 7.678   8.579   0.967   1.00 27.29 ? 32   LYS A CE  1 
ATOM   260 N  NZ  . LYS A 1 32 ? 7.795   8.945   -0.447  1.00 31.94 ? 32   LYS A NZ  1 
ATOM   261 N  N   . ALA A 1 33 ? 2.534   7.309   -1.383  1.00 16.67 ? 33   ALA A N   1 
ATOM   262 C  CA  . ALA A 1 33 ? 2.300   7.707   -2.759  1.00 17.68 ? 33   ALA A CA  1 
ATOM   263 C  C   . ALA A 1 33 ? 2.061   9.186   -2.847  1.00 19.30 ? 33   ALA A C   1 
ATOM   264 O  O   . ALA A 1 33 ? 1.385   9.751   -1.968  1.00 19.37 ? 33   ALA A O   1 
ATOM   265 C  CB  . ALA A 1 33 ? 1.063   6.981   -3.310  1.00 19.26 ? 33   ALA A CB  1 
ATOM   266 N  N   . LYS A 1 34 ? 2.563   9.804   -3.914  1.00 20.60 ? 34   LYS A N   1 
ATOM   267 C  CA  . LYS A 1 34 ? 2.152   11.169  -4.243  1.00 23.60 ? 34   LYS A CA  1 
ATOM   268 C  C   . LYS A 1 34 ? 0.710   11.146  -4.734  1.00 22.18 ? 34   LYS A C   1 
ATOM   269 O  O   . LYS A 1 34 ? -0.078  12.055  -4.457  1.00 23.54 ? 34   LYS A O   1 
ATOM   270 C  CB  . LYS A 1 34 ? 3.073   11.751  -5.323  1.00 24.35 ? 34   LYS A CB  1 
ATOM   271 C  CG  . LYS A 1 34 ? 4.503   11.989  -4.871  1.00 29.38 ? 34   LYS A CG  1 
ATOM   272 C  CD  . LYS A 1 34 ? 5.277   12.777  -5.953  1.00 29.79 ? 34   LYS A CD  1 
ATOM   273 C  CE  . LYS A 1 34 ? 6.783   12.577  -5.857  1.00 37.79 ? 34   LYS A CE  1 
ATOM   274 N  NZ  . LYS A 1 34 ? 7.289   12.666  -4.466  1.00 40.86 ? 34   LYS A NZ  1 
ATOM   275 N  N   . ARG A 1 35 ? 0.364   10.098  -5.488  1.00 21.33 ? 35   ARG A N   1 
ATOM   276 C  CA  . ARG A 1 35 ? -1.011  9.868   -5.935  1.00 21.26 ? 35   ARG A CA  1 
ATOM   277 C  C   . ARG A 1 35 ? -1.305  8.408   -5.688  1.00 20.18 ? 35   ARG A C   1 
ATOM   278 O  O   . ARG A 1 35 ? -0.726  7.522   -6.349  1.00 20.92 ? 35   ARG A O   1 
ATOM   279 C  CB  . ARG A 1 35 ? -1.173  10.198  -7.427  1.00 23.37 ? 35   ARG A CB  1 
ATOM   280 C  CG  . ARG A 1 35 ? -0.989  11.665  -7.751  1.00 28.35 ? 35   ARG A CG  1 
ATOM   281 C  CD  . ARG A 1 35 ? -1.330  11.906  -9.216  1.00 36.10 ? 35   ARG A CD  1 
ATOM   282 N  NE  . ARG A 1 35 ? -1.595  13.319  -9.473  1.00 43.97 ? 35   ARG A NE  1 
ATOM   283 C  CZ  . ARG A 1 35 ? -2.455  13.774  -10.385 1.00 46.34 ? 35   ARG A CZ  1 
ATOM   284 N  NH1 . ARG A 1 35 ? -3.158  12.928  -11.136 1.00 48.71 ? 35   ARG A NH1 1 
ATOM   285 N  NH2 . ARG A 1 35 ? -2.622  15.084  -10.532 1.00 49.36 ? 35   ARG A NH2 1 
ATOM   286 N  N   . LEU A 1 36 ? -2.189  8.120   -4.738  1.00 19.26 ? 36   LEU A N   1 
ATOM   287 C  CA  . LEU A 1 36 ? -2.515  6.728   -4.416  1.00 19.19 ? 36   LEU A CA  1 
ATOM   288 C  C   . LEU A 1 36 ? -2.895  5.930   -5.647  1.00 19.21 ? 36   LEU A C   1 
ATOM   289 O  O   . LEU A 1 36 ? -2.494  4.774   -5.786  1.00 20.12 ? 36   LEU A O   1 
ATOM   290 C  CB  . LEU A 1 36 ? -3.628  6.634   -3.359  1.00 18.60 ? 36   LEU A CB  1 
ATOM   291 C  CG  . LEU A 1 36 ? -3.175  6.907   -1.910  1.00 17.42 ? 36   LEU A CG  1 
ATOM   292 C  CD1 . LEU A 1 36 ? -4.405  7.197   -1.053  1.00 18.14 ? 36   LEU A CD1 1 
ATOM   293 C  CD2 . LEU A 1 36 ? -2.366  5.741   -1.337  1.00 17.87 ? 36   LEU A CD2 1 
ATOM   294 N  N   . SER A 1 37 ? -3.708  6.529   -6.512  1.00 20.24 ? 37   SER A N   1 
ATOM   295 C  CA  . SER A 1 37 ? -4.158  5.858   -7.728  1.00 21.69 ? 37   SER A CA  1 
ATOM   296 C  C   . SER A 1 37 ? -2.974  5.352   -8.561  1.00 22.22 ? 37   SER A C   1 
ATOM   297 O  O   . SER A 1 37 ? -2.926  4.164   -8.946  1.00 24.15 ? 37   SER A O   1 
ATOM   298 C  CB  . SER A 1 37 ? -4.988  6.858   -8.525  1.00 22.92 ? 37   SER A CB  1 
ATOM   299 O  OG  . SER A 1 37 ? -4.252  8.049   -8.781  1.00 25.85 ? 37   SER A OG  1 
ATOM   300 N  N   . ASN A 1 38 ? -2.017  6.224   -8.828  1.00 23.63 ? 38   ASN A N   1 
ATOM   301 C  CA  . ASN A 1 38 ? -0.877  5.864   -9.693  1.00 25.29 ? 38   ASN A CA  1 
ATOM   302 C  C   . ASN A 1 38 ? -0.047  4.763   -9.054  1.00 24.17 ? 38   ASN A C   1 
ATOM   303 O  O   . ASN A 1 38 ? 0.282   3.756   -9.692  1.00 25.17 ? 38   ASN A O   1 
ATOM   304 C  CB  . ASN A 1 38 ? -0.004  7.088   -9.929  1.00 26.84 ? 38   ASN A CB  1 
ATOM   305 C  CG  . ASN A 1 38 ? -0.692  8.150   -10.809 1.00 33.60 ? 38   ASN A CG  1 
ATOM   306 O  OD1 . ASN A 1 38 ? -1.765  7.916   -11.369 1.00 40.81 ? 38   ASN A OD1 1 
ATOM   307 N  ND2 . ASN A 1 38 ? -0.053  9.313   -10.942 1.00 40.35 ? 38   ASN A ND2 1 
ATOM   308 N  N   . ARG A 1 39 ? 0.277   4.924   -7.778  1.00 22.95 ? 39   ARG A N   1 
ATOM   309 C  CA  . ARG A 1 39 ? 1.151   3.954   -7.141  1.00 22.05 ? 39   ARG A CA  1 
ATOM   310 C  C   . ARG A 1 39 ? 0.465   2.592   -6.976  1.00 21.24 ? 39   ARG A C   1 
ATOM   311 O  O   . ARG A 1 39 ? 1.051   1.529   -7.238  1.00 21.39 ? 39   ARG A O   1 
ATOM   312 C  CB  . ARG A 1 39 ? 1.629   4.513   -5.799  1.00 23.53 ? 39   ARG A CB  1 
ATOM   313 C  CG  . ARG A 1 39 ? 2.526   3.603   -5.019  1.00 26.64 ? 39   ARG A CG  1 
ATOM   314 C  CD  . ARG A 1 39 ? 3.769   3.192   -5.814  1.00 33.93 ? 39   ARG A CD  1 
ATOM   315 N  NE  . ARG A 1 39 ? 4.601   4.348   -6.126  1.00 41.58 ? 39   ARG A NE  1 
ATOM   316 C  CZ  . ARG A 1 39 ? 5.857   4.267   -6.560  1.00 43.59 ? 39   ARG A CZ  1 
ATOM   317 N  NH1 . ARG A 1 39 ? 6.426   3.080   -6.735  1.00 48.31 ? 39   ARG A NH1 1 
ATOM   318 N  NH2 . ARG A 1 39 ? 6.545   5.376   -6.818  1.00 49.21 ? 39   ARG A NH2 1 
ATOM   319 N  N   . LEU A 1 40 ? -0.783  2.595   -6.540  1.00 19.47 ? 40   LEU A N   1 
ATOM   320 C  CA  . LEU A 1 40 ? -1.469  1.340   -6.331  1.00 18.91 ? 40   LEU A CA  1 
ATOM   321 C  C   . LEU A 1 40 ? -1.737  0.590   -7.637  1.00 18.95 ? 40   LEU A C   1 
ATOM   322 O  O   . LEU A 1 40 ? -1.668  -0.636  -7.670  1.00 18.70 ? 40   LEU A O   1 
ATOM   323 C  CB  . LEU A 1 40 ? -2.759  1.531   -5.516  1.00 18.58 ? 40   LEU A CB  1 
ATOM   324 C  CG  . LEU A 1 40 ? -2.492  1.873   -4.033  1.00 17.91 ? 40   LEU A CG  1 
ATOM   325 C  CD1 . LEU A 1 40 ? -3.804  2.294   -3.365  1.00 18.78 ? 40   LEU A CD1 1 
ATOM   326 C  CD2 . LEU A 1 40 ? -1.839  0.699   -3.300  1.00 19.74 ? 40   LEU A CD2 1 
ATOM   327 N  N   . ARG A 1 41 ? -2.020  1.333   -8.700  1.00 20.32 ? 41   ARG A N   1 
ATOM   328 C  CA  . ARG A 1 41 ? -2.288  0.681   -9.982  1.00 21.27 ? 41   ARG A CA  1 
ATOM   329 C  C   . ARG A 1 41 ? -1.071  -0.078  -10.468 1.00 21.51 ? 41   ARG A C   1 
ATOM   330 O  O   . ARG A 1 41 ? -1.225  -1.076  -11.189 1.00 22.45 ? 41   ARG A O   1 
ATOM   331 C  CB  . ARG A 1 41 ? -2.794  1.693   -11.013 1.00 22.89 ? 41   ARG A CB  1 
ATOM   332 C  CG  . ARG A 1 41 ? -4.282  1.966   -10.846 1.00 25.80 ? 41   ARG A CG  1 
ATOM   333 C  CD  . ARG A 1 41 ? -4.751  3.191   -11.628 1.00 28.53 ? 41   ARG A CD  1 
ATOM   334 N  NE  . ARG A 1 41 ? -6.159  3.469   -11.344 1.00 30.63 ? 41   ARG A NE  1 
ATOM   335 C  CZ  . ARG A 1 41 ? -7.144  3.239   -12.201 1.00 33.70 ? 41   ARG A CZ  1 
ATOM   336 N  NH1 . ARG A 1 41 ? -6.868  2.737   -13.403 1.00 35.81 ? 41   ARG A NH1 1 
ATOM   337 N  NH2 . ARG A 1 41 ? -8.398  3.503   -11.851 1.00 34.17 ? 41   ARG A NH2 1 
ATOM   338 N  N   . SER A 1 42 ? 0.126   0.351   -10.062 1.00 20.78 ? 42   SER A N   1 
ATOM   339 C  CA  . SER A 1 42 ? 1.364   -0.358  -10.459 1.00 21.87 ? 42   SER A CA  1 
ATOM   340 C  C   . SER A 1 42 ? 1.364   -1.793  -9.948  1.00 20.54 ? 42   SER A C   1 
ATOM   341 O  O   . SER A 1 42 ? 2.049   -2.659  -10.535 1.00 22.14 ? 42   SER A O   1 
ATOM   342 C  CB  . SER A 1 42 ? 2.621   0.392   -9.998  1.00 22.36 ? 42   SER A CB  1 
ATOM   343 O  OG  . SER A 1 42 ? 2.859   0.261   -8.613  1.00 26.46 ? 42   SER A OG  1 
ATOM   344 N  N   . TYR A 1 43 ? 0.623   -2.082  -8.874  1.00 18.62 ? 43   TYR A N   1 
ATOM   345 C  CA  . TYR A 1 43 ? 0.579   -3.442  -8.346  1.00 18.65 ? 43   TYR A CA  1 
ATOM   346 C  C   . TYR A 1 43 ? -0.201  -4.368  -9.273  1.00 19.01 ? 43   TYR A C   1 
ATOM   347 O  O   . TYR A 1 43 ? -0.088  -5.591  -9.149  1.00 19.73 ? 43   TYR A O   1 
ATOM   348 C  CB  . TYR A 1 43 ? -0.047  -3.479  -6.921  1.00 18.28 ? 43   TYR A CB  1 
ATOM   349 C  CG  . TYR A 1 43 ? 0.912   -2.975  -5.882  1.00 18.26 ? 43   TYR A CG  1 
ATOM   350 C  CD1 . TYR A 1 43 ? 1.083   -1.613  -5.664  1.00 18.77 ? 43   TYR A CD1 1 
ATOM   351 C  CD2 . TYR A 1 43 ? 1.682   -3.874  -5.137  1.00 18.92 ? 43   TYR A CD2 1 
ATOM   352 C  CE1 . TYR A 1 43 ? 2.008   -1.139  -4.716  1.00 18.76 ? 43   TYR A CE1 1 
ATOM   353 C  CE2 . TYR A 1 43 ? 2.604   -3.414  -4.200  1.00 20.01 ? 43   TYR A CE2 1 
ATOM   354 C  CZ  . TYR A 1 43 ? 2.771   -2.046  -4.000  1.00 19.41 ? 43   TYR A CZ  1 
ATOM   355 O  OH  . TYR A 1 43 ? 3.693   -1.554  -3.094  1.00 23.03 ? 43   TYR A OH  1 
ATOM   356 N  N   . LEU A 1 44 ? -1.013  -3.811  -10.173 1.00 19.33 ? 44   LEU A N   1 
ATOM   357 C  CA  . LEU A 1 44 ? -1.779  -4.658  -11.078 1.00 19.65 ? 44   LEU A CA  1 
ATOM   358 C  C   . LEU A 1 44 ? -0.909  -5.289  -12.147 1.00 19.60 ? 44   LEU A C   1 
ATOM   359 O  O   . LEU A 1 44 ? -1.272  -6.356  -12.671 1.00 21.72 ? 44   LEU A O   1 
ATOM   360 C  CB  . LEU A 1 44 ? -2.931  -3.877  -11.728 1.00 20.57 ? 44   LEU A CB  1 
ATOM   361 C  CG  . LEU A 1 44 ? -3.876  -3.267  -10.687 1.00 22.26 ? 44   LEU A CG  1 
ATOM   362 C  CD1 . LEU A 1 44 ? -4.988  -2.483  -11.408 1.00 25.63 ? 44   LEU A CD1 1 
ATOM   363 C  CD2 . LEU A 1 44 ? -4.469  -4.346  -9.763  1.00 24.95 ? 44   LEU A CD2 1 
ATOM   364 N  N   . ASN A 1 45 ? 0.214   -4.652  -12.482 1.00 20.48 ? 45   ASN A N   1 
ATOM   365 C  CA  . ASN A 1 45 ? 1.155   -5.183  -13.490 1.00 20.51 ? 45   ASN A CA  1 
ATOM   366 C  C   . ASN A 1 45 ? 2.526   -5.249  -12.846 1.00 19.53 ? 45   ASN A C   1 
ATOM   367 O  O   . ASN A 1 45 ? 3.329   -4.330  -12.935 1.00 20.10 ? 45   ASN A O   1 
ATOM   368 C  CB  . ASN A 1 45 ? 1.145   -4.343  -14.745 1.00 23.90 ? 45   ASN A CB  1 
ATOM   369 C  CG  . ASN A 1 45 ? -0.177  -4.438  -15.452 1.00 26.79 ? 45   ASN A CG  1 
ATOM   370 O  OD1 . ASN A 1 45 ? -0.612  -5.519  -15.824 1.00 32.51 ? 45   ASN A OD1 1 
ATOM   371 N  ND2 . ASN A 1 45 ? -0.873  -3.328  -15.540 1.00 35.33 ? 45   ASN A ND2 1 
ATOM   372 N  N   . PRO A 1 46 ? 2.759   -6.337  -12.121 1.00 18.08 ? 46   PRO A N   1 
ATOM   373 C  CA  . PRO A 1 46 ? 3.922   -6.378  -11.232 1.00 17.77 ? 46   PRO A CA  1 
ATOM   374 C  C   . PRO A 1 46 ? 5.249   -6.331  -11.945 1.00 17.78 ? 46   PRO A C   1 
ATOM   375 O  O   . PRO A 1 46 ? 5.553   -7.207  -12.749 1.00 18.54 ? 46   PRO A O   1 
ATOM   376 C  CB  . PRO A 1 46 ? 3.737   -7.671  -10.440 1.00 17.72 ? 46   PRO A CB  1 
ATOM   377 C  CG  . PRO A 1 46 ? 2.657   -8.406  -11.113 1.00 21.85 ? 46   PRO A CG  1 
ATOM   378 C  CD  . PRO A 1 46 ? 1.893   -7.518  -12.005 1.00 18.92 ? 46   PRO A CD  1 
ATOM   379 N  N   . GLN A 1 47 ? 6.049   -5.335  -11.596 1.00 18.10 ? 47   GLN A N   1 
ATOM   380 C  CA  . GLN A 1 47 ? 7.355   -5.177  -12.206 1.00 19.59 ? 47   GLN A CA  1 
ATOM   381 C  C   . GLN A 1 47 ? 8.417   -6.006  -11.537 1.00 19.65 ? 47   GLN A C   1 
ATOM   382 O  O   . GLN A 1 47 ? 9.492   -6.187  -12.096 1.00 21.77 ? 47   GLN A O   1 
ATOM   383 C  CB  . GLN A 1 47 ? 7.780   -3.685  -12.179 1.00 21.48 ? 47   GLN A CB  1 
ATOM   384 C  CG  . GLN A 1 47 ? 6.908   -2.787  -13.072 1.00 25.30 ? 47   GLN A CG  1 
ATOM   385 C  CD  . GLN A 1 47 ? 7.038   -3.096  -14.556 1.00 30.14 ? 47   GLN A CD  1 
ATOM   386 O  OE1 . GLN A 1 47 ? 8.071   -3.583  -15.021 1.00 34.69 ? 47   GLN A OE1 1 
ATOM   387 N  NE2 . GLN A 1 47 ? 5.998   -2.793  -15.312 1.00 34.50 ? 47   GLN A NE2 1 
ATOM   388 N  N   . THR A 1 48 ? 8.148   -6.483  -10.328 1.00 18.22 ? 48   THR A N   1 
ATOM   389 C  CA  . THR A 1 48 ? 9.112   -7.294  -9.598  1.00 18.95 ? 48   THR A CA  1 
ATOM   390 C  C   . THR A 1 48 ? 8.365   -8.446  -8.915  1.00 17.75 ? 48   THR A C   1 
ATOM   391 O  O   . THR A 1 48 ? 7.141   -8.380  -8.673  1.00 17.32 ? 48   THR A O   1 
ATOM   392 C  CB  . THR A 1 48 ? 9.813   -6.504  -8.486  1.00 20.10 ? 48   THR A CB  1 
ATOM   393 O  OG1 . THR A 1 48 ? 8.854   -6.162  -7.478  1.00 20.84 ? 48   THR A OG1 1 
ATOM   394 C  CG2 . THR A 1 48 ? 10.480  -5.232  -9.000  1.00 21.39 ? 48   THR A CG2 1 
ATOM   395 N  N   . GLU A 1 49 ? 9.109   -9.491  -8.552  1.00 18.29 ? 49   GLU A N   1 
ATOM   396 C  CA  . GLU A 1 49 ? 8.546   -10.614 -7.822  1.00 17.73 ? 49   GLU A CA  1 
ATOM   397 C  C   . GLU A 1 49 ? 7.995   -10.177 -6.463  1.00 17.15 ? 49   GLU A C   1 
ATOM   398 O  O   . GLU A 1 49 ? 6.965   -10.701 -6.016  1.00 16.69 ? 49   GLU A O   1 
ATOM   399 C  CB  . GLU A 1 49 ? 9.612   -11.682 -7.621  1.00 19.36 ? 49   GLU A CB  1 
ATOM   400 C  CG  . GLU A 1 49 ? 10.050  -12.347 -8.935  1.00 22.81 ? 49   GLU A CG  1 
ATOM   401 C  CD  . GLU A 1 49 ? 11.085  -11.577 -9.789  1.00 30.89 ? 49   GLU A CD  1 
ATOM   402 O  OE1 . GLU A 1 49 ? 11.445  -12.193 -10.827 1.00 35.28 ? 49   GLU A OE1 1 
ATOM   403 O  OE2 . GLU A 1 49 ? 11.560  -10.420 -9.501  1.00 29.89 ? 49   GLU A OE2 1 
ATOM   404 N  N   . LYS A 1 50 ? 8.674   -9.238  -5.797  1.00 17.55 ? 50   LYS A N   1 
ATOM   405 C  CA  . LYS A 1 50 ? 8.190   -8.748  -4.514  1.00 17.02 ? 50   LYS A CA  1 
ATOM   406 C  C   . LYS A 1 50 ? 6.809   -8.104  -4.671  1.00 15.83 ? 50   LYS A C   1 
ATOM   407 O  O   . LYS A 1 50 ? 5.902   -8.384  -3.861  1.00 15.77 ? 50   LYS A O   1 
ATOM   408 C  CB  . LYS A 1 50 ? 9.159   -7.738  -3.883  1.00 18.05 ? 50   LYS A CB  1 
ATOM   409 C  CG  . LYS A 1 50 ? 8.730   -7.266  -2.485  1.00 19.92 ? 50   LYS A CG  1 
ATOM   410 C  CD  . LYS A 1 50 ? 9.922   -6.637  -1.748  1.00 26.25 ? 50   LYS A CD  1 
ATOM   411 C  CE  . LYS A 1 50 ? 9.604   -5.282  -1.278  1.00 29.40 ? 50   LYS A CE  1 
ATOM   412 N  NZ  . LYS A 1 50 ? 10.840  -4.851  -0.499  1.00 31.36 ? 50   LYS A NZ  1 
ATOM   413 N  N   . VAL A 1 51 ? 6.639   -7.250  -5.692  1.00 16.22 ? 51   VAL A N   1 
ATOM   414 C  CA  . VAL A 1 51 ? 5.309   -6.634  -5.924  1.00 16.27 ? 51   VAL A CA  1 
ATOM   415 C  C   . VAL A 1 51 ? 4.284   -7.739  -6.191  1.00 15.30 ? 51   VAL A C   1 
ATOM   416 O  O   . VAL A 1 51 ? 3.146   -7.681  -5.707  1.00 16.05 ? 51   VAL A O   1 
ATOM   417 C  CB  . VAL A 1 51 ? 5.390   -5.615  -7.073  1.00 16.54 ? 51   VAL A CB  1 
ATOM   418 C  CG1 . VAL A 1 51 ? 3.989   -5.180  -7.541  1.00 17.61 ? 51   VAL A CG1 1 
ATOM   419 C  CG2 . VAL A 1 51 ? 6.181   -4.392  -6.615  1.00 19.05 ? 51   VAL A CG2 1 
ATOM   420 N  N   . PHE A 1 52 ? 4.661   -8.767  -6.966  1.00 14.75 ? 52   PHE A N   1 
ATOM   421 C  CA  . PHE A 1 52 ? 3.718   -9.862  -7.194  1.00 14.69 ? 52   PHE A CA  1 
ATOM   422 C  C   . PHE A 1 52 ? 3.318   -10.487 -5.853  1.00 15.19 ? 52   PHE A C   1 
ATOM   423 O  O   . PHE A 1 52 ? 2.114   -10.679 -5.572  1.00 15.70 ? 52   PHE A O   1 
ATOM   424 C  CB  . PHE A 1 52 ? 4.322   -10.926 -8.145  1.00 15.84 ? 52   PHE A CB  1 
ATOM   425 C  CG  . PHE A 1 52 ? 3.414   -12.109 -8.370  1.00 15.00 ? 52   PHE A CG  1 
ATOM   426 C  CD1 . PHE A 1 52 ? 2.226   -11.969 -9.061  1.00 15.43 ? 52   PHE A CD1 1 
ATOM   427 C  CD2 . PHE A 1 52 ? 3.719   -13.353 -7.831  1.00 18.06 ? 52   PHE A CD2 1 
ATOM   428 C  CE1 . PHE A 1 52 ? 1.369   -13.074 -9.246  1.00 17.06 ? 52   PHE A CE1 1 
ATOM   429 C  CE2 . PHE A 1 52 ? 2.876   -14.454 -8.033  1.00 18.94 ? 52   PHE A CE2 1 
ATOM   430 C  CZ  . PHE A 1 52 ? 1.728   -14.330 -8.751  1.00 18.56 ? 52   PHE A CZ  1 
ATOM   431 N  N   . ARG A 1 53 ? 4.315   -10.837 -5.031  1.00 15.24 ? 53   ARG A N   1 
ATOM   432 C  CA  . ARG A 1 53 ? 4.038   -11.499 -3.741  1.00 14.72 ? 53   ARG A CA  1 
ATOM   433 C  C   . ARG A 1 53 ? 3.124   -10.672 -2.846  1.00 15.07 ? 53   ARG A C   1 
ATOM   434 O  O   . ARG A 1 53 ? 2.187   -11.207 -2.232  1.00 16.08 ? 53   ARG A O   1 
ATOM   435 C  CB  . ARG A 1 53 ? 5.349   -11.772 -2.962  1.00 15.41 ? 53   ARG A CB  1 
ATOM   436 C  CG  . ARG A 1 53 ? 6.207   -12.857 -3.618  1.00 16.41 ? 53   ARG A CG  1 
ATOM   437 C  CD  . ARG A 1 53 ? 7.477   -13.050 -2.791  1.00 17.61 ? 53   ARG A CD  1 
ATOM   438 N  NE  . ARG A 1 53 ? 8.317   -13.991 -3.535  1.00 17.84 ? 53   ARG A NE  1 
ATOM   439 C  CZ  . ARG A 1 53 ? 9.436   -13.685 -4.191  1.00 16.46 ? 53   ARG A CZ  1 
ATOM   440 N  NH1 . ARG A 1 53 ? 10.002  -12.486 -4.069  1.00 18.54 ? 53   ARG A NH1 1 
ATOM   441 N  NH2 . ARG A 1 53 ? 10.006  -14.615 -4.960  1.00 20.18 ? 53   ARG A NH2 1 
ATOM   442 N  N   . ILE A 1 54 ? 3.447   -9.397  -2.697  1.00 15.04 ? 54   ILE A N   1 
ATOM   443 C  CA  . ILE A 1 54 ? 2.628   -8.548  -1.803  1.00 16.28 ? 54   ILE A CA  1 
ATOM   444 C  C   . ILE A 1 54 ? 1.153   -8.623  -2.224  1.00 16.07 ? 54   ILE A C   1 
ATOM   445 O  O   . ILE A 1 54 ? 0.242   -8.752  -1.390  1.00 17.29 ? 54   ILE A O   1 
ATOM   446 C  CB  . ILE A 1 54 ? 3.105   -7.088  -1.863  1.00 15.65 ? 54   ILE A CB  1 
ATOM   447 C  CG1 . ILE A 1 54 ? 4.489   -6.961  -1.208  1.00 17.07 ? 54   ILE A CG1 1 
ATOM   448 C  CG2 . ILE A 1 54 ? 2.106   -6.102  -1.198  1.00 17.60 ? 54   ILE A CG2 1 
ATOM   449 C  CD1 . ILE A 1 54 ? 5.245   -5.700  -1.641  1.00 17.66 ? 54   ILE A CD1 1 
ATOM   450 N  N   . GLY A 1 55 ? 0.919   -8.494  -3.529  1.00 15.57 ? 55   GLY A N   1 
ATOM   451 C  CA  . GLY A 1 55 ? -0.446  -8.422  -4.038  1.00 16.69 ? 55   GLY A CA  1 
ATOM   452 C  C   . GLY A 1 55 ? -1.170  -9.755  -3.980  1.00 17.88 ? 55   GLY A C   1 
ATOM   453 O  O   . GLY A 1 55 ? -2.417  -9.776  -3.982  1.00 19.76 ? 55   GLY A O   1 
ATOM   454 N  N   . GLU A 1 56 ? -0.431  -10.873 -3.961  1.00 17.24 ? 56   GLU A N   1 
ATOM   455 C  CA  . GLU A 1 56 ? -1.063  -12.198 -3.840  1.00 18.01 ? 56   GLU A CA  1 
ATOM   456 C  C   . GLU A 1 56 ? -1.300  -12.628 -2.412  1.00 18.15 ? 56   GLU A C   1 
ATOM   457 O  O   . GLU A 1 56 ? -2.301  -13.289 -2.113  1.00 21.12 ? 56   GLU A O   1 
ATOM   458 C  CB  . GLU A 1 56 ? -0.233  -13.274 -4.550  1.00 19.47 ? 56   GLU A CB  1 
ATOM   459 C  CG  . GLU A 1 56 ? -0.144  -13.057 -6.074  1.00 19.95 ? 56   GLU A CG  1 
ATOM   460 C  CD  . GLU A 1 56 ? -1.529  -12.977 -6.750  1.00 20.43 ? 56   GLU A CD  1 
ATOM   461 O  OE1 . GLU A 1 56 ? -2.306  -13.971 -6.663  1.00 26.48 ? 56   GLU A OE1 1 
ATOM   462 O  OE2 . GLU A 1 56 ? -1.841  -11.912 -7.347  1.00 21.65 ? 56   GLU A OE2 1 
ATOM   463 N  N   . GLU A 1 57 ? -0.369  -12.290 -1.519  1.00 17.77 ? 57   GLU A N   1 
ATOM   464 C  CA  . GLU A 1 57 ? -0.498  -12.720 -0.131  1.00 17.17 ? 57   GLU A CA  1 
ATOM   465 C  C   . GLU A 1 57 ? -1.535  -11.897 0.631   1.00 17.00 ? 57   GLU A C   1 
ATOM   466 O  O   . GLU A 1 57 ? -2.153  -12.396 1.570   1.00 18.99 ? 57   GLU A O   1 
ATOM   467 C  CB  . GLU A 1 57 ? 0.870   -12.609 0.562   1.00 16.81 ? 57   GLU A CB  1 
ATOM   468 C  CG  . GLU A 1 57 ? 0.872   -13.097 2.018   1.00 18.26 ? 57   GLU A CG  1 
ATOM   469 C  CD  . GLU A 1 57 ? 2.260   -13.151 2.646   1.00 19.64 ? 57   GLU A CD  1 
ATOM   470 O  OE1 . GLU A 1 57 ? 3.250   -12.993 1.928   1.00 22.25 ? 57   GLU A OE1 1 
ATOM   471 O  OE2 . GLU A 1 57 ? 2.336   -13.390 3.862   1.00 26.00 ? 57   GLU A OE2 1 
ATOM   472 N  N   . ALA A 1 58 ? -1.705  -10.638 0.239   1.00 16.61 ? 58   ALA A N   1 
ATOM   473 C  CA  . ALA A 1 58 ? -2.623  -9.757  1.003   1.00 17.12 ? 58   ALA A CA  1 
ATOM   474 C  C   . ALA A 1 58 ? -4.058  -10.300 0.994   1.00 17.58 ? 58   ALA A C   1 
ATOM   475 O  O   . ALA A 1 58 ? -4.537  -10.781 -0.041  1.00 19.21 ? 58   ALA A O   1 
ATOM   476 C  CB  . ALA A 1 58 ? -2.613  -8.373  0.382   1.00 17.43 ? 58   ALA A CB  1 
ATOM   477 N  N   . ASP A 1 59 ? -4.753  -10.160 2.124   1.00 18.53 ? 59   ASP A N   1 
ATOM   478 C  CA  . ASP A 1 59 ? -6.218  -10.353 2.089   1.00 19.30 ? 59   ASP A CA  1 
ATOM   479 C  C   . ASP A 1 59 ? -6.965  -9.039  2.319   1.00 19.68 ? 59   ASP A C   1 
ATOM   480 O  O   . ASP A 1 59 ? -8.195  -9.037  2.344   1.00 22.41 ? 59   ASP A O   1 
ATOM   481 C  CB  . ASP A 1 59 ? -6.678  -11.433 3.082   1.00 20.95 ? 59   ASP A CB  1 
ATOM   482 C  CG  . ASP A 1 59 ? -6.459  -11.052 4.530   1.00 23.18 ? 59   ASP A CG  1 
ATOM   483 O  OD1 . ASP A 1 59 ? -6.084  -9.884  4.806   1.00 23.91 ? 59   ASP A OD1 1 
ATOM   484 O  OD2 . ASP A 1 59 ? -6.649  -11.922 5.423   1.00 28.32 ? 59   ASP A OD2 1 
ATOM   485 N  N   . GLU A 1 60 ? -6.231  -7.926  2.448   1.00 18.87 ? 60   GLU A N   1 
ATOM   486 C  CA  . GLU A 1 60 ? -6.832  -6.623  2.737   1.00 19.32 ? 60   GLU A CA  1 
ATOM   487 C  C   . GLU A 1 60 ? -5.860  -5.538  2.303   1.00 17.73 ? 60   GLU A C   1 
ATOM   488 O  O   . GLU A 1 60 ? -4.642  -5.711  2.407   1.00 17.88 ? 60   GLU A O   1 
ATOM   489 C  CB  . GLU A 1 60 ? -7.071  -6.494  4.236   1.00 19.94 ? 60   GLU A CB  1 
ATOM   490 C  CG  . GLU A 1 60 ? -7.690  -5.207  4.684   1.00 22.82 ? 60   GLU A CG  1 
ATOM   491 C  CD  . GLU A 1 60 ? -7.800  -5.104  6.208   1.00 24.10 ? 60   GLU A CD  1 
ATOM   492 O  OE1 . GLU A 1 60 ? -8.321  -4.068  6.672   1.00 31.09 ? 60   GLU A OE1 1 
ATOM   493 O  OE2 . GLU A 1 60 ? -7.356  -6.016  6.955   1.00 26.42 ? 60   GLU A OE2 1 
ATOM   494 N  N   . LEU A 1 61 ? -6.411  -4.424  1.835   1.00 17.81 ? 61   LEU A N   1 
ATOM   495 C  CA  . LEU A 1 61 ? -5.637  -3.226  1.556   1.00 17.14 ? 61   LEU A CA  1 
ATOM   496 C  C   . LEU A 1 61 ? -6.301  -2.064  2.262   1.00 17.75 ? 61   LEU A C   1 
ATOM   497 O  O   . LEU A 1 61 ? -7.509  -1.829  2.052   1.00 20.08 ? 61   LEU A O   1 
ATOM   498 C  CB  . LEU A 1 61 ? -5.622  -2.952  0.061   1.00 17.55 ? 61   LEU A CB  1 
ATOM   499 C  CG  . LEU A 1 61 ? -5.012  -1.616  -0.400  1.00 17.52 ? 61   LEU A CG  1 
ATOM   500 C  CD1 . LEU A 1 61 ? -3.543  -1.467  -0.002  1.00 18.66 ? 61   LEU A CD1 1 
ATOM   501 C  CD2 . LEU A 1 61 ? -5.188  -1.400  -1.908  1.00 19.13 ? 61   LEU A CD2 1 
ATOM   502 N  N   . GLU A 1 62 ? -5.538  -1.396  3.115   1.00 16.68 ? 62   GLU A N   1 
ATOM   503 C  CA  . GLU A 1 62 ? -6.013  -0.173  3.767   1.00 18.20 ? 62   GLU A CA  1 
ATOM   504 C  C   . GLU A 1 62 ? -5.307  1.002   3.106   1.00 16.80 ? 62   GLU A C   1 
ATOM   505 O  O   . GLU A 1 62 ? -4.107  0.945   2.794   1.00 17.43 ? 62   GLU A O   1 
ATOM   506 C  CB  . GLU A 1 62 ? -5.641  -0.204  5.245   1.00 18.78 ? 62   GLU A CB  1 
ATOM   507 C  CG  . GLU A 1 62 ? -5.970  1.042   6.030   1.00 25.18 ? 62   GLU A CG  1 
ATOM   508 C  CD  . GLU A 1 62 ? -5.608  0.944   7.496   1.00 26.23 ? 62   GLU A CD  1 
ATOM   509 O  OE1 . GLU A 1 62 ? -5.235  -0.183  7.957   1.00 32.39 ? 62   GLU A OE1 1 
ATOM   510 O  OE2 . GLU A 1 62 ? -5.710  2.026   8.163   1.00 33.10 ? 62   GLU A OE2 1 
ATOM   511 N  N   . THR A 1 63 ? -6.023  2.089   2.915   1.00 16.82 ? 63   THR A N   1 
ATOM   512 C  CA  . THR A 1 63 ? -5.392  3.304   2.467   1.00 16.54 ? 63   THR A CA  1 
ATOM   513 C  C   . THR A 1 63 ? -5.701  4.446   3.433   1.00 16.60 ? 63   THR A C   1 
ATOM   514 O  O   . THR A 1 63 ? -6.774  4.484   4.045   1.00 18.83 ? 63   THR A O   1 
ATOM   515 C  CB  . THR A 1 63 ? -5.857  3.716   1.070   1.00 18.20 ? 63   THR A CB  1 
ATOM   516 O  OG1 . THR A 1 63 ? -7.273  3.889   1.080   1.00 19.50 ? 63   THR A OG1 1 
ATOM   517 C  CG2 . THR A 1 63 ? -5.494  2.654   0.038   1.00 18.44 ? 63   THR A CG2 1 
ATOM   518 N  N   . ILE A 1 64 ? -4.754  5.368   3.546   1.00 16.22 ? 64   ILE A N   1 
ATOM   519 C  CA  . ILE A 1 64 ? -4.897  6.527   4.424   1.00 16.04 ? 64   ILE A CA  1 
ATOM   520 C  C   . ILE A 1 64 ? -4.587  7.736   3.574   1.00 15.69 ? 64   ILE A C   1 
ATOM   521 O  O   . ILE A 1 64 ? -3.440  7.929   3.143   1.00 15.95 ? 64   ILE A O   1 
ATOM   522 C  CB  . ILE A 1 64 ? -3.915  6.489   5.622   1.00 16.23 ? 64   ILE A CB  1 
ATOM   523 C  CG1 . ILE A 1 64 ? -4.128  5.223   6.476   1.00 18.25 ? 64   ILE A CG1 1 
ATOM   524 C  CG2 . ILE A 1 64 ? -4.078  7.783   6.422   1.00 17.18 ? 64   ILE A CG2 1 
ATOM   525 C  CD1 . ILE A 1 64 ? -3.019  5.020   7.510   1.00 19.58 ? 64   ILE A CD1 1 
ATOM   526 N  N   . VAL A 1 65 ? -5.601  8.564   3.304   1.00 16.08 ? 65   VAL A N   1 
ATOM   527 C  CA  . VAL A 1 65 ? -5.372  9.795   2.570   1.00 15.47 ? 65   VAL A CA  1 
ATOM   528 C  C   . VAL A 1 65 ? -4.805  10.835  3.528   1.00 15.56 ? 65   VAL A C   1 
ATOM   529 O  O   . VAL A 1 65 ? -5.277  10.967  4.652   1.00 15.76 ? 65   VAL A O   1 
ATOM   530 C  CB  . VAL A 1 65 ? -6.696  10.288  1.966   1.00 15.94 ? 65   VAL A CB  1 
ATOM   531 C  CG1 . VAL A 1 65 ? -6.513  11.645  1.312   1.00 17.11 ? 65   VAL A CG1 1 
ATOM   532 C  CG2 . VAL A 1 65 ? -7.218  9.257   0.949   1.00 18.10 ? 65   VAL A CG2 1 
ATOM   533 N  N   . VAL A 1 66 ? -3.738  11.509  3.106   1.00 15.82 ? 66   VAL A N   1 
ATOM   534 C  CA  . VAL A 1 66 ? -3.083  12.481  3.984   1.00 16.09 ? 66   VAL A CA  1 
ATOM   535 C  C   . VAL A 1 66 ? -3.150  13.894  3.435   1.00 16.56 ? 66   VAL A C   1 
ATOM   536 O  O   . VAL A 1 66 ? -3.584  14.130  2.288   1.00 16.83 ? 66   VAL A O   1 
ATOM   537 C  CB  . VAL A 1 66 ? -1.588  12.079  4.269   1.00 15.51 ? 66   VAL A CB  1 
ATOM   538 C  CG1 . VAL A 1 66 ? -1.541  10.703  5.008   1.00 17.75 ? 66   VAL A CG1 1 
ATOM   539 C  CG2 . VAL A 1 66 ? -0.760  12.085  2.999   1.00 18.60 ? 66   VAL A CG2 1 
ATOM   540 N  N   . MET A 1 67 ? -2.671  14.846  4.236   1.00 16.89 ? 67   MET A N   1 
ATOM   541 C  CA  . MET A 1 67 ? -2.828  16.240  3.845   1.00 18.37 ? 67   MET A CA  1 
ATOM   542 C  C   . MET A 1 67 ? -1.937  16.601  2.673   1.00 17.15 ? 67   MET A C   1 
ATOM   543 O  O   . MET A 1 67 ? -2.328  17.357  1.799   1.00 20.15 ? 67   MET A O   1 
ATOM   544 C  CB  . MET A 1 67 ? -2.530  17.163  5.047   1.00 18.52 ? 67   MET A CB  1 
ATOM   545 C  CG  . MET A 1 67 ? -3.503  16.960  6.173   1.00 20.44 ? 67   MET A CG  1 
ATOM   546 S  SD  . MET A 1 67 ? -3.363  18.107  7.545   1.00 23.22 ? 67   MET A SD  1 
ATOM   547 C  CE  . MET A 1 67 ? -1.802  17.605  8.190   1.00 26.67 ? 67   MET A CE  1 
ATOM   548 N  N   . ASN A 1 68 ? -0.717  16.045  2.644   1.00 17.04 ? 68   ASN A N   1 
ATOM   549 C  CA  . ASN A 1 68 ? 0.281   16.426  1.656   1.00 16.99 ? 68   ASN A CA  1 
ATOM   550 C  C   . ASN A 1 68 ? 1.444   15.445  1.688   1.00 16.88 ? 68   ASN A C   1 
ATOM   551 O  O   . ASN A 1 68 ? 1.448   14.523  2.504   1.00 16.85 ? 68   ASN A O   1 
ATOM   552 C  CB  . ASN A 1 68 ? 0.741   17.872  1.903   1.00 16.56 ? 68   ASN A CB  1 
ATOM   553 C  CG  . ASN A 1 68 ? 1.265   18.086  3.317   1.00 16.43 ? 68   ASN A CG  1 
ATOM   554 O  OD1 . ASN A 1 68 ? 2.100   17.311  3.794   1.00 17.12 ? 68   ASN A OD1 1 
ATOM   555 N  ND2 . ASN A 1 68 ? 0.769   19.121  3.999   1.00 19.45 ? 68   ASN A ND2 1 
ATOM   556 N  N   . GLU A 1 69 ? 2.429   15.647  0.822   1.00 18.07 ? 69   GLU A N   1 
ATOM   557 C  CA  . GLU A 1 69 ? 3.550   14.711  0.704   1.00 19.48 ? 69   GLU A CA  1 
ATOM   558 C  C   . GLU A 1 69 ? 4.434   14.714  1.944   1.00 18.01 ? 69   GLU A C   1 
ATOM   559 O  O   . GLU A 1 69 ? 5.046   13.685  2.258   1.00 18.62 ? 69   GLU A O   1 
ATOM   560 C  CB  . GLU A 1 69 ? 4.393   15.016  -0.544  1.00 20.48 ? 69   GLU A CB  1 
ATOM   561 C  CG  . GLU A 1 69 ? 3.582   14.819  -1.821  1.00 24.58 ? 69   GLU A CG  1 
ATOM   562 C  CD  . GLU A 1 69 ? 4.295   15.200  -3.115  1.00 27.22 ? 69   GLU A CD  1 
ATOM   563 O  OE1 . GLU A 1 69 ? 5.540   15.357  -3.131  1.00 35.09 ? 69   GLU A OE1 1 
ATOM   564 O  OE2 . GLU A 1 69 ? 3.574   15.332  -4.135  1.00 34.87 ? 69   GLU A OE2 1 
ATOM   565 N  N   . ARG A 1 70 ? 4.506   15.841  2.654   1.00 17.20 ? 70   ARG A N   1 
ATOM   566 C  CA  . ARG A 1 70 ? 5.279   15.850  3.892   1.00 16.69 ? 70   ARG A CA  1 
ATOM   567 C  C   . ARG A 1 70 ? 4.641   14.898  4.885   1.00 16.31 ? 70   ARG A C   1 
ATOM   568 O  O   . ARG A 1 70 ? 5.355   14.138  5.581   1.00 16.42 ? 70   ARG A O   1 
ATOM   569 C  CB  . ARG A 1 70 ? 5.362   17.260  4.515   1.00 17.32 ? 70   ARG A CB  1 
ATOM   570 C  CG  . ARG A 1 70 ? 6.073   18.240  3.662   1.00 18.89 ? 70   ARG A CG  1 
ATOM   571 C  CD  . ARG A 1 70 ? 6.081   19.594  4.358   1.00 18.12 ? 70   ARG A CD  1 
ATOM   572 N  NE  . ARG A 1 70 ? 7.098   19.640  5.410   1.00 18.01 ? 70   ARG A NE  1 
ATOM   573 C  CZ  . ARG A 1 70 ? 6.900   19.861  6.722   1.00 17.61 ? 70   ARG A CZ  1 
ATOM   574 N  NH1 . ARG A 1 70 ? 5.693   20.053  7.236   1.00 17.69 ? 70   ARG A NH1 1 
ATOM   575 N  NH2 . ARG A 1 70 ? 7.966   19.864  7.530   1.00 17.50 ? 70   ARG A NH2 1 
ATOM   576 N  N   . GLU A 1 71 ? 3.310   14.939  5.019   1.00 15.66 ? 71   GLU A N   1 
ATOM   577 C  CA  . GLU A 1 71 ? 2.671   14.033  5.981   1.00 14.69 ? 71   GLU A CA  1 
ATOM   578 C  C   . GLU A 1 71 ? 2.860   12.573  5.524   1.00 14.79 ? 71   GLU A C   1 
ATOM   579 O  O   . GLU A 1 71 ? 3.046   11.687  6.376   1.00 15.99 ? 71   GLU A O   1 
ATOM   580 C  CB  . GLU A 1 71 ? 1.181   14.329  6.128   1.00 15.65 ? 71   GLU A CB  1 
ATOM   581 C  CG  . GLU A 1 71 ? 0.626   13.583  7.325   1.00 17.31 ? 71   GLU A CG  1 
ATOM   582 C  CD  . GLU A 1 71 ? -0.848  13.769  7.623   1.00 16.91 ? 71   GLU A CD  1 
ATOM   583 O  OE1 . GLU A 1 71 ? -1.587  14.354  6.791   1.00 19.88 ? 71   GLU A OE1 1 
ATOM   584 O  OE2 . GLU A 1 71 ? -1.251  13.236  8.695   1.00 20.69 ? 71   GLU A OE2 1 
ATOM   585 N  N   . ALA A 1 72 ? 2.779   12.333  4.209   1.00 15.10 ? 72   ALA A N   1 
ATOM   586 C  CA  . ALA A 1 72 ? 2.959   10.942  3.717   1.00 15.13 ? 72   ALA A CA  1 
ATOM   587 C  C   . ALA A 1 72 ? 4.333   10.424  4.141   1.00 15.00 ? 72   ALA A C   1 
ATOM   588 O  O   . ALA A 1 72 ? 4.465   9.260   4.555   1.00 15.77 ? 72   ALA A O   1 
ATOM   589 C  CB  . ALA A 1 72 ? 2.795   10.864  2.204   1.00 16.63 ? 72   ALA A CB  1 
ATOM   590 N  N   . PHE A 1 73 ? 5.352   11.276  4.018   1.00 15.02 ? 73   PHE A N   1 
ATOM   591 C  CA  . PHE A 1 73 ? 6.721   10.847  4.327   1.00 15.95 ? 73   PHE A CA  1 
ATOM   592 C  C   . PHE A 1 73 ? 6.828   10.402  5.778   1.00 15.53 ? 73   PHE A C   1 
ATOM   593 O  O   . PHE A 1 73 ? 7.345   9.314   6.066   1.00 16.86 ? 73   PHE A O   1 
ATOM   594 C  CB  . PHE A 1 73 ? 7.706   12.005  4.061   1.00 16.86 ? 73   PHE A CB  1 
ATOM   595 C  CG  . PHE A 1 73 ? 9.148   11.623  4.267   1.00 17.76 ? 73   PHE A CG  1 
ATOM   596 C  CD1 . PHE A 1 73 ? 9.883   11.097  3.213   1.00 20.04 ? 73   PHE A CD1 1 
ATOM   597 C  CD2 . PHE A 1 73 ? 9.729   11.745  5.511   1.00 19.30 ? 73   PHE A CD2 1 
ATOM   598 C  CE1 . PHE A 1 73 ? 11.236  10.717  3.410   1.00 21.59 ? 73   PHE A CE1 1 
ATOM   599 C  CE2 . PHE A 1 73 ? 11.056  11.386  5.727   1.00 21.40 ? 73   PHE A CE2 1 
ATOM   600 C  CZ  . PHE A 1 73 ? 11.796  10.852  4.668   1.00 21.79 ? 73   PHE A CZ  1 
ATOM   601 N  N   . ILE A 1 74 ? 6.377   11.246  6.714   1.00 15.38 ? 74   ILE A N   1 
ATOM   602 C  CA  . ILE A 1 74 ? 6.553   10.927  8.141   1.00 15.77 ? 74   ILE A CA  1 
ATOM   603 C  C   . ILE A 1 74 ? 5.583   9.802   8.582   1.00 16.05 ? 74   ILE A C   1 
ATOM   604 O  O   . ILE A 1 74 ? 5.952   8.938   9.393   1.00 17.09 ? 74   ILE A O   1 
ATOM   605 C  CB  . ILE A 1 74 ? 6.505   12.194  9.065   1.00 15.24 ? 74   ILE A CB  1 
ATOM   606 C  CG1 . ILE A 1 74 ? 6.693   11.768  10.522  1.00 17.95 ? 74   ILE A CG1 1 
ATOM   607 C  CG2 . ILE A 1 74 ? 5.207   12.985  8.880   1.00 16.69 ? 74   ILE A CG2 1 
ATOM   608 C  CD1 . ILE A 1 74 ? 8.055   11.295  10.838  1.00 27.40 ? 74   ILE A CD1 1 
ATOM   609 N  N   . LEU A 1 75 ? 4.337   9.823   8.091   1.00 15.41 ? 75   LEU A N   1 
ATOM   610 C  CA  . LEU A 1 75 ? 3.414   8.768   8.506   1.00 15.28 ? 75   LEU A CA  1 
ATOM   611 C  C   . LEU A 1 75 ? 3.924   7.412   8.010   1.00 15.35 ? 75   LEU A C   1 
ATOM   612 O  O   . LEU A 1 75 ? 3.881   6.425   8.763   1.00 15.68 ? 75   LEU A O   1 
ATOM   613 C  CB  . LEU A 1 75 ? 2.018   9.026   7.949   1.00 15.25 ? 75   LEU A CB  1 
ATOM   614 C  CG  . LEU A 1 75 ? 0.964   7.936   8.233   1.00 15.14 ? 75   LEU A CG  1 
ATOM   615 C  CD1 . LEU A 1 75 ? 0.775   7.781   9.731   1.00 17.64 ? 75   LEU A CD1 1 
ATOM   616 C  CD2 . LEU A 1 75 ? -0.362  8.305   7.555   1.00 17.31 ? 75   LEU A CD2 1 
ATOM   617 N  N   . GLU A 1 76 ? 4.399   7.337   6.767   1.00 15.17 ? 76   GLU A N   1 
ATOM   618 C  CA  . GLU A 1 76 ? 4.898   6.038   6.280   1.00 15.19 ? 76   GLU A CA  1 
ATOM   619 C  C   . GLU A 1 76 ? 6.068   5.566   7.136   1.00 15.84 ? 76   GLU A C   1 
ATOM   620 O  O   . GLU A 1 76 ? 6.102   4.398   7.521   1.00 16.44 ? 76   GLU A O   1 
ATOM   621 C  CB  . GLU A 1 76 ? 5.361   6.155   4.827   1.00 15.56 ? 76   GLU A CB  1 
ATOM   622 C  CG  . GLU A 1 76 ? 5.753   4.781   4.244   1.00 15.64 ? 76   GLU A CG  1 
ATOM   623 C  CD  . GLU A 1 76 ? 6.842   4.847   3.188   1.00 17.10 ? 76   GLU A CD  1 
ATOM   624 O  OE1 . GLU A 1 76 ? 7.618   5.838   3.151   1.00 20.28 ? 76   GLU A OE1 1 
ATOM   625 O  OE2 . GLU A 1 76 ? 6.953   3.900   2.377   1.00 17.31 ? 76   GLU A OE2 1 
ATOM   626 N  N   . ALA A 1 77 ? 7.006   6.475   7.444   1.00 16.63 ? 77   ALA A N   1 
ATOM   627 C  CA  . ALA A 1 77 ? 8.160   6.073   8.255   1.00 17.97 ? 77   ALA A CA  1 
ATOM   628 C  C   . ALA A 1 77 ? 7.725   5.576   9.618   1.00 18.29 ? 77   ALA A C   1 
ATOM   629 O  O   . ALA A 1 77 ? 8.252   4.557   10.128  1.00 19.42 ? 77   ALA A O   1 
ATOM   630 C  CB  . ALA A 1 77 ? 9.131   7.232   8.402   1.00 18.41 ? 77   ALA A CB  1 
ATOM   631 N  N   . ASN A 1 78 ? 6.784   6.295   10.237  1.00 18.40 ? 78   ASN A N   1 
ATOM   632 C  CA  . ASN A 1 78 ? 6.319   5.901   11.561  1.00 19.66 ? 78   ASN A CA  1 
ATOM   633 C  C   . ASN A 1 78 ? 5.642   4.554   11.531  1.00 18.94 ? 78   ASN A C   1 
ATOM   634 O  O   . ASN A 1 78 ? 5.869   3.727   12.419  1.00 19.78 ? 78   ASN A O   1 
ATOM   635 C  CB  . ASN A 1 78 ? 5.352   6.928   12.128  1.00 20.93 ? 78   ASN A CB  1 
ATOM   636 C  CG  . ASN A 1 78 ? 6.072   8.142   12.615  1.00 25.49 ? 78   ASN A CG  1 
ATOM   637 O  OD1 . ASN A 1 78 ? 7.318   8.139   12.755  1.00 27.28 ? 78   ASN A OD1 1 
ATOM   638 N  ND2 . ASN A 1 78 ? 5.314   9.198   12.865  1.00 28.76 ? 78   ASN A ND2 1 
ATOM   639 N  N   . LEU A 1 79 ? 4.825   4.304   10.504  1.00 17.35 ? 79   LEU A N   1 
ATOM   640 C  CA  . LEU A 1 79 ? 4.107   3.017   10.488  1.00 17.26 ? 79   LEU A CA  1 
ATOM   641 C  C   . LEU A 1 79 ? 5.038   1.841   10.179  1.00 17.60 ? 79   LEU A C   1 
ATOM   642 O  O   . LEU A 1 79 ? 4.862   0.750   10.723  1.00 18.65 ? 79   LEU A O   1 
ATOM   643 C  CB  . LEU A 1 79 ? 2.959   3.059   9.485   1.00 17.13 ? 79   LEU A CB  1 
ATOM   644 C  CG  . LEU A 1 79 ? 1.848   4.022   9.865   1.00 16.82 ? 79   LEU A CG  1 
ATOM   645 C  CD1 . LEU A 1 79 ? 0.781   4.022   8.758   1.00 20.66 ? 79   LEU A CD1 1 
ATOM   646 C  CD2 . LEU A 1 79 ? 1.239   3.705   11.252  1.00 22.42 ? 79   LEU A CD2 1 
ATOM   647 N  N   . ILE A 1 80 ? 6.028   2.063   9.327   1.00 17.12 ? 80   ILE A N   1 
ATOM   648 C  CA  . ILE A 1 80 ? 7.026   0.987   9.063   1.00 18.11 ? 80   ILE A CA  1 
ATOM   649 C  C   . ILE A 1 80 ? 7.785   0.678   10.347  1.00 19.83 ? 80   ILE A C   1 
ATOM   650 O  O   . ILE A 1 80 ? 8.039   -0.486  10.662  1.00 20.94 ? 80   ILE A O   1 
ATOM   651 C  CB  . ILE A 1 80 ? 7.972   1.413   7.940   1.00 17.54 ? 80   ILE A CB  1 
ATOM   652 C  CG1 . ILE A 1 80 ? 7.236   1.392   6.591   1.00 17.71 ? 80   ILE A CG1 1 
ATOM   653 C  CG2 . ILE A 1 80 ? 9.213   0.511   7.882   1.00 19.41 ? 80   ILE A CG2 1 
ATOM   654 C  CD1 . ILE A 1 80 ? 8.005   2.053   5.467   1.00 18.15 ? 80   ILE A CD1 1 
ATOM   655 N  N   . LYS A 1 81 ? 8.165   1.712   11.096  1.00 20.85 ? 81   LYS A N   1 
ATOM   656 C  CA  . LYS A 1 81 ? 8.884   1.484   12.374  1.00 23.41 ? 81   LYS A CA  1 
ATOM   657 C  C   . LYS A 1 81 ? 8.020   0.743   13.372  1.00 23.41 ? 81   LYS A C   1 
ATOM   658 O  O   . LYS A 1 81 ? 8.525   -0.134  14.127  1.00 25.78 ? 81   LYS A O   1 
ATOM   659 C  CB  . LYS A 1 81 ? 9.382   2.824   12.954  1.00 23.33 ? 81   LYS A CB  1 
ATOM   660 C  CG  . LYS A 1 81 ? 10.581  3.353   12.213  1.00 28.17 ? 81   LYS A CG  1 
ATOM   661 C  CD  . LYS A 1 81 ? 11.127  4.659   12.813  1.00 29.10 ? 81   LYS A CD  1 
ATOM   662 C  CE  . LYS A 1 81 ? 10.683  5.839   11.985  1.00 34.90 ? 81   LYS A CE  1 
ATOM   663 N  NZ  . LYS A 1 81 ? 11.501  7.063   12.234  1.00 39.20 ? 81   LYS A NZ  1 
ATOM   664 N  N   . LYS A 1 82 ? 6.737   1.056   13.403  1.00 23.00 ? 82   LYS A N   1 
ATOM   665 C  CA  . LYS A 1 82 ? 5.808   0.444   14.345  1.00 24.49 ? 82   LYS A CA  1 
ATOM   666 C  C   . LYS A 1 82 ? 5.539   -1.026  14.033  1.00 23.96 ? 82   LYS A C   1 
ATOM   667 O  O   . LYS A 1 82 ? 5.525   -1.875  14.944  1.00 26.14 ? 82   LYS A O   1 
ATOM   668 C  CB  . LYS A 1 82 ? 4.484   1.207   14.326  1.00 24.87 ? 82   LYS A CB  1 
ATOM   669 C  CG  . LYS A 1 82 ? 3.399   0.623   15.238  1.00 27.25 ? 82   LYS A CG  1 
ATOM   670 C  CD  . LYS A 1 82 ? 2.167   1.490   15.295  1.00 29.16 ? 82   LYS A CD  1 
ATOM   671 C  CE  . LYS A 1 82 ? 1.086   0.779   16.118  1.00 35.97 ? 82   LYS A CE  1 
ATOM   672 N  NZ  . LYS A 1 82 ? -0.129  1.626   16.268  1.00 39.73 ? 82   LYS A NZ  1 
ATOM   673 N  N   . TYR A 1 83 ? 5.333   -1.328  12.750  1.00 22.77 ? 83   TYR A N   1 
ATOM   674 C  CA  . TYR A 1 83 ? 4.829   -2.639  12.371  1.00 23.10 ? 83   TYR A CA  1 
ATOM   675 C  C   . TYR A 1 83 ? 5.895   -3.556  11.771  1.00 22.94 ? 83   TYR A C   1 
ATOM   676 O  O   . TYR A 1 83 ? 5.677   -4.778  11.713  1.00 24.80 ? 83   TYR A O   1 
ATOM   677 C  CB  . TYR A 1 83 ? 3.664   -2.497  11.383  1.00 23.07 ? 83   TYR A CB  1 
ATOM   678 C  CG  . TYR A 1 83 ? 2.396   -1.977  12.001  1.00 23.59 ? 83   TYR A CG  1 
ATOM   679 C  CD1 . TYR A 1 83 ? 1.944   -0.693  11.710  1.00 24.13 ? 83   TYR A CD1 1 
ATOM   680 C  CD2 . TYR A 1 83 ? 1.658   -2.750  12.899  1.00 25.73 ? 83   TYR A CD2 1 
ATOM   681 C  CE1 . TYR A 1 83 ? 0.769   -0.187  12.282  1.00 26.80 ? 83   TYR A CE1 1 
ATOM   682 C  CE2 . TYR A 1 83 ? 0.488   -2.270  13.469  1.00 26.64 ? 83   TYR A CE2 1 
ATOM   683 C  CZ  . TYR A 1 83 ? 0.045   -0.989  13.177  1.00 28.07 ? 83   TYR A CZ  1 
ATOM   684 O  OH  . TYR A 1 83 ? -1.128  -0.517  13.756  1.00 32.22 ? 83   TYR A OH  1 
ATOM   685 N  N   . ARG A 1 84 ? 7.010   -2.999  11.300  1.00 22.17 ? 84   ARG A N   1 
ATOM   686 C  CA  . ARG A 1 84 ? 8.093   -3.756  10.658  1.00 22.86 ? 84   ARG A CA  1 
ATOM   687 C  C   . ARG A 1 84 ? 7.548   -4.848  9.729   1.00 21.22 ? 84   ARG A C   1 
ATOM   688 O  O   . ARG A 1 84 ? 7.776   -6.067  9.940   1.00 22.95 ? 84   ARG A O   1 
ATOM   689 C  CB  . ARG A 1 84 ? 9.064   -4.313  11.721  1.00 23.97 ? 84   ARG A CB  1 
ATOM   690 C  CG  . ARG A 1 84 ? 9.821   -3.188  12.420  1.00 26.87 ? 84   ARG A CG  1 
ATOM   691 C  CD  . ARG A 1 84 ? 10.704  -2.429  11.429  1.00 33.15 ? 84   ARG A CD  1 
ATOM   692 N  NE  . ARG A 1 84 ? 11.558  -1.419  12.058  1.00 36.98 ? 84   ARG A NE  1 
ATOM   693 C  CZ  . ARG A 1 84 ? 12.289  -0.525  11.389  1.00 37.64 ? 84   ARG A CZ  1 
ATOM   694 N  NH1 . ARG A 1 84 ? 12.281  -0.502  10.061  1.00 39.17 ? 84   ARG A NH1 1 
ATOM   695 N  NH2 . ARG A 1 84 ? 13.034  0.352   12.059  1.00 39.99 ? 84   ARG A NH2 1 
ATOM   696 N  N   . PRO A 1 85 ? 6.821   -4.434  8.685   1.00 19.65 ? 85   PRO A N   1 
ATOM   697 C  CA  . PRO A 1 85 ? 6.109   -5.444  7.871   1.00 18.51 ? 85   PRO A CA  1 
ATOM   698 C  C   . PRO A 1 85 ? 7.064   -6.347  7.112   1.00 18.72 ? 85   PRO A C   1 
ATOM   699 O  O   . PRO A 1 85 ? 8.151   -5.907  6.728   1.00 18.86 ? 85   PRO A O   1 
ATOM   700 C  CB  . PRO A 1 85 ? 5.283   -4.597  6.902   1.00 18.58 ? 85   PRO A CB  1 
ATOM   701 C  CG  . PRO A 1 85 ? 5.166   -3.230  7.617   1.00 17.94 ? 85   PRO A CG  1 
ATOM   702 C  CD  . PRO A 1 85 ? 6.545   -3.063  8.196   1.00 18.95 ? 85   PRO A CD  1 
ATOM   703 N  N   . LYS A 1 86 ? 6.628   -7.586  6.848   1.00 18.88 ? 86   LYS A N   1 
ATOM   704 C  CA  . LYS A 1 86 ? 7.558   -8.566  6.278   1.00 19.91 ? 86   LYS A CA  1 
ATOM   705 C  C   . LYS A 1 86 ? 8.240   -8.170  4.988   1.00 19.11 ? 86   LYS A C   1 
ATOM   706 O  O   . LYS A 1 86 ? 9.398   -8.558  4.763   1.00 21.00 ? 86   LYS A O   1 
ATOM   707 C  CB  . LYS A 1 86 ? 6.910   -9.941  6.143   1.00 22.70 ? 86   LYS A CB  1 
ATOM   708 C  CG  . LYS A 1 86 ? 5.923   -10.097 5.055   1.00 22.88 ? 86   LYS A CG  1 
ATOM   709 C  CD  . LYS A 1 86 ? 5.222   -11.502 5.045   1.00 20.23 ? 86   LYS A CD  1 
ATOM   710 C  CE  . LYS A 1 86 ? 6.019   -12.608 4.337   1.00 20.13 ? 86   LYS A CE  1 
ATOM   711 N  NZ  . LYS A 1 86 ? 5.175   -13.827 4.201   1.00 19.12 ? 86   LYS A NZ  1 
ATOM   712 N  N   . TYR A 1 87 ? 7.550   -7.425  4.110   1.00 17.64 ? 87   TYR A N   1 
ATOM   713 C  CA  . TYR A 1 87 ? 8.132   -7.050  2.819   1.00 17.45 ? 87   TYR A CA  1 
ATOM   714 C  C   . TYR A 1 87 ? 8.835   -5.687  2.799   1.00 18.03 ? 87   TYR A C   1 
ATOM   715 O  O   . TYR A 1 87 ? 9.374   -5.294  1.755   1.00 19.64 ? 87   TYR A O   1 
ATOM   716 C  CB  . TYR A 1 87 ? 7.090   -7.127  1.690   1.00 16.88 ? 87   TYR A CB  1 
ATOM   717 C  CG  . TYR A 1 87 ? 6.632   -8.550  1.395   1.00 15.75 ? 87   TYR A CG  1 
ATOM   718 C  CD1 . TYR A 1 87 ? 7.515   -9.482  0.808   1.00 15.97 ? 87   TYR A CD1 1 
ATOM   719 C  CD2 . TYR A 1 87 ? 5.338   -8.954  1.702   1.00 16.02 ? 87   TYR A CD2 1 
ATOM   720 C  CE1 . TYR A 1 87 ? 7.083   -10.760 0.527   1.00 16.50 ? 87   TYR A CE1 1 
ATOM   721 C  CE2 . TYR A 1 87 ? 4.893   -10.244 1.446   1.00 16.09 ? 87   TYR A CE2 1 
ATOM   722 C  CZ  . TYR A 1 87 ? 5.781   -11.143 0.848   1.00 15.71 ? 87   TYR A CZ  1 
ATOM   723 O  OH  . TYR A 1 87 ? 5.377   -12.440 0.567   1.00 17.49 ? 87   TYR A OH  1 
ATOM   724 N  N   . ASN A 1 88 ? 8.844   -4.987  3.933   1.00 17.18 ? 88   ASN A N   1 
ATOM   725 C  CA  . ASN A 1 88 ? 9.621   -3.736  4.004   1.00 18.46 ? 88   ASN A CA  1 
ATOM   726 C  C   . ASN A 1 88 ? 11.055  -4.063  4.402   1.00 21.35 ? 88   ASN A C   1 
ATOM   727 O  O   . ASN A 1 88 ? 11.296  -4.863  5.295   1.00 23.43 ? 88   ASN A O   1 
ATOM   728 C  CB  . ASN A 1 88 ? 8.996   -2.779  5.021   1.00 17.55 ? 88   ASN A CB  1 
ATOM   729 C  CG  . ASN A 1 88 ? 7.730   -2.127  4.490   1.00 16.28 ? 88   ASN A CG  1 
ATOM   730 O  OD1 . ASN A 1 88 ? 6.640   -2.624  4.729   1.00 17.01 ? 88   ASN A OD1 1 
ATOM   731 N  ND2 . ASN A 1 88 ? 7.882   -1.026  3.763   1.00 17.82 ? 88   ASN A ND2 1 
ATOM   732 N  N   . VAL A 1 89 ? 11.980  -3.401  3.757   1.00 25.40 ? 89   VAL A N   1 
ATOM   733 C  CA  . VAL A 1 89 ? 13.397  -3.665  4.045   1.00 29.55 ? 89   VAL A CA  1 
ATOM   734 C  C   . VAL A 1 89 ? 13.834  -2.971  5.326   1.00 31.07 ? 89   VAL A C   1 
ATOM   735 O  O   . VAL A 1 89 ? 13.133  -2.159  5.936   1.00 32.65 ? 89   VAL A O   1 
ATOM   736 C  CB  . VAL A 1 89 ? 14.280  -3.213  2.890   1.00 31.20 ? 89   VAL A CB  1 
ATOM   737 C  CG1 . VAL A 1 89 ? 13.991  -4.036  1.650   1.00 33.27 ? 89   VAL A CG1 1 
ATOM   738 C  CG2 . VAL A 1 89 ? 14.114  -1.748  2.631   1.00 33.62 ? 89   VAL A CG2 1 
HETATM 739 MN MN  . MN  B 2 .  ? 8.375   3.286   0.991   1.00 19.64 ? 2001 MN  A MN  1 
HETATM 740 MN MN  . MN  C 2 .  ? 3.587   20.082  1.473   1.00 35.36 ? 2002 MN  A MN  1 
HETATM 741 MN MN  . MN  D 2 .  ? 12.903  -9.524  -10.628 1.00 54.17 ? 2003 MN  A MN  1 
HETATM 742 MN MN  . MN  E 2 .  ? -8.732  -3.105  8.364   1.00 40.17 ? 2004 MN  A MN  1 
HETATM 743 C  C1  . GOL F 3 .  ? -2.285  -1.257  10.600  1.00 42.62 ? 1001 GOL A C1  1 
HETATM 744 O  O1  . GOL F 3 .  ? -2.890  -2.525  10.751  1.00 42.50 ? 1001 GOL A O1  1 
HETATM 745 C  C2  . GOL F 3 .  ? -3.256  -0.120  10.903  1.00 44.08 ? 1001 GOL A C2  1 
HETATM 746 O  O2  . GOL F 3 .  ? -4.525  -0.429  10.358  1.00 44.56 ? 1001 GOL A O2  1 
HETATM 747 C  C3  . GOL F 3 .  ? -2.710  1.162   10.276  1.00 43.42 ? 1001 GOL A C3  1 
HETATM 748 O  O3  . GOL F 3 .  ? -2.501  2.201   11.218  1.00 46.90 ? 1001 GOL A O3  1 
HETATM 749 O  O   . HOH G 4 .  ? 2.785   8.276   -6.800  1.00 21.78 ? 2005 HOH A O   1 
HETATM 750 O  O   . HOH G 4 .  ? -9.558  -4.779  1.056   1.00 21.59 ? 2006 HOH A O   1 
HETATM 751 O  O   . HOH G 4 .  ? 6.893   3.829   -0.758  1.00 17.43 ? 2007 HOH A O   1 
HETATM 752 O  O   . HOH G 4 .  ? 11.048  -1.986  1.086   1.00 21.90 ? 2008 HOH A O   1 
HETATM 753 O  O   . HOH G 4 .  ? 11.666  -8.647  -6.312  1.00 24.09 ? 2009 HOH A O   1 
HETATM 754 O  O   . HOH G 4 .  ? -7.204  10.500  6.512   1.00 19.52 ? 2010 HOH A O   1 
HETATM 755 O  O   . HOH G 4 .  ? -8.134  4.835   -1.351  1.00 26.90 ? 2011 HOH A O   1 
HETATM 756 O  O   . HOH G 4 .  ? 9.942   -4.279  -5.668  1.00 25.23 ? 2012 HOH A O   1 
HETATM 757 O  O   . HOH G 4 .  ? 8.961   7.796   4.399   1.00 21.98 ? 2013 HOH A O   1 
HETATM 758 O  O   . HOH G 4 .  ? -8.308  7.943   4.569   1.00 22.95 ? 2014 HOH A O   1 
HETATM 759 O  O   . HOH G 4 .  ? 12.415  -13.834 -6.333  1.00 25.16 ? 2015 HOH A O   1 
HETATM 760 O  O   . HOH G 4 .  ? -4.710  -10.584 -2.783  1.00 23.66 ? 2016 HOH A O   1 
HETATM 761 O  O   . HOH G 4 .  ? 4.446   -8.690  8.385   1.00 25.26 ? 2017 HOH A O   1 
HETATM 762 O  O   . HOH G 4 .  ? 10.678  0.002   3.195   1.00 25.16 ? 2018 HOH A O   1 
HETATM 763 O  O   . HOH G 4 .  ? 4.876   -3.043  -10.318 1.00 21.91 ? 2019 HOH A O   1 
HETATM 764 O  O   . HOH G 4 .  ? -6.257  -8.475  7.080   1.00 27.30 ? 2020 HOH A O   1 
HETATM 765 O  O   . HOH G 4 .  ? -9.993  6.652   -0.280  1.00 27.51 ? 2021 HOH A O   1 
HETATM 766 O  O   . HOH G 4 .  ? 9.701   2.537   -0.566  1.00 24.79 ? 2022 HOH A O   1 
HETATM 767 O  O   . HOH G 4 .  ? -8.870  1.756   3.805   1.00 27.81 ? 2023 HOH A O   1 
HETATM 768 O  O   . HOH G 4 .  ? -9.723  3.095   -2.791  1.00 31.71 ? 2024 HOH A O   1 
HETATM 769 O  O   . HOH G 4 .  ? 12.565  -10.977 -5.067  1.00 27.40 ? 2025 HOH A O   1 
HETATM 770 O  O   . HOH G 4 .  ? 9.985   2.740   2.415   1.00 23.27 ? 2026 HOH A O   1 
HETATM 771 O  O   . HOH G 4 .  ? 6.495   11.940  0.548   1.00 27.92 ? 2027 HOH A O   1 
HETATM 772 O  O   . HOH G 4 .  ? 0.080   11.557  10.220  1.00 30.63 ? 2028 HOH A O   1 
HETATM 773 O  O   . HOH G 4 .  ? 7.529   -7.788  -14.718 1.00 27.06 ? 2029 HOH A O   1 
HETATM 774 O  O   . HOH G 4 .  ? -2.136  14.546  10.902  1.00 27.27 ? 2030 HOH A O   1 
HETATM 775 O  O   . HOH G 4 .  ? 7.738   6.245   -2.074  1.00 31.41 ? 2031 HOH A O   1 
HETATM 776 O  O   . HOH G 4 .  ? -4.528  16.988  -1.860  1.00 31.06 ? 2032 HOH A O   1 
HETATM 777 O  O   . HOH G 4 .  ? -12.441 -10.475 -2.920  1.00 31.01 ? 2033 HOH A O   1 
HETATM 778 O  O   . HOH G 4 .  ? -6.984  4.303   -8.713  1.00 28.63 ? 2034 HOH A O   1 
HETATM 779 O  O   . HOH G 4 .  ? -11.354 -12.871 -4.774  1.00 29.85 ? 2035 HOH A O   1 
HETATM 780 O  O   . HOH G 4 .  ? 11.288  -2.254  8.059   1.00 32.21 ? 2036 HOH A O   1 
HETATM 781 O  O   . HOH G 4 .  ? -3.639  -7.366  -13.574 1.00 31.19 ? 2037 HOH A O   1 
HETATM 782 O  O   . HOH G 4 .  ? -8.958  5.759   2.386   1.00 28.03 ? 2038 HOH A O   1 
HETATM 783 O  O   . HOH G 4 .  ? -8.231  17.417  -3.418  1.00 28.92 ? 2039 HOH A O   1 
HETATM 784 O  O   . HOH G 4 .  ? -8.154  7.390   7.163   1.00 28.61 ? 2040 HOH A O   1 
HETATM 785 O  O   . HOH G 4 .  ? -5.679  -14.092 -5.912  1.00 34.17 ? 2041 HOH A O   1 
HETATM 786 O  O   . HOH G 4 .  ? 3.327   -6.119  10.840  1.00 30.65 ? 2042 HOH A O   1 
HETATM 787 O  O   . HOH G 4 .  ? 6.005   8.663   -3.145  1.00 32.51 ? 2043 HOH A O   1 
HETATM 788 O  O   . HOH G 4 .  ? 10.370  -4.614  8.028   1.00 31.20 ? 2044 HOH A O   1 
HETATM 789 O  O   . HOH G 4 .  ? 0.832   -13.075 5.769   1.00 35.94 ? 2045 HOH A O   1 
HETATM 790 O  O   . HOH G 4 .  ? 8.055   -5.898  -16.489 1.00 34.16 ? 2046 HOH A O   1 
HETATM 791 O  O   . HOH G 4 .  ? 2.867   18.108  -1.008  1.00 41.07 ? 2047 HOH A O   1 
HETATM 792 O  O   . HOH G 4 .  ? 3.584   -1.686  -13.578 1.00 36.29 ? 2048 HOH A O   1 
HETATM 793 O  O   . HOH G 4 .  ? 6.603   4.562   15.023  1.00 33.10 ? 2049 HOH A O   1 
HETATM 794 O  O   . HOH G 4 .  ? -8.281  -9.457  -8.961  1.00 37.57 ? 2050 HOH A O   1 
HETATM 795 O  O   . HOH G 4 .  ? 6.401   -2.005  -3.849  1.00 39.62 ? 2051 HOH A O   1 
HETATM 796 O  O   . HOH G 4 .  ? 9.719   9.288   11.796  1.00 38.04 ? 2052 HOH A O   1 
HETATM 797 O  O   . HOH G 4 .  ? 0.804   16.985  -1.673  1.00 40.51 ? 2053 HOH A O   1 
HETATM 798 O  O   . HOH G 4 .  ? -0.264  -12.829 8.532   1.00 43.67 ? 2054 HOH A O   1 
HETATM 799 O  O   . HOH G 4 .  ? -1.360  2.305   13.901  1.00 40.87 ? 2055 HOH A O   1 
HETATM 800 O  O   . HOH G 4 .  ? -3.036  20.054  1.014   1.00 39.54 ? 2056 HOH A O   1 
HETATM 801 O  O   . HOH G 4 .  ? 11.664  -7.574  4.664   1.00 35.81 ? 2057 HOH A O   1 
HETATM 802 O  O   . HOH G 4 .  ? -2.658  -15.108 1.673   1.00 35.18 ? 2058 HOH A O   1 
HETATM 803 O  O   . HOH G 4 .  ? -2.252  -7.232  -17.053 1.00 44.27 ? 2059 HOH A O   1 
HETATM 804 O  O   . HOH G 4 .  ? 11.392  7.165   4.974   1.00 38.56 ? 2060 HOH A O   1 
HETATM 805 O  O   . HOH G 4 .  ? -7.669  -4.935  9.254   1.00 39.99 ? 2061 HOH A O   1 
HETATM 806 O  O   . HOH G 4 .  ? -4.742  -13.699 -3.492  1.00 36.15 ? 2062 HOH A O   1 
HETATM 807 O  O   . HOH G 4 .  ? -7.752  4.043   6.653   1.00 37.84 ? 2063 HOH A O   1 
HETATM 808 O  O   . HOH G 4 .  ? 2.107   -6.472  13.360  1.00 46.40 ? 2064 HOH A O   1 
HETATM 809 O  O   . HOH G 4 .  ? 10.872  3.976   9.067   1.00 46.67 ? 2065 HOH A O   1 
HETATM 810 O  O   . HOH G 4 .  ? 2.826   11.825  -0.975  1.00 39.59 ? 2066 HOH A O   1 
HETATM 811 O  O   . HOH G 4 .  ? 6.615   -0.993  -9.200  1.00 45.70 ? 2067 HOH A O   1 
HETATM 812 O  O   . HOH G 4 .  ? -3.087  -12.911 12.459  1.00 47.04 ? 2068 HOH A O   1 
HETATM 813 O  O   . HOH G 4 .  ? 5.227   10.795  -1.590  1.00 43.60 ? 2069 HOH A O   1 
HETATM 814 O  O   . HOH G 4 .  ? 8.268   -3.403  -3.547  1.00 40.65 ? 2070 HOH A O   1 
HETATM 815 O  O   . HOH G 4 .  ? -9.150  11.588  -7.291  1.00 35.77 ? 2071 HOH A O   1 
HETATM 816 O  O   . HOH G 4 .  ? 6.222   -2.559  -18.109 1.00 49.25 ? 2072 HOH A O   1 
HETATM 817 O  O   . HOH G 4 .  ? 5.660   -0.109  -6.852  1.00 47.99 ? 2073 HOH A O   1 
HETATM 818 O  O   . HOH G 4 .  ? 2.310   10.324  -9.189  1.00 44.10 ? 2074 HOH A O   1 
HETATM 819 O  O   . HOH G 4 .  ? -1.408  20.757  2.995   1.00 44.40 ? 2075 HOH A O   1 
HETATM 820 O  O   . HOH G 4 .  ? 5.493   -17.505 -8.007  0.50 44.67 ? 2076 HOH A O   1 
HETATM 821 O  O   . HOH G 4 .  ? 9.465   -1.819  -1.743  1.00 40.47 ? 2077 HOH A O   1 
HETATM 822 O  O   . HOH G 4 .  ? 13.016  -6.072  9.030   1.00 60.83 ? 2078 HOH A O   1 
HETATM 823 O  O   . HOH G 4 .  ? -9.246  13.648  -5.515  1.00 41.04 ? 2079 HOH A O   1 
HETATM 824 O  O   . HOH G 4 .  ? -5.116  -13.620 -0.122  1.00 45.69 ? 2080 HOH A O   1 
HETATM 825 O  O   . HOH G 4 .  ? -3.138  -15.739 -5.132  1.00 44.03 ? 2081 HOH A O   1 
HETATM 826 O  O   . HOH G 4 .  ? 9.471   -7.963  9.258   1.00 36.83 ? 2082 HOH A O   1 
HETATM 827 O  O   . HOH G 4 .  ? -7.620  -14.441 5.052   1.00 49.05 ? 2083 HOH A O   1 
HETATM 828 O  O   . HOH G 4 .  ? 10.939  9.051   0.117   1.00 44.77 ? 2084 HOH A O   1 
HETATM 829 O  O   . HOH G 4 .  ? 12.288  -5.788  -5.285  1.00 44.49 ? 2085 HOH A O   1 
HETATM 830 O  O   . HOH G 4 .  ? 0.824   14.722  -4.173  1.00 45.03 ? 2086 HOH A O   1 
HETATM 831 O  O   . HOH G 4 .  ? 13.068  -10.785 -12.350 1.00 44.04 ? 2087 HOH A O   1 
HETATM 832 O  O   . HOH G 4 .  ? -8.678  -4.523  -13.781 1.00 42.81 ? 2088 HOH A O   1 
HETATM 833 O  O   . HOH G 4 .  ? -1.714  17.875  -1.406  1.00 48.64 ? 2089 HOH A O   1 
HETATM 834 O  O   . HOH G 4 .  ? -10.467 -4.049  8.846   1.00 43.70 ? 2090 HOH A O   1 
HETATM 835 O  O   . HOH G 4 .  ? -5.507  -5.186  12.031  1.00 53.13 ? 2091 HOH A O   1 
HETATM 836 O  O   . HOH G 4 .  ? 7.265   2.632   17.064  1.00 45.68 ? 2092 HOH A O   1 
HETATM 837 O  O   . HOH G 4 .  ? -2.546  -2.078  15.326  1.00 50.59 ? 2093 HOH A O   1 
HETATM 838 O  O   . HOH G 4 .  ? 1.434   11.794  13.076  1.00 38.57 ? 2094 HOH A O   1 
HETATM 839 O  O   . HOH G 4 .  ? -5.251  3.168   10.433  1.00 51.62 ? 2095 HOH A O   1 
HETATM 840 O  O   . HOH G 4 .  ? 4.360   3.532   -9.297  1.00 53.33 ? 2096 HOH A O   1 
HETATM 841 O  O   . HOH G 4 .  ? -5.281  -15.103 4.362   1.00 57.29 ? 2097 HOH A O   1 
HETATM 842 O  O   . HOH G 4 .  ? 6.143   1.646   -2.111  1.00 35.89 ? 2098 HOH A O   1 
HETATM 843 O  O   . HOH G 4 .  ? -7.760  -13.273 -9.344  1.00 57.82 ? 2099 HOH A O   1 
HETATM 844 O  O   . HOH G 4 .  ? -4.677  0.868   -14.392 1.00 53.56 ? 2100 HOH A O   1 
HETATM 845 O  O   . HOH G 4 .  ? -8.898  -2.085  10.219  1.00 43.93 ? 2101 HOH A O   1 
HETATM 846 O  O   . HOH G 4 .  ? 10.088  -15.937 -7.997  1.00 39.00 ? 2102 HOH A O   1 
HETATM 847 O  O   . HOH G 4 .  ? 4.937   18.261  -2.603  1.00 59.64 ? 2103 HOH A O   1 
HETATM 848 O  O   . HOH G 4 .  ? 4.943   8.066   -5.347  1.00 47.65 ? 2104 HOH A O   1 
HETATM 849 O  O   . HOH G 4 .  ? -2.703  -16.484 4.170   1.00 51.50 ? 2105 HOH A O   1 
HETATM 850 O  O   . HOH G 4 .  ? -11.728 3.969   -0.934  1.00 47.33 ? 2106 HOH A O   1 
HETATM 851 O  O   . HOH G 4 .  ? -6.871  -2.076  8.014   1.00 37.92 ? 2107 HOH A O   1 
HETATM 852 O  O   . HOH G 4 .  ? 8.822   6.284   15.186  1.00 55.72 ? 2108 HOH A O   1 
HETATM 853 O  O   . HOH G 4 .  ? 3.255   -5.300  15.305  1.00 57.19 ? 2109 HOH A O   1 
HETATM 854 O  O   . HOH G 4 .  ? -9.786  -1.325  7.528   1.00 45.19 ? 2110 HOH A O   1 
HETATM 855 O  O   . HOH G 4 .  ? -0.318  -16.466 0.223   1.00 49.55 ? 2111 HOH A O   1 
HETATM 856 O  O   . HOH G 4 .  ? -10.077 -2.810  4.739   1.00 54.05 ? 2112 HOH A O   1 
HETATM 857 O  O   . HOH G 4 .  ? 8.246   0.510   18.071  1.00 64.52 ? 2113 HOH A O   1 
HETATM 858 O  O   . HOH G 4 .  ? -5.289  -5.333  -14.625 1.00 51.24 ? 2114 HOH A O   1 
HETATM 859 O  O   . HOH G 4 .  ? -1.331  7.431   12.848  1.00 60.48 ? 2115 HOH A O   1 
HETATM 860 O  O   . HOH G 4 .  ? 11.678  -7.724  1.761   1.00 50.80 ? 2116 HOH A O   1 
HETATM 861 O  O   . HOH G 4 .  ? 5.642   0.074   -12.101 1.00 57.06 ? 2117 HOH A O   1 
HETATM 862 O  O   . HOH G 4 .  ? 11.030  4.322   4.457   1.00 55.68 ? 2118 HOH A O   1 
HETATM 863 O  O   . HOH G 4 .  ? -0.547  -6.030  13.686  1.00 52.85 ? 2119 HOH A O   1 
HETATM 864 O  O   . HOH G 4 .  ? 12.813  -4.315  -2.258  1.00 49.44 ? 2120 HOH A O   1 
HETATM 865 O  O   . HOH G 4 .  ? 14.892  0.693   8.537   1.00 58.59 ? 2121 HOH A O   1 
HETATM 866 O  O   . HOH G 4 .  ? 12.298  1.622   -0.451  1.00 60.03 ? 2122 HOH A O   1 
HETATM 867 O  O   . HOH G 4 .  ? 7.611   1.295   1.284   1.00 19.14 ? 2123 HOH A O   1 
HETATM 868 O  O   . HOH G 4 .  ? 6.739   -4.549  15.437  1.00 56.73 ? 2124 HOH A O   1 
HETATM 869 O  O   . HOH G 4 .  ? 11.435  3.958   6.757   1.00 59.61 ? 2125 HOH A O   1 
HETATM 870 O  O   . HOH G 4 .  ? 9.213   5.252   0.969   1.00 25.04 ? 2126 HOH A O   1 
HETATM 871 O  O   . HOH G 4 .  ? -2.546  1.214   17.449  1.00 65.05 ? 2127 HOH A O   1 
HETATM 872 O  O   . HOH G 4 .  ? 11.685  -8.390  -11.980 1.00 45.17 ? 2128 HOH A O   1 
HETATM 873 O  O   . HOH G 4 .  ? 6.012   -8.148  11.017  1.00 54.24 ? 2129 HOH A O   1 
HETATM 874 O  O   . HOH G 4 .  ? 0.207   3.427   -12.417 1.00 48.15 ? 2130 HOH A O   1 
HETATM 875 O  O   . HOH G 4 .  ? 1.315   0.944   -13.739 1.00 55.98 ? 2131 HOH A O   1 
HETATM 876 O  O   . HOH G 4 .  ? 6.891   -13.585 -6.831  1.00 44.68 ? 2132 HOH A O   1 
HETATM 877 O  O   . HOH G 4 .  ? 4.467   -1.672  -7.871  1.00 46.93 ? 2133 HOH A O   1 
HETATM 878 O  O   . HOH G 4 .  ? -10.452 3.864   3.269   1.00 46.96 ? 2134 HOH A O   1 
HETATM 879 O  O   . HOH G 4 .  ? -2.026  4.909   -13.468 1.00 53.43 ? 2135 HOH A O   1 
HETATM 880 O  O   . HOH G 4 .  ? -6.703  -19.076 8.587   1.00 65.13 ? 2136 HOH A O   1 
# 
loop_
_atom_site_anisotrop.id 
_atom_site_anisotrop.type_symbol 
_atom_site_anisotrop.pdbx_label_atom_id 
_atom_site_anisotrop.pdbx_label_alt_id 
_atom_site_anisotrop.pdbx_label_comp_id 
_atom_site_anisotrop.pdbx_label_asym_id 
_atom_site_anisotrop.pdbx_label_seq_id 
_atom_site_anisotrop.pdbx_PDB_ins_code 
_atom_site_anisotrop.U[1][1] 
_atom_site_anisotrop.U[2][2] 
_atom_site_anisotrop.U[3][3] 
_atom_site_anisotrop.U[1][2] 
_atom_site_anisotrop.U[1][3] 
_atom_site_anisotrop.U[2][3] 
_atom_site_anisotrop.pdbx_auth_seq_id 
_atom_site_anisotrop.pdbx_auth_comp_id 
_atom_site_anisotrop.pdbx_auth_asym_id 
_atom_site_anisotrop.pdbx_auth_atom_id 
1   N  N   . MET A 1  ? 0.2626 0.2744 0.3125 0.0113  -0.0016 -0.0685 1    MET A N   
2   C  CA  . MET A 1  ? 0.2457 0.2807 0.3086 0.0105  0.0011  -0.0524 1    MET A CA  
3   C  C   . MET A 1  ? 0.2497 0.2966 0.3167 0.0034  -0.0102 -0.0440 1    MET A C   
4   O  O   . MET A 1  ? 0.2748 0.3115 0.3305 0.0005  -0.0222 -0.0572 1    MET A O   
5   C  CB  . MET A 1  ? 0.2537 0.2705 0.3000 0.0154  0.0056  -0.0532 1    MET A CB  
6   C  CG  . MET A 1  ? 0.2416 0.2377 0.2830 0.0139  0.0077  -0.0654 1    MET A CG  
7   S  SD  . MET A 1  ? 0.2321 0.2940 0.3293 0.0310  -0.0079 -0.0539 1    MET A SD  
8   C  CE  . MET A 1  ? 0.2171 0.2612 0.2965 0.0548  -0.0175 -0.0527 1    MET A CE  
9   N  N   . LYS A 2  ? 0.2253 0.2882 0.3387 -0.0010 0.0034  -0.0430 2    LYS A N   
10  C  CA  . LYS A 2  ? 0.2425 0.3168 0.3552 -0.0115 -0.0032 -0.0281 2    LYS A CA  
11  C  C   . LYS A 2  ? 0.2576 0.3172 0.3556 -0.0117 -0.0042 -0.0299 2    LYS A C   
12  O  O   . LYS A 2  ? 0.2355 0.3021 0.3383 0.0016  -0.0008 -0.0426 2    LYS A O   
13  C  CB  . LYS A 2  ? 0.2677 0.3432 0.3764 -0.0040 0.0117  -0.0210 2    LYS A CB  
14  C  CG  . LYS A 2  ? 0.3420 0.4036 0.4228 0.0006  -0.0011 0.0001  2    LYS A CG  
15  C  CD  . LYS A 2  ? 0.4544 0.4937 0.4623 -0.0067 0.0106  -0.0025 2    LYS A CD  
16  C  CE  . LYS A 2  ? 0.5063 0.5193 0.5361 -0.0011 0.0006  0.0023  2    LYS A CE  
17  N  NZ  . LYS A 2  ? 0.5799 0.5875 0.5693 -0.0099 0.0195  0.0081  2    LYS A NZ  
18  N  N   . GLU A 3  ? 0.2640 0.3302 0.3629 -0.0127 -0.0175 -0.0384 3    GLU A N   
19  C  CA  . GLU A 3  ? 0.2831 0.3369 0.3799 -0.0102 -0.0230 -0.0374 3    GLU A CA  
20  C  C   . GLU A 3  ? 0.2411 0.3239 0.3678 -0.0053 -0.0204 -0.0335 3    GLU A C   
21  O  O   . GLU A 3  ? 0.2295 0.3156 0.3964 -0.0018 -0.0341 -0.0481 3    GLU A O   
22  C  CB  . GLU A 3  ? 0.3147 0.3696 0.3988 -0.0147 -0.0291 -0.0293 3    GLU A CB  
23  C  CG  . GLU A 3  ? 0.4166 0.4397 0.4645 -0.0008 -0.0340 -0.0104 3    GLU A CG  
24  C  CD  . GLU A 3  ? 0.5304 0.5407 0.5319 0.0046  0.0035  0.0049  3    GLU A CD  
25  O  OE1 . GLU A 3  ? 0.5968 0.5755 0.5835 0.0072  -0.0141 -0.0088 3    GLU A OE1 
26  O  OE2 . GLU A 3  ? 0.6124 0.5961 0.6136 0.0012  -0.0041 0.0175  3    GLU A OE2 
27  N  N   . LYS A 4  ? 0.2239 0.3179 0.3737 -0.0037 -0.0162 -0.0407 4    LYS A N   
28  C  CA  . LYS A 4  ? 0.2638 0.3286 0.3712 -0.0033 -0.0073 -0.0334 4    LYS A CA  
29  C  C   . LYS A 4  ? 0.2545 0.3133 0.3650 0.0038  -0.0090 -0.0292 4    LYS A C   
30  O  O   . LYS A 4  ? 0.2539 0.3078 0.3716 0.0097  -0.0037 -0.0584 4    LYS A O   
31  C  CB  . LYS A 4  ? 0.2876 0.3462 0.3690 -0.0017 -0.0023 -0.0238 4    LYS A CB  
32  C  CG  . LYS A 4  ? 0.3806 0.4113 0.4276 0.0082  -0.0058 -0.0060 4    LYS A CG  
33  C  CD  . LYS A 4  ? 0.4937 0.5045 0.4935 0.0024  0.0233  0.0056  4    LYS A CD  
34  C  CE  . LYS A 4  ? 0.4770 0.5274 0.5100 -0.0193 -0.0521 -0.0089 4    LYS A CE  
35  N  NZ  . LYS A 4  ? 0.6072 0.6037 0.5955 0.0222  0.0113  0.0011  4    LYS A NZ  
36  N  N   . ILE A 5  ? 0.2546 0.3030 0.3430 0.0075  0.0035  -0.0411 5    ILE A N   
37  C  CA  . ILE A 5  ? 0.2313 0.2728 0.3133 0.0144  -0.0002 -0.0399 5    ILE A CA  
38  C  C   . ILE A 5  ? 0.2172 0.2712 0.3044 0.0184  -0.0097 -0.0397 5    ILE A C   
39  O  O   . ILE A 5  ? 0.2117 0.2766 0.3034 0.0361  -0.0127 -0.0560 5    ILE A O   
40  C  CB  . ILE A 5  ? 0.2110 0.2565 0.3001 0.0007  -0.0070 -0.0275 5    ILE A CB  
41  C  CG1 . ILE A 5  ? 0.2428 0.3008 0.3056 0.0281  -0.0074 -0.0144 5    ILE A CG1 
42  C  CG2 . ILE A 5  ? 0.2076 0.2530 0.3149 -0.0018 0.0131  -0.0421 5    ILE A CG2 
43  C  CD1 . ILE A 5  ? 0.2669 0.2938 0.3130 0.0386  -0.0207 -0.0095 5    ILE A CD1 
44  N  N   . ARG A 6  ? 0.2123 0.2732 0.3074 0.0233  -0.0114 -0.0538 6    ARG A N   
45  C  CA  . ARG A 6  ? 0.2500 0.2834 0.3100 0.0192  -0.0297 -0.0545 6    ARG A CA  
46  C  C   . ARG A 6  ? 0.2511 0.2831 0.3062 0.0180  -0.0276 -0.0365 6    ARG A C   
47  O  O   . ARG A 6  ? 0.2424 0.2794 0.3094 0.0328  -0.0376 -0.0558 6    ARG A O   
48  C  CB  . ARG A 6  ? 0.2613 0.2971 0.3053 0.0078  -0.0423 -0.0612 6    ARG A CB  
49  C  CG  . ARG A 6  ? 0.2972 0.3216 0.3493 -0.0073 -0.0270 -0.0464 6    ARG A CG  
50  C  CD  . ARG A 6  ? 0.3110 0.3335 0.3313 0.0216  -0.0390 -0.0578 6    ARG A CD  
51  N  NE  . ARG A 6  ? 0.3189 0.3644 0.3631 0.0347  -0.0374 -0.0581 6    ARG A NE  
52  C  CZ  . ARG A 6  ? 0.3296 0.3417 0.3403 0.0261  -0.0235 -0.0330 6    ARG A CZ  
53  N  NH1 . ARG A 6  ? 0.3818 0.3442 0.3494 0.0332  -0.0294 -0.0334 6    ARG A NH1 
54  N  NH2 . ARG A 6  ? 0.3146 0.3349 0.3652 0.0558  -0.0524 -0.0407 6    ARG A NH2 
55  N  N   . LYS A 7  ? 0.2728 0.2977 0.3268 0.0216  -0.0202 -0.0391 7    LYS A N   
56  C  CA  . LYS A 7  ? 0.2854 0.3119 0.3553 0.0275  -0.0106 -0.0272 7    LYS A CA  
57  C  C   . LYS A 7  ? 0.2829 0.3084 0.3422 0.0274  -0.0036 -0.0269 7    LYS A C   
58  O  O   . LYS A 7  ? 0.2756 0.3162 0.3684 0.0343  -0.0028 -0.0421 7    LYS A O   
59  C  CB  . LYS A 7  ? 0.2931 0.3199 0.3729 0.0301  -0.0048 -0.0222 7    LYS A CB  
60  C  CG  . LYS A 7  ? 0.3581 0.3599 0.4294 0.0451  -0.0034 -0.0152 7    LYS A CG  
61  C  CD  . LYS A 7  ? 0.4442 0.4551 0.4919 0.0019  0.0202  -0.0024 7    LYS A CD  
62  C  CE  . LYS A 7  ? 0.5139 0.5144 0.5450 0.0204  -0.0054 0.0026  7    LYS A CE  
63  N  NZ  . LYS A 7  ? 0.5800 0.5520 0.5859 0.0111  0.0047  -0.0072 7    LYS A NZ  
64  N  N   . LYS A 8  ? 0.2640 0.3058 0.3365 0.0245  0.0039  -0.0476 8    LYS A N   
65  C  CA  . LYS A 8  ? 0.2768 0.2954 0.3297 0.0260  -0.0011 -0.0469 8    LYS A CA  
66  C  C   . LYS A 8  ? 0.2635 0.2790 0.3185 0.0375  -0.0020 -0.0434 8    LYS A C   
67  O  O   . LYS A 8  ? 0.2699 0.3023 0.3454 0.0475  0.0022  -0.0425 8    LYS A O   
68  C  CB  . LYS A 8  ? 0.3020 0.3043 0.3247 0.0045  0.0036  -0.0447 8    LYS A CB  
69  C  CG  . LYS A 8  ? 0.3353 0.3221 0.3684 -0.0073 -0.0016 -0.0583 8    LYS A CG  
70  C  CD  . LYS A 8  ? 0.4029 0.4257 0.4234 0.0043  0.0085  -0.0484 8    LYS A CD  
71  C  CE  . LYS A 8  ? 0.4067 0.4203 0.4181 0.0162  -0.0173 -0.0462 8    LYS A CE  
72  N  NZ  . LYS A 8  ? 0.4613 0.5020 0.4766 0.0232  -0.0001 -0.0219 8    LYS A NZ  
73  N  N   . ILE A 9  ? 0.2416 0.2730 0.2876 0.0404  -0.0064 -0.0493 9    ILE A N   
74  C  CA  . ILE A 9  ? 0.2569 0.2631 0.2727 0.0392  -0.0143 -0.0391 9    ILE A CA  
75  C  C   . ILE A 9  ? 0.2679 0.2799 0.2945 0.0318  -0.0157 -0.0320 9    ILE A C   
76  O  O   . ILE A 9  ? 0.2707 0.2971 0.3047 0.0428  -0.0257 -0.0326 9    ILE A O   
77  C  CB  . ILE A 9  ? 0.2407 0.2548 0.2633 0.0400  -0.0128 -0.0366 9    ILE A CB  
78  C  CG1 . ILE A 9  ? 0.2413 0.2413 0.2467 0.0449  -0.0127 -0.0378 9    ILE A CG1 
79  C  CG2 . ILE A 9  ? 0.2520 0.2728 0.2702 0.0265  -0.0213 -0.0196 9    ILE A CG2 
80  C  CD1 . ILE A 9  ? 0.2217 0.2648 0.2836 0.0489  -0.0119 -0.0637 9    ILE A CD1 
81  N  N   . LEU A 10 ? 0.2839 0.2889 0.3095 0.0387  -0.0302 -0.0363 10   LEU A N   
82  C  CA  . LEU A 10 ? 0.2967 0.3036 0.3166 0.0320  -0.0271 -0.0362 10   LEU A CA  
83  C  C   . LEU A 10 ? 0.3021 0.3131 0.3288 0.0336  -0.0270 -0.0301 10   LEU A C   
84  O  O   . LEU A 10 ? 0.3258 0.3288 0.3492 0.0425  -0.0242 -0.0354 10   LEU A O   
85  C  CB  . LEU A 10 ? 0.2888 0.3215 0.3233 0.0280  -0.0375 -0.0418 10   LEU A CB  
86  C  CG  . LEU A 10 ? 0.3118 0.3235 0.3203 0.0198  -0.0234 -0.0417 10   LEU A CG  
87  C  CD1 . LEU A 10 ? 0.3559 0.3684 0.3764 -0.0019 -0.0287 -0.0419 10   LEU A CD1 
88  C  CD2 . LEU A 10 ? 0.3337 0.3445 0.3238 0.0157  -0.0343 -0.0360 10   LEU A CD2 
89  N  N   . LEU A 11 ? 0.2906 0.3192 0.3502 0.0387  -0.0314 -0.0410 11   LEU A N   
90  C  CA  . LEU A 11 ? 0.3039 0.3173 0.3627 0.0344  -0.0224 -0.0421 11   LEU A CA  
91  C  C   . LEU A 11 ? 0.2819 0.3086 0.3531 0.0397  -0.0265 -0.0413 11   LEU A C   
92  O  O   . LEU A 11 ? 0.2882 0.3051 0.3717 0.0506  -0.0183 -0.0557 11   LEU A O   
93  C  CB  . LEU A 11 ? 0.3254 0.3357 0.3793 0.0306  -0.0198 -0.0380 11   LEU A CB  
94  C  CG  . LEU A 11 ? 0.3728 0.3752 0.4155 0.0164  -0.0216 -0.0289 11   LEU A CG  
95  C  CD1 . LEU A 11 ? 0.3759 0.3888 0.4288 0.0136  -0.0028 -0.0284 11   LEU A CD1 
96  C  CD2 . LEU A 11 ? 0.4004 0.4191 0.4356 0.0095  -0.0371 -0.0177 11   LEU A CD2 
97  N  N   . ALA A 12 ? 0.2614 0.2964 0.3333 0.0425  -0.0306 -0.0398 12   ALA A N   
98  C  CA  . ALA A 12 ? 0.2621 0.2934 0.3196 0.0355  -0.0251 -0.0262 12   ALA A CA  
99  C  C   . ALA A 12 ? 0.2653 0.2921 0.3144 0.0459  -0.0225 -0.0242 12   ALA A C   
100 O  O   . ALA A 12 ? 0.2795 0.3015 0.3332 0.0550  -0.0244 -0.0130 12   ALA A O   
101 C  CB  . ALA A 12 ? 0.2516 0.2981 0.3098 0.0401  -0.0337 -0.0339 12   ALA A CB  
102 N  N   . PRO A 13 ? 0.2709 0.3005 0.3123 0.0322  -0.0258 -0.0223 13   PRO A N   
103 C  CA  . PRO A 13 ? 0.2926 0.2944 0.3046 0.0347  -0.0249 -0.0228 13   PRO A CA  
104 C  C   . PRO A 13 ? 0.2965 0.2845 0.2948 0.0408  -0.0259 -0.0185 13   PRO A C   
105 O  O   . PRO A 13 ? 0.2673 0.2506 0.2826 0.0733  -0.0395 -0.0308 13   PRO A O   
106 C  CB  . PRO A 13 ? 0.2817 0.2981 0.3100 0.0305  -0.0105 -0.0246 13   PRO A CB  
107 C  CG  . PRO A 13 ? 0.2810 0.2882 0.3163 0.0232  -0.0146 -0.0221 13   PRO A CG  
108 C  CD  . PRO A 13 ? 0.2828 0.3007 0.3173 0.0251  -0.0156 -0.0218 13   PRO A CD  
109 N  N   . GLU A 14 ? 0.3237 0.2907 0.2957 0.0440  -0.0205 -0.0139 14   GLU A N   
110 C  CA  . GLU A 14 ? 0.3550 0.3134 0.3217 0.0323  -0.0187 -0.0008 14   GLU A CA  
111 C  C   . GLU A 14 ? 0.3409 0.2939 0.2990 0.0288  -0.0136 0.0018  14   GLU A C   
112 O  O   . GLU A 14 ? 0.3680 0.2899 0.3064 0.0401  -0.0138 0.0070  14   GLU A O   
113 C  CB  . GLU A 14 ? 0.3639 0.3266 0.3157 0.0365  -0.0226 0.0015  14   GLU A CB  
114 C  CG  . GLU A 14 ? 0.4368 0.3997 0.3857 0.0153  -0.0162 -0.0081 14   GLU A CG  
115 C  CD  . GLU A 14 ? 0.4517 0.4032 0.3793 0.0374  -0.0157 0.0032  14   GLU A CD  
116 O  OE1 . GLU A 14 ? 0.5681 0.4970 0.5280 0.0272  -0.0141 0.0080  14   GLU A OE1 
117 O  OE2 . GLU A 14 ? 0.5670 0.5332 0.5025 0.0239  -0.0026 -0.0008 14   GLU A OE2 
118 N  N   . GLU A 15 ? 0.2955 0.2686 0.2565 0.0331  -0.0165 -0.0009 15   GLU A N   
119 C  CA  . GLU A 15 ? 0.2752 0.2595 0.2566 0.0320  -0.0124 -0.0054 15   GLU A CA  
120 C  C   . GLU A 15 ? 0.2670 0.2401 0.2449 0.0279  -0.0094 -0.0005 15   GLU A C   
121 O  O   . GLU A 15 ? 0.2863 0.2428 0.2539 0.0279  -0.0065 -0.0101 15   GLU A O   
122 C  CB  . GLU A 15 ? 0.2658 0.2831 0.2671 0.0332  -0.0140 0.0031  15   GLU A CB  
123 C  CG  . GLU A 15 ? 0.2879 0.2818 0.2928 0.0460  -0.0295 0.0041  15   GLU A CG  
124 C  CD  . GLU A 15 ? 0.2978 0.3063 0.3206 0.0416  -0.0173 -0.0134 15   GLU A CD  
125 O  OE1 . GLU A 15 ? 0.3287 0.2682 0.3682 0.0610  -0.0246 0.0098  15   GLU A OE1 
126 O  OE2 . GLU A 15 ? 0.3618 0.3330 0.3412 0.0679  -0.0316 0.0173  15   GLU A OE2 
127 N  N   . PRO A 16 ? 0.2584 0.2192 0.2494 0.0290  0.0000  0.0080  16   PRO A N   
128 C  CA  . PRO A 16 ? 0.2383 0.2183 0.2382 0.0147  -0.0070 0.0050  16   PRO A CA  
129 C  C   . PRO A 16 ? 0.2227 0.2068 0.2337 0.0137  0.0049  0.0049  16   PRO A C   
130 O  O   . PRO A 16 ? 0.2145 0.1915 0.2274 0.0114  -0.0040 0.0039  16   PRO A O   
131 C  CB  . PRO A 16 ? 0.2527 0.2294 0.2642 0.0089  0.0021  0.0086  16   PRO A CB  
132 C  CG  . PRO A 16 ? 0.2722 0.2418 0.2655 0.0108  -0.0003 0.0029  16   PRO A CG  
133 C  CD  . PRO A 16 ? 0.2798 0.2137 0.2553 0.0197  -0.0069 -0.0005 16   PRO A CD  
134 N  N   . GLY A 17 ? 0.2064 0.1806 0.2267 0.0153  0.0067  0.0154  17   GLY A N   
135 C  CA  . GLY A 17 ? 0.2029 0.1814 0.2169 0.0239  0.0145  0.0138  17   GLY A CA  
136 C  C   . GLY A 17 ? 0.1824 0.1733 0.2102 0.0129  0.0132  0.0029  17   GLY A C   
137 O  O   . GLY A 17 ? 0.2069 0.1829 0.2244 -0.0025 0.0222  0.0035  17   GLY A O   
138 N  N   . VAL A 18 ? 0.1871 0.1652 0.2186 0.0138  0.0030  -0.0022 18   VAL A N   
139 C  CA  . VAL A 18 ? 0.1857 0.1649 0.2118 0.0009  -0.0113 -0.0020 18   VAL A CA  
140 C  C   . VAL A 18 ? 0.1656 0.1728 0.2267 -0.0001 0.0096  -0.0167 18   VAL A C   
141 O  O   . VAL A 18 ? 0.1664 0.1864 0.2663 0.0092  0.0230  -0.0178 18   VAL A O   
142 C  CB  . VAL A 18 ? 0.2037 0.1791 0.2080 -0.0013 -0.0070 0.0020  18   VAL A CB  
143 C  CG1 . VAL A 18 ? 0.2236 0.1978 0.2402 0.0285  0.0007  0.0063  18   VAL A CG1 
144 C  CG2 . VAL A 18 ? 0.1745 0.1994 0.2446 -0.0114 -0.0052 -0.0077 18   VAL A CG2 
145 N  N   . TYR A 19 ? 0.1829 0.1645 0.2269 -0.0018 0.0025  -0.0233 19   TYR A N   
146 C  CA  . TYR A 19 ? 0.1821 0.1828 0.2175 -0.0021 0.0024  -0.0112 19   TYR A CA  
147 C  C   . TYR A 19 ? 0.1614 0.1758 0.2220 0.0051  0.0090  -0.0140 19   TYR A C   
148 O  O   . TYR A 19 ? 0.1494 0.1770 0.2452 0.0038  0.0065  -0.0174 19   TYR A O   
149 C  CB  . TYR A 19 ? 0.1872 0.2029 0.2201 0.0019  0.0004  -0.0216 19   TYR A CB  
150 C  CG  . TYR A 19 ? 0.1994 0.1914 0.2089 0.0086  -0.0044 -0.0117 19   TYR A CG  
151 C  CD1 . TYR A 19 ? 0.2227 0.2061 0.2372 0.0241  -0.0133 -0.0293 19   TYR A CD1 
152 C  CD2 . TYR A 19 ? 0.2089 0.2335 0.2218 -0.0002 -0.0192 -0.0019 19   TYR A CD2 
153 C  CE1 . TYR A 19 ? 0.2212 0.2476 0.2045 0.0042  -0.0020 -0.0322 19   TYR A CE1 
154 C  CE2 . TYR A 19 ? 0.2564 0.2263 0.2364 0.0132  -0.0025 -0.0286 19   TYR A CE2 
155 C  CZ  . TYR A 19 ? 0.2175 0.2172 0.2086 0.0210  0.0169  -0.0284 19   TYR A CZ  
156 O  OH  . TYR A 19 ? 0.2219 0.2775 0.2430 0.0103  0.0228  -0.0437 19   TYR A OH  
157 N  N   . ILE A 20 ? 0.1691 0.1740 0.2231 0.0056  0.0126  -0.0106 20   ILE A N   
158 C  CA  . ILE A 20 ? 0.1906 0.1763 0.2253 0.0025  0.0170  -0.0196 20   ILE A CA  
159 C  C   . ILE A 20 ? 0.1626 0.1804 0.2294 0.0047  0.0177  -0.0242 20   ILE A C   
160 O  O   . ILE A 20 ? 0.1715 0.1872 0.2526 0.0011  0.0203  -0.0291 20   ILE A O   
161 C  CB  . ILE A 20 ? 0.2028 0.1795 0.2179 -0.0090 0.0137  -0.0164 20   ILE A CB  
162 C  CG1 . ILE A 20 ? 0.2396 0.2088 0.2184 -0.0244 0.0121  -0.0376 20   ILE A CG1 
163 C  CG2 . ILE A 20 ? 0.2253 0.1969 0.2211 -0.0039 0.0160  -0.0068 20   ILE A CG2 
164 C  CD1 . ILE A 20 ? 0.2898 0.2952 0.2896 0.0038  0.0293  -0.0412 20   ILE A CD1 
165 N  N   . PHE A 21 ? 0.1754 0.1623 0.2256 0.0075  0.0162  -0.0181 21   PHE A N   
166 C  CA  . PHE A 21 ? 0.1759 0.1742 0.2138 0.0083  0.0181  -0.0287 21   PHE A CA  
167 C  C   . PHE A 21 ? 0.1840 0.1882 0.2194 0.0035  0.0211  -0.0284 21   PHE A C   
168 O  O   . PHE A 21 ? 0.1904 0.1791 0.2233 0.0043  0.0094  -0.0180 21   PHE A O   
169 C  CB  . PHE A 21 ? 0.1864 0.1865 0.2082 0.0190  0.0211  -0.0296 21   PHE A CB  
170 C  CG  . PHE A 21 ? 0.1734 0.1740 0.2015 -0.0005 0.0164  -0.0199 21   PHE A CG  
171 C  CD1 . PHE A 21 ? 0.1847 0.1810 0.1984 0.0090  0.0383  -0.0125 21   PHE A CD1 
172 C  CD2 . PHE A 21 ? 0.1931 0.2043 0.2339 0.0023  -0.0075 -0.0201 21   PHE A CD2 
173 C  CE1 . PHE A 21 ? 0.1899 0.1993 0.1918 0.0206  0.0155  -0.0251 21   PHE A CE1 
174 C  CE2 . PHE A 21 ? 0.2194 0.2076 0.2408 0.0090  0.0093  -0.0207 21   PHE A CE2 
175 C  CZ  . PHE A 21 ? 0.2070 0.1962 0.2204 0.0117  0.0063  -0.0177 21   PHE A CZ  
176 N  N   . LYS A 22 ? 0.1958 0.1745 0.2318 -0.0106 0.0322  -0.0278 22   LYS A N   
177 C  CA  . LYS A 22 ? 0.2187 0.1977 0.2475 -0.0032 0.0383  -0.0276 22   LYS A CA  
178 C  C   . LYS A 22 ? 0.2150 0.2085 0.2447 -0.0116 0.0306  -0.0243 22   LYS A C   
179 O  O   . LYS A 22 ? 0.2337 0.2014 0.2672 -0.0278 0.0381  -0.0305 22   LYS A O   
180 C  CB  . LYS A 22 ? 0.2323 0.2157 0.2538 0.0031  0.0407  -0.0281 22   LYS A CB  
181 C  CG  . LYS A 22 ? 0.2483 0.2265 0.2697 0.0116  0.0391  -0.0355 22   LYS A CG  
182 C  CD  . LYS A 22 ? 0.2733 0.2712 0.3039 0.0155  0.0499  -0.0395 22   LYS A CD  
183 C  CE  . LYS A 22 ? 0.3299 0.3134 0.3544 0.0477  0.0334  -0.0142 22   LYS A CE  
184 N  NZ  . LYS A 22 ? 0.4087 0.4076 0.3989 0.0438  0.0645  -0.0506 22   LYS A NZ  
185 N  N   . ASN A 23 ? 0.2556 0.1949 0.2576 -0.0294 0.0425  -0.0146 23   ASN A N   
186 C  CA  . ASN A 23 ? 0.2895 0.2297 0.2901 -0.0184 0.0450  -0.0124 23   ASN A CA  
187 C  C   . ASN A 23 ? 0.3093 0.2516 0.3033 -0.0213 0.0340  0.0011  23   ASN A C   
188 O  O   . ASN A 23 ? 0.3229 0.2356 0.3031 -0.0222 0.0460  0.0162  23   ASN A O   
189 C  CB  . ASN A 23 ? 0.2890 0.2270 0.3048 -0.0158 0.0426  -0.0243 23   ASN A CB  
190 C  CG  . ASN A 23 ? 0.3340 0.2659 0.3607 -0.0110 0.0225  0.0028  23   ASN A CG  
191 O  OD1 . ASN A 23 ? 0.4592 0.3541 0.4671 0.0328  0.0231  0.0035  23   ASN A OD1 
192 N  ND2 . ASN A 23 ? 0.3492 0.2560 0.3433 -0.0203 0.0400  -0.0213 23   ASN A ND2 
193 N  N   . LYS A 24 ? 0.3200 0.2810 0.3170 -0.0189 0.0364  -0.0022 24   LYS A N   
194 C  CA  . LYS A 24 ? 0.3514 0.3229 0.3285 -0.0143 0.0277  0.0029  24   LYS A CA  
195 C  C   . LYS A 24 ? 0.3454 0.3291 0.3289 -0.0143 0.0289  0.0050  24   LYS A C   
196 O  O   . LYS A 24 ? 0.3736 0.3452 0.3438 -0.0214 0.0302  0.0139  24   LYS A O   
197 C  CB  . LYS A 24 ? 0.3652 0.3391 0.3274 -0.0128 0.0206  0.0106  24   LYS A CB  
198 C  CG  . LYS A 24 ? 0.4334 0.3839 0.3815 -0.0136 0.0102  -0.0034 24   LYS A CG  
199 C  CD  . LYS A 24 ? 0.4944 0.4577 0.4778 0.0118  0.0020  0.0059  24   LYS A CD  
200 C  CE  . LYS A 24 ? 0.5167 0.4931 0.5188 0.0173  -0.0015 -0.0213 24   LYS A CE  
201 N  NZ  . LYS A 24 ? 0.5894 0.5824 0.5813 0.0066  -0.0067 -0.0110 24   LYS A NZ  
202 N  N   . GLY A 25 ? 0.3366 0.3155 0.3228 -0.0180 0.0399  0.0014  25   GLY A N   
203 C  CA  . GLY A 25 ? 0.3478 0.3205 0.3248 -0.0074 0.0421  -0.0133 25   GLY A CA  
204 C  C   . GLY A 25 ? 0.3425 0.3192 0.3247 0.0012  0.0315  -0.0209 25   GLY A C   
205 O  O   . GLY A 25 ? 0.3774 0.3355 0.3407 0.0023  0.0431  -0.0349 25   GLY A O   
206 N  N   . VAL A 26 ? 0.3277 0.2964 0.3062 0.0031  0.0389  -0.0072 26   VAL A N   
207 C  CA  . VAL A 26 ? 0.3308 0.2955 0.2958 0.0024  0.0269  0.0054  26   VAL A CA  
208 C  C   . VAL A 26 ? 0.3015 0.2588 0.2650 0.0043  0.0225  -0.0045 26   VAL A C   
209 O  O   . VAL A 26 ? 0.2953 0.2469 0.2513 -0.0029 0.0144  -0.0076 26   VAL A O   
210 C  CB  . VAL A 26 ? 0.3363 0.3102 0.3101 0.0014  0.0254  0.0229  26   VAL A CB  
211 C  CG1 . VAL A 26 ? 0.3340 0.3331 0.3416 0.0028  0.0125  0.0224  26   VAL A CG1 
212 C  CG2 . VAL A 26 ? 0.3995 0.3485 0.3285 -0.0080 0.0267  0.0456  26   VAL A CG2 
213 N  N   . PRO A 27 ? 0.2862 0.2364 0.2447 0.0136  0.0197  -0.0244 27   PRO A N   
214 C  CA  . PRO A 27 ? 0.2645 0.2172 0.2405 0.0210  0.0179  -0.0197 27   PRO A CA  
215 C  C   . PRO A 27 ? 0.2520 0.2156 0.2273 0.0187  0.0117  -0.0187 27   PRO A C   
216 O  O   . PRO A 27 ? 0.2856 0.2249 0.2378 0.0342  0.0123  -0.0150 27   PRO A O   
217 C  CB  . PRO A 27 ? 0.2599 0.2251 0.2393 0.0147  0.0127  -0.0187 27   PRO A CB  
218 C  CG  . PRO A 27 ? 0.2889 0.2465 0.2633 0.0132  0.0324  -0.0198 27   PRO A CG  
219 C  CD  . PRO A 27 ? 0.3135 0.2525 0.2381 0.0140  0.0177  -0.0224 27   PRO A CD  
220 N  N   . ILE A 28 ? 0.2289 0.1877 0.2071 0.0224  0.0224  -0.0230 28   ILE A N   
221 C  CA  . ILE A 28 ? 0.2142 0.1896 0.2168 0.0107  0.0127  -0.0333 28   ILE A CA  
222 C  C   . ILE A 28 ? 0.2112 0.1679 0.2168 0.0107  0.0081  -0.0217 28   ILE A C   
223 O  O   . ILE A 28 ? 0.2016 0.1815 0.2310 0.0170  0.0038  -0.0207 28   ILE A O   
224 C  CB  . ILE A 28 ? 0.2388 0.1741 0.2108 0.0043  -0.0017 -0.0218 28   ILE A CB  
225 C  CG1 . ILE A 28 ? 0.2101 0.1878 0.2329 0.0142  -0.0108 -0.0401 28   ILE A CG1 
226 C  CG2 . ILE A 28 ? 0.2379 0.2082 0.2436 0.0051  0.0258  -0.0024 28   ILE A CG2 
227 C  CD1 . ILE A 28 ? 0.2261 0.1995 0.2633 0.0047  0.0032  -0.0458 28   ILE A CD1 
228 N  N   . TYR A 29 ? 0.2009 0.1686 0.2051 0.0170  0.0032  -0.0118 29   TYR A N   
229 C  CA  . TYR A 29 ? 0.1835 0.1549 0.1823 0.0216  0.0213  -0.0214 29   TYR A CA  
230 C  C   . TYR A 29 ? 0.1716 0.1685 0.2142 0.0142  0.0085  -0.0147 29   TYR A C   
231 O  O   . TYR A 29 ? 0.1666 0.1883 0.2378 0.0154  0.0044  -0.0225 29   TYR A O   
232 C  CB  . TYR A 29 ? 0.1823 0.1886 0.1828 0.0005  0.0158  -0.0153 29   TYR A CB  
233 C  CG  . TYR A 29 ? 0.1875 0.1745 0.1948 0.0065  0.0069  -0.0088 29   TYR A CG  
234 C  CD1 . TYR A 29 ? 0.1908 0.2174 0.2295 -0.0031 0.0036  -0.0304 29   TYR A CD1 
235 C  CD2 . TYR A 29 ? 0.2239 0.1924 0.2103 0.0033  0.0204  -0.0015 29   TYR A CD2 
236 C  CE1 . TYR A 29 ? 0.2112 0.2143 0.2080 0.0089  0.0272  -0.0087 29   TYR A CE1 
237 C  CE2 . TYR A 29 ? 0.2215 0.2300 0.2245 -0.0094 0.0187  -0.0115 29   TYR A CE2 
238 C  CZ  . TYR A 29 ? 0.2205 0.2057 0.2217 -0.0094 0.0171  -0.0098 29   TYR A CZ  
239 O  OH  . TYR A 29 ? 0.2770 0.2452 0.2500 -0.0315 0.0482  -0.0096 29   TYR A OH  
240 N  N   . ILE A 30 ? 0.1889 0.1479 0.2163 0.0171  0.0080  -0.0192 30   ILE A N   
241 C  CA  . ILE A 30 ? 0.1926 0.1503 0.2027 0.0109  0.0002  -0.0162 30   ILE A CA  
242 C  C   . ILE A 30 ? 0.1863 0.1666 0.2129 0.0063  0.0018  -0.0173 30   ILE A C   
243 O  O   . ILE A 30 ? 0.1734 0.1841 0.2302 0.0234  0.0069  -0.0058 30   ILE A O   
244 C  CB  . ILE A 30 ? 0.1949 0.1585 0.2001 0.0102  0.0041  -0.0143 30   ILE A CB  
245 C  CG1 . ILE A 30 ? 0.2167 0.2014 0.2034 0.0124  0.0182  -0.0111 30   ILE A CG1 
246 C  CG2 . ILE A 30 ? 0.2068 0.1709 0.2361 0.0207  0.0074  -0.0239 30   ILE A CG2 
247 C  CD1 . ILE A 30 ? 0.2976 0.2196 0.2201 0.0061  0.0054  -0.0208 30   ILE A CD1 
248 N  N   . GLY A 31 ? 0.1767 0.1642 0.2050 0.0053  0.0074  -0.0023 31   GLY A N   
249 C  CA  . GLY A 31 ? 0.1964 0.1694 0.2164 0.0237  0.0120  0.0081  31   GLY A CA  
250 C  C   . GLY A 31 ? 0.1946 0.1796 0.2057 0.0172  0.0159  -0.0021 31   GLY A C   
251 O  O   . GLY A 31 ? 0.1730 0.1939 0.2073 0.0158  0.0117  -0.0081 31   GLY A O   
252 N  N   . LYS A 32 ? 0.2109 0.1981 0.2284 0.0206  0.0111  0.0050  32   LYS A N   
253 C  CA  . LYS A 32 ? 0.2059 0.2082 0.2243 0.0145  0.0121  0.0035  32   LYS A CA  
254 C  C   . LYS A 32 ? 0.2059 0.2216 0.2215 0.0118  0.0181  0.0063  32   LYS A C   
255 O  O   . LYS A 32 ? 0.2283 0.2325 0.2470 0.0215  0.0214  0.0028  32   LYS A O   
256 C  CB  . LYS A 32 ? 0.2212 0.2312 0.2287 0.0023  0.0165  -0.0035 32   LYS A CB  
257 C  CG  . LYS A 32 ? 0.2218 0.2345 0.2506 -0.0035 0.0069  -0.0080 32   LYS A CG  
258 C  CD  . LYS A 32 ? 0.2760 0.2807 0.2966 -0.0203 -0.0193 -0.0197 32   LYS A CD  
259 C  CE  . LYS A 32 ? 0.3322 0.3570 0.3476 -0.0446 0.0188  -0.0095 32   LYS A CE  
260 N  NZ  . LYS A 32 ? 0.4094 0.4086 0.3952 -0.0336 0.0091  0.0064  32   LYS A NZ  
261 N  N   . ALA A 33 ? 0.1980 0.2215 0.2136 0.0097  0.0099  0.0136  33   ALA A N   
262 C  CA  . ALA A 33 ? 0.2198 0.2372 0.2147 0.0071  0.0107  0.0042  33   ALA A CA  
263 C  C   . ALA A 33 ? 0.2500 0.2439 0.2393 0.0074  0.0158  0.0085  33   ALA A C   
264 O  O   . ALA A 33 ? 0.2511 0.2290 0.2559 0.0179  0.0305  0.0083  33   ALA A O   
265 C  CB  . ALA A 33 ? 0.2332 0.2522 0.2463 0.0016  -0.0032 -0.0059 33   ALA A CB  
266 N  N   . LYS A 34 ? 0.2592 0.2635 0.2599 0.0068  0.0126  0.0137  34   LYS A N   
267 C  CA  . LYS A 34 ? 0.3101 0.2926 0.2939 -0.0003 0.0135  0.0209  34   LYS A CA  
268 C  C   . LYS A 34 ? 0.2984 0.2747 0.2696 0.0014  0.0134  0.0158  34   LYS A C   
269 O  O   . LYS A 34 ? 0.3143 0.2922 0.2877 0.0069  0.0099  0.0235  34   LYS A O   
270 C  CB  . LYS A 34 ? 0.3101 0.3114 0.3034 -0.0047 0.0186  0.0225  34   LYS A CB  
271 C  CG  . LYS A 34 ? 0.3713 0.3750 0.3699 -0.0109 0.0120  0.0255  34   LYS A CG  
272 C  CD  . LYS A 34 ? 0.3761 0.3794 0.3762 -0.0154 0.0263  0.0276  34   LYS A CD  
273 C  CE  . LYS A 34 ? 0.4502 0.4970 0.4885 0.0034  -0.0005 0.0031  34   LYS A CE  
274 N  NZ  . LYS A 34 ? 0.5156 0.5388 0.4979 -0.0101 -0.0087 0.0017  34   LYS A NZ  
275 N  N   . ARG A 35 ? 0.2837 0.2676 0.2590 0.0035  0.0094  0.0162  35   ARG A N   
276 C  CA  . ARG A 35 ? 0.2887 0.2737 0.2454 0.0134  -0.0009 0.0047  35   ARG A CA  
277 C  C   . ARG A 35 ? 0.2675 0.2582 0.2409 0.0242  -0.0002 0.0017  35   ARG A C   
278 O  O   . ARG A 35 ? 0.2733 0.2727 0.2487 0.0288  0.0153  -0.0041 35   ARG A O   
279 C  CB  . ARG A 35 ? 0.3200 0.2921 0.2756 0.0228  0.0017  0.0192  35   ARG A CB  
280 C  CG  . ARG A 35 ? 0.3986 0.3283 0.3500 -0.0007 0.0050  0.0128  35   ARG A CG  
281 C  CD  . ARG A 35 ? 0.4890 0.4632 0.4196 -0.0030 -0.0115 0.0126  35   ARG A CD  
282 N  NE  . ARG A 35 ? 0.5796 0.5293 0.5617 0.0063  -0.0052 0.0130  35   ARG A NE  
283 C  CZ  . ARG A 35 ? 0.5971 0.5805 0.5830 0.0064  -0.0218 0.0127  35   ARG A CZ  
284 N  NH1 . ARG A 35 ? 0.6325 0.6134 0.6048 0.0016  -0.0116 0.0037  35   ARG A NH1 
285 N  NH2 . ARG A 35 ? 0.6331 0.6123 0.6300 -0.0011 -0.0058 0.0046  35   ARG A NH2 
286 N  N   . LEU A 36 ? 0.2487 0.2445 0.2383 0.0265  -0.0089 0.0088  36   LEU A N   
287 C  CA  . LEU A 36 ? 0.2464 0.2455 0.2370 0.0204  -0.0030 -0.0136 36   LEU A CA  
288 C  C   . LEU A 36 ? 0.2477 0.2448 0.2374 0.0278  -0.0168 -0.0110 36   LEU A C   
289 O  O   . LEU A 36 ? 0.2632 0.2545 0.2467 0.0432  -0.0048 -0.0313 36   LEU A O   
290 C  CB  . LEU A 36 ? 0.2357 0.2429 0.2278 0.0319  -0.0068 -0.0044 36   LEU A CB  
291 C  CG  . LEU A 36 ? 0.2098 0.2357 0.2161 0.0423  -0.0042 -0.0020 36   LEU A CG  
292 C  CD1 . LEU A 36 ? 0.1893 0.2586 0.2412 0.0118  0.0149  -0.0274 36   LEU A CD1 
293 C  CD2 . LEU A 36 ? 0.2402 0.2052 0.2333 0.0399  -0.0083 0.0042  36   LEU A CD2 
294 N  N   . SER A 37 ? 0.2652 0.2633 0.2406 0.0290  -0.0300 -0.0230 37   SER A N   
295 C  CA  . SER A 37 ? 0.2841 0.2823 0.2576 0.0407  -0.0276 -0.0209 37   SER A CA  
296 C  C   . SER A 37 ? 0.2970 0.2801 0.2670 0.0348  -0.0170 -0.0169 37   SER A C   
297 O  O   . SER A 37 ? 0.3382 0.2964 0.2828 0.0327  -0.0260 -0.0275 37   SER A O   
298 C  CB  . SER A 37 ? 0.2994 0.2979 0.2734 0.0352  -0.0320 0.0018  37   SER A CB  
299 O  OG  . SER A 37 ? 0.3450 0.3270 0.3099 0.0389  -0.0223 -0.0044 37   SER A OG  
300 N  N   . ASN A 38 ? 0.3169 0.2988 0.2820 0.0409  0.0021  -0.0134 38   ASN A N   
301 C  CA  . ASN A 38 ? 0.3266 0.3270 0.3073 0.0313  0.0081  -0.0064 38   ASN A CA  
302 C  C   . ASN A 38 ? 0.3189 0.3095 0.2896 0.0267  0.0035  -0.0148 38   ASN A C   
303 O  O   . ASN A 38 ? 0.3345 0.3193 0.3025 0.0413  0.0119  -0.0215 38   ASN A O   
304 C  CB  . ASN A 38 ? 0.3490 0.3438 0.3270 0.0199  0.0115  -0.0010 38   ASN A CB  
305 C  CG  . ASN A 38 ? 0.4285 0.4246 0.4235 0.0175  -0.0036 0.0140  38   ASN A CG  
306 O  OD1 . ASN A 38 ? 0.4975 0.5347 0.5184 0.0116  -0.0235 0.0219  38   ASN A OD1 
307 N  ND2 . ASN A 38 ? 0.5270 0.4941 0.5121 -0.0107 0.0050  0.0118  38   ASN A ND2 
308 N  N   . ARG A 39 ? 0.3015 0.2969 0.2735 0.0224  0.0099  -0.0103 39   ARG A N   
309 C  CA  . ARG A 39 ? 0.2818 0.2942 0.2615 0.0164  0.0037  -0.0137 39   ARG A CA  
310 C  C   . ARG A 39 ? 0.2704 0.2753 0.2613 0.0248  0.0045  -0.0252 39   ARG A C   
311 O  O   . ARG A 39 ? 0.2516 0.2759 0.2850 0.0430  0.0098  -0.0371 39   ARG A O   
312 C  CB  . ARG A 39 ? 0.3100 0.3054 0.2787 0.0056  -0.0041 -0.0156 39   ARG A CB  
313 C  CG  . ARG A 39 ? 0.3240 0.3575 0.3306 0.0268  0.0025  -0.0034 39   ARG A CG  
314 C  CD  . ARG A 39 ? 0.4130 0.4517 0.4243 0.0295  0.0282  -0.0146 39   ARG A CD  
315 N  NE  . ARG A 39 ? 0.5235 0.5271 0.5291 -0.0009 0.0016  0.0095  39   ARG A NE  
316 C  CZ  . ARG A 39 ? 0.5267 0.5439 0.5854 0.0014  0.0359  0.0078  39   ARG A CZ  
317 N  NH1 . ARG A 39 ? 0.6019 0.6161 0.6174 0.0149  0.0122  0.0096  39   ARG A NH1 
318 N  NH2 . ARG A 39 ? 0.6157 0.6272 0.6264 0.0023  0.0101  0.0044  39   ARG A NH2 
319 N  N   . LEU A 40 ? 0.2338 0.2678 0.2380 0.0338  -0.0024 -0.0187 40   LEU A N   
320 C  CA  . LEU A 40 ? 0.2362 0.2600 0.2223 0.0324  -0.0006 -0.0264 40   LEU A CA  
321 C  C   . LEU A 40 ? 0.2548 0.2465 0.2188 0.0338  -0.0016 -0.0205 40   LEU A C   
322 O  O   . LEU A 40 ? 0.2395 0.2474 0.2233 0.0489  -0.0012 -0.0181 40   LEU A O   
323 C  CB  . LEU A 40 ? 0.2268 0.2646 0.2144 0.0289  0.0003  -0.0309 40   LEU A CB  
324 C  CG  . LEU A 40 ? 0.2231 0.2597 0.1974 0.0434  -0.0001 -0.0349 40   LEU A CG  
325 C  CD1 . LEU A 40 ? 0.2165 0.2453 0.2516 0.0380  0.0232  -0.0172 40   LEU A CD1 
326 C  CD2 . LEU A 40 ? 0.2618 0.2625 0.2257 0.0334  -0.0163 -0.0181 40   LEU A CD2 
327 N  N   . ARG A 41 ? 0.2770 0.2718 0.2232 0.0421  -0.0149 -0.0306 41   ARG A N   
328 C  CA  . ARG A 41 ? 0.2967 0.2761 0.2349 0.0385  -0.0098 -0.0263 41   ARG A CA  
329 C  C   . ARG A 41 ? 0.2906 0.2748 0.2516 0.0320  -0.0082 -0.0273 41   ARG A C   
330 O  O   . ARG A 41 ? 0.3197 0.2786 0.2547 0.0280  -0.0140 -0.0384 41   ARG A O   
331 C  CB  . ARG A 41 ? 0.3135 0.2952 0.2607 0.0320  -0.0135 -0.0089 41   ARG A CB  
332 C  CG  . ARG A 41 ? 0.3412 0.3335 0.3055 0.0293  -0.0154 -0.0131 41   ARG A CG  
333 C  CD  . ARG A 41 ? 0.3757 0.3706 0.3376 0.0313  -0.0058 0.0051  41   ARG A CD  
334 N  NE  . ARG A 41 ? 0.3817 0.3993 0.3826 0.0251  -0.0252 0.0018  41   ARG A NE  
335 C  CZ  . ARG A 41 ? 0.4093 0.4479 0.4229 0.0246  -0.0177 -0.0165 41   ARG A CZ  
336 N  NH1 . ARG A 41 ? 0.4642 0.4796 0.4165 0.0160  -0.0310 -0.0066 41   ARG A NH1 
337 N  NH2 . ARG A 41 ? 0.4124 0.4448 0.4410 0.0350  -0.0132 -0.0022 41   ARG A NH2 
338 N  N   . SER A 42 ? 0.2703 0.2677 0.2516 0.0395  0.0156  -0.0305 42   SER A N   
339 C  CA  . SER A 42 ? 0.2768 0.2830 0.2710 0.0305  0.0178  -0.0328 42   SER A CA  
340 C  C   . SER A 42 ? 0.2640 0.2669 0.2494 0.0283  0.0189  -0.0284 42   SER A C   
341 O  O   . SER A 42 ? 0.2826 0.2850 0.2734 0.0350  0.0328  -0.0483 42   SER A O   
342 C  CB  . SER A 42 ? 0.2764 0.2884 0.2845 0.0249  0.0273  -0.0247 42   SER A CB  
343 O  OG  . SER A 42 ? 0.3231 0.3359 0.3462 0.0162  0.0010  -0.0370 42   SER A OG  
344 N  N   . TYR A 43 ? 0.2428 0.2368 0.2275 0.0196  0.0041  -0.0271 43   TYR A N   
345 C  CA  . TYR A 43 ? 0.2426 0.2394 0.2263 0.0228  -0.0007 -0.0193 43   TYR A CA  
346 C  C   . TYR A 43 ? 0.2524 0.2345 0.2353 0.0247  -0.0131 -0.0164 43   TYR A C   
347 O  O   . TYR A 43 ? 0.2609 0.2306 0.2580 0.0405  -0.0287 -0.0185 43   TYR A O   
348 C  CB  . TYR A 43 ? 0.2299 0.2519 0.2127 0.0246  -0.0015 -0.0281 43   TYR A CB  
349 C  CG  . TYR A 43 ? 0.2244 0.2401 0.2293 0.0383  -0.0129 -0.0277 43   TYR A CG  
350 C  CD1 . TYR A 43 ? 0.2329 0.2489 0.2315 0.0199  0.0056  -0.0446 43   TYR A CD1 
351 C  CD2 . TYR A 43 ? 0.2389 0.2519 0.2280 0.0439  -0.0032 -0.0291 43   TYR A CD2 
352 C  CE1 . TYR A 43 ? 0.2284 0.2470 0.2372 0.0391  -0.0121 -0.0239 43   TYR A CE1 
353 C  CE2 . TYR A 43 ? 0.2486 0.2739 0.2375 0.0412  -0.0185 -0.0462 43   TYR A CE2 
354 C  CZ  . TYR A 43 ? 0.2479 0.2581 0.2313 0.0346  -0.0252 -0.0316 43   TYR A CZ  
355 O  OH  . TYR A 43 ? 0.2725 0.3134 0.2890 0.0525  -0.0333 -0.0682 43   TYR A OH  
356 N  N   . LEU A 44 ? 0.2482 0.2450 0.2411 0.0320  -0.0184 -0.0296 44   LEU A N   
357 C  CA  . LEU A 44 ? 0.2422 0.2635 0.2406 0.0265  -0.0180 -0.0232 44   LEU A CA  
358 C  C   . LEU A 44 ? 0.2523 0.2488 0.2436 0.0182  -0.0063 -0.0159 44   LEU A C   
359 O  O   . LEU A 44 ? 0.2773 0.2725 0.2754 0.0063  -0.0057 -0.0208 44   LEU A O   
360 C  CB  . LEU A 44 ? 0.2562 0.2879 0.2374 0.0329  -0.0224 -0.0220 44   LEU A CB  
361 C  CG  . LEU A 44 ? 0.2645 0.3007 0.2804 0.0431  -0.0170 -0.0274 44   LEU A CG  
362 C  CD1 . LEU A 44 ? 0.2997 0.3476 0.3263 0.0414  -0.0462 -0.0244 44   LEU A CD1 
363 C  CD2 . LEU A 44 ? 0.3130 0.3216 0.3132 0.0138  -0.0098 -0.0331 44   LEU A CD2 
364 N  N   . ASN A 45 ? 0.2552 0.2692 0.2535 0.0228  -0.0006 -0.0182 45   ASN A N   
365 C  CA  . ASN A 45 ? 0.2662 0.2690 0.2438 0.0186  0.0029  -0.0062 45   ASN A CA  
366 C  C   . ASN A 45 ? 0.2562 0.2527 0.2330 0.0177  0.0125  -0.0107 45   ASN A C   
367 O  O   . ASN A 45 ? 0.2808 0.2424 0.2405 0.0255  0.0203  -0.0137 45   ASN A O   
368 C  CB  . ASN A 45 ? 0.3048 0.3130 0.2900 0.0122  -0.0036 0.0088  45   ASN A CB  
369 C  CG  . ASN A 45 ? 0.3345 0.3492 0.3339 0.0174  -0.0296 -0.0072 45   ASN A CG  
370 O  OD1 . ASN A 45 ? 0.4031 0.4278 0.4038 0.0028  -0.0469 -0.0089 45   ASN A OD1 
371 N  ND2 . ASN A 45 ? 0.4520 0.4255 0.4645 0.0438  -0.0177 0.0033  45   ASN A ND2 
372 N  N   . PRO A 46 ? 0.2479 0.2141 0.2248 0.0084  0.0029  -0.0051 46   PRO A N   
373 C  CA  . PRO A 46 ? 0.2345 0.2099 0.2305 0.0029  0.0037  -0.0054 46   PRO A CA  
374 C  C   . PRO A 46 ? 0.2432 0.2140 0.2184 0.0030  0.0066  0.0017  46   PRO A C   
375 O  O   . PRO A 46 ? 0.2548 0.2265 0.2228 -0.0034 0.0144  -0.0089 46   PRO A O   
376 C  CB  . PRO A 46 ? 0.2500 0.2097 0.2132 -0.0083 -0.0068 -0.0018 46   PRO A CB  
377 C  CG  . PRO A 46 ? 0.2686 0.2681 0.2933 0.0051  -0.0221 0.0086  46   PRO A CG  
378 C  CD  . PRO A 46 ? 0.2528 0.2241 0.2419 0.0016  -0.0062 -0.0010 46   PRO A CD  
379 N  N   . GLN A 47 ? 0.2319 0.2225 0.2332 -0.0016 0.0131  0.0146  47   GLN A N   
380 C  CA  . GLN A 47 ? 0.2440 0.2324 0.2678 0.0000  0.0223  0.0113  47   GLN A CA  
381 C  C   . GLN A 47 ? 0.2462 0.2406 0.2596 0.0044  0.0266  0.0172  47   GLN A C   
382 O  O   . GLN A 47 ? 0.2575 0.2905 0.2793 0.0147  0.0493  0.0162  47   GLN A O   
383 C  CB  . GLN A 47 ? 0.2720 0.2426 0.3014 -0.0098 0.0207  0.0226  47   GLN A CB  
384 C  CG  . GLN A 47 ? 0.3349 0.2898 0.3364 -0.0028 0.0097  0.0317  47   GLN A CG  
385 C  CD  . GLN A 47 ? 0.4001 0.3575 0.3876 -0.0022 0.0152  0.0259  47   GLN A CD  
386 O  OE1 . GLN A 47 ? 0.4300 0.4450 0.4427 0.0147  0.0421  0.0395  47   GLN A OE1 
387 N  NE2 . GLN A 47 ? 0.4330 0.4227 0.4552 -0.0104 -0.0127 0.0182  47   GLN A NE2 
388 N  N   . THR A 48 ? 0.2316 0.2201 0.2403 0.0099  0.0147  0.0151  48   THR A N   
389 C  CA  . THR A 48 ? 0.2293 0.2353 0.2552 0.0072  0.0124  0.0133  48   THR A CA  
390 C  C   . THR A 48 ? 0.2091 0.2300 0.2352 0.0184  0.0221  0.0138  48   THR A C   
391 O  O   . THR A 48 ? 0.1877 0.2228 0.2474 0.0129  0.0193  0.0055  48   THR A O   
392 C  CB  . THR A 48 ? 0.2400 0.2424 0.2814 0.0007  0.0151  0.0111  48   THR A CB  
393 O  OG1 . THR A 48 ? 0.2457 0.2738 0.2721 -0.0155 0.0074  -0.0050 48   THR A OG1 
394 C  CG2 . THR A 48 ? 0.2584 0.2670 0.2872 -0.0342 0.0097  0.0168  48   THR A CG2 
395 N  N   . GLU A 49 ? 0.2287 0.2317 0.2342 0.0264  0.0202  0.0104  49   GLU A N   
396 C  CA  . GLU A 49 ? 0.2258 0.2192 0.2285 0.0346  0.0160  0.0118  49   GLU A CA  
397 C  C   . GLU A 49 ? 0.2130 0.2172 0.2213 0.0184  0.0123  0.0111  49   GLU A C   
398 O  O   . GLU A 49 ? 0.2023 0.2122 0.2195 0.0097  0.0187  0.0001  49   GLU A O   
399 C  CB  . GLU A 49 ? 0.2463 0.2562 0.2330 0.0435  0.0244  0.0158  49   GLU A CB  
400 C  CG  . GLU A 49 ? 0.3076 0.2913 0.2678 0.0524  0.0280  -0.0066 49   GLU A CG  
401 C  CD  . GLU A 49 ? 0.3921 0.4012 0.3805 0.0122  0.0306  0.0000  49   GLU A CD  
402 O  OE1 . GLU A 49 ? 0.4628 0.4521 0.4255 0.0222  0.0034  -0.0505 49   GLU A OE1 
403 O  OE2 . GLU A 49 ? 0.3269 0.4292 0.3794 0.0266  0.0708  -0.0047 49   GLU A OE2 
404 N  N   . LYS A 50 ? 0.2134 0.2271 0.2263 0.0169  0.0061  0.0073  50   LYS A N   
405 C  CA  . LYS A 50 ? 0.1994 0.2290 0.2183 0.0078  -0.0047 -0.0089 50   LYS A CA  
406 C  C   . LYS A 50 ? 0.1922 0.2040 0.2052 0.0073  -0.0004 0.0051  50   LYS A C   
407 O  O   . LYS A 50 ? 0.1827 0.2029 0.2135 0.0049  0.0034  -0.0062 50   LYS A O   
408 C  CB  . LYS A 50 ? 0.2159 0.2364 0.2334 -0.0081 -0.0050 -0.0058 50   LYS A CB  
409 C  CG  . LYS A 50 ? 0.2321 0.2706 0.2539 -0.0126 -0.0181 -0.0354 50   LYS A CG  
410 C  CD  . LYS A 50 ? 0.3072 0.3324 0.3575 -0.0372 -0.0391 -0.0457 50   LYS A CD  
411 C  CE  . LYS A 50 ? 0.3389 0.3819 0.3963 0.0017  -0.0254 -0.0363 50   LYS A CE  
412 N  NZ  . LYS A 50 ? 0.3980 0.4238 0.3696 -0.0819 -0.0223 -0.0535 50   LYS A NZ  
413 N  N   . VAL A 51 ? 0.1855 0.2194 0.2111 0.0145  -0.0078 0.0014  51   VAL A N   
414 C  CA  . VAL A 51 ? 0.2006 0.1986 0.2190 0.0149  -0.0024 -0.0031 51   VAL A CA  
415 C  C   . VAL A 51 ? 0.1850 0.1909 0.2053 0.0164  0.0095  -0.0099 51   VAL A C   
416 O  O   . VAL A 51 ? 0.1905 0.2041 0.2151 0.0188  0.0143  -0.0198 51   VAL A O   
417 C  CB  . VAL A 51 ? 0.2060 0.2013 0.2211 0.0114  -0.0091 0.0007  51   VAL A CB  
418 C  CG1 . VAL A 51 ? 0.2107 0.2238 0.2346 0.0415  -0.0055 -0.0127 51   VAL A CG1 
419 C  CG2 . VAL A 51 ? 0.2420 0.2142 0.2675 -0.0035 -0.0114 -0.0125 51   VAL A CG2 
420 N  N   . PHE A 52 ? 0.1851 0.1757 0.1995 0.0144  0.0160  -0.0307 52   PHE A N   
421 C  CA  . PHE A 52 ? 0.1861 0.1826 0.1894 0.0193  0.0169  -0.0316 52   PHE A CA  
422 C  C   . PHE A 52 ? 0.1860 0.1872 0.2039 0.0079  0.0106  -0.0207 52   PHE A C   
423 O  O   . PHE A 52 ? 0.1834 0.2048 0.2082 0.0115  0.0116  -0.0266 52   PHE A O   
424 C  CB  . PHE A 52 ? 0.1909 0.1854 0.2252 0.0258  0.0151  -0.0402 52   PHE A CB  
425 C  CG  . PHE A 52 ? 0.1904 0.1759 0.2033 0.0200  0.0080  -0.0266 52   PHE A CG  
426 C  CD1 . PHE A 52 ? 0.1957 0.2082 0.1821 0.0119  0.0023  -0.0112 52   PHE A CD1 
427 C  CD2 . PHE A 52 ? 0.2347 0.2005 0.2507 0.0060  -0.0193 0.0021  52   PHE A CD2 
428 C  CE1 . PHE A 52 ? 0.2421 0.1898 0.2160 0.0059  0.0016  -0.0186 52   PHE A CE1 
429 C  CE2 . PHE A 52 ? 0.2411 0.1914 0.2871 0.0276  -0.0212 -0.0137 52   PHE A CE2 
430 C  CZ  . PHE A 52 ? 0.2441 0.2248 0.2362 0.0017  -0.0156 -0.0146 52   PHE A CZ  
431 N  N   . ARG A 53 ? 0.2010 0.1836 0.1942 0.0130  0.0002  -0.0117 53   ARG A N   
432 C  CA  . ARG A 53 ? 0.1766 0.1962 0.1862 0.0210  0.0114  -0.0162 53   ARG A CA  
433 C  C   . ARG A 53 ? 0.1891 0.2011 0.1823 0.0090  0.0143  -0.0185 53   ARG A C   
434 O  O   . ARG A 53 ? 0.1789 0.2143 0.2174 0.0078  0.0231  -0.0232 53   ARG A O   
435 C  CB  . ARG A 53 ? 0.1871 0.2096 0.1888 0.0311  0.0033  -0.0214 53   ARG A CB  
436 C  CG  . ARG A 53 ? 0.2034 0.1993 0.2209 0.0356  -0.0010 -0.0247 53   ARG A CG  
437 C  CD  . ARG A 53 ? 0.2052 0.2274 0.2365 0.0331  -0.0313 -0.0132 53   ARG A CD  
438 N  NE  . ARG A 53 ? 0.2204 0.2112 0.2464 0.0356  -0.0015 -0.0036 53   ARG A NE  
439 C  CZ  . ARG A 53 ? 0.1904 0.2038 0.2310 0.0379  -0.0214 0.0008  53   ARG A CZ  
440 N  NH1 . ARG A 53 ? 0.2201 0.2175 0.2667 0.0268  -0.0335 0.0218  53   ARG A NH1 
441 N  NH2 . ARG A 53 ? 0.2510 0.2449 0.2709 0.0664  -0.0247 -0.0382 53   ARG A NH2 
442 N  N   . ILE A 54 ? 0.1915 0.1973 0.1824 0.0214  0.0215  -0.0184 54   ILE A N   
443 C  CA  . ILE A 54 ? 0.1996 0.2130 0.2059 0.0197  0.0210  -0.0350 54   ILE A CA  
444 C  C   . ILE A 54 ? 0.1964 0.2085 0.2054 0.0110  0.0191  -0.0295 54   ILE A C   
445 O  O   . ILE A 54 ? 0.2048 0.2291 0.2229 0.0188  0.0257  -0.0280 54   ILE A O   
446 C  CB  . ILE A 54 ? 0.1872 0.2027 0.2044 0.0271  0.0156  -0.0328 54   ILE A CB  
447 C  CG1 . ILE A 54 ? 0.1898 0.2281 0.2304 0.0084  -0.0001 -0.0249 54   ILE A CG1 
448 C  CG2 . ILE A 54 ? 0.2150 0.2182 0.2355 0.0307  0.0322  -0.0497 54   ILE A CG2 
449 C  CD1 . ILE A 54 ? 0.2309 0.1878 0.2520 0.0180  -0.0022 -0.0389 54   ILE A CD1 
450 N  N   . GLY A 55 ? 0.1709 0.2131 0.2074 0.0194  0.0004  -0.0239 55   GLY A N   
451 C  CA  . GLY A 55 ? 0.1741 0.2268 0.2331 0.0147  -0.0053 -0.0319 55   GLY A CA  
452 C  C   . GLY A 55 ? 0.1987 0.2235 0.2572 0.0177  0.0032  -0.0296 55   GLY A C   
453 O  O   . GLY A 55 ? 0.2057 0.2480 0.2971 0.0099  0.0010  -0.0478 55   GLY A O   
454 N  N   . GLU A 56 ? 0.1952 0.2164 0.2432 0.0160  -0.0030 -0.0308 56   GLU A N   
455 C  CA  . GLU A 56 ? 0.2089 0.2210 0.2540 0.0123  0.0040  -0.0293 56   GLU A CA  
456 C  C   . GLU A 56 ? 0.2144 0.2228 0.2521 -0.0035 0.0113  -0.0323 56   GLU A C   
457 O  O   . GLU A 56 ? 0.2380 0.2671 0.2972 -0.0320 0.0132  -0.0371 56   GLU A O   
458 C  CB  . GLU A 56 ? 0.2331 0.2469 0.2597 0.0181  0.0067  -0.0382 56   GLU A CB  
459 C  CG  . GLU A 56 ? 0.2410 0.2604 0.2563 0.0156  -0.0123 -0.0235 56   GLU A CG  
460 C  CD  . GLU A 56 ? 0.2476 0.2559 0.2724 -0.0225 -0.0095 -0.0051 56   GLU A CD  
461 O  OE1 . GLU A 56 ? 0.3303 0.3156 0.3602 -0.0525 -0.0409 -0.0358 56   GLU A OE1 
462 O  OE2 . GLU A 56 ? 0.2699 0.2626 0.2900 0.0001  -0.0150 -0.0338 56   GLU A OE2 
463 N  N   . GLU A 57 ? 0.2168 0.2215 0.2366 0.0036  0.0035  -0.0212 57   GLU A N   
464 C  CA  . GLU A 57 ? 0.2078 0.2149 0.2297 0.0042  0.0124  -0.0212 57   GLU A CA  
465 C  C   . GLU A 57 ? 0.2035 0.2020 0.2405 0.0037  0.0205  -0.0120 57   GLU A C   
466 O  O   . GLU A 57 ? 0.2106 0.2420 0.2685 0.0042  0.0434  -0.0210 57   GLU A O   
467 C  CB  . GLU A 57 ? 0.2071 0.2037 0.2276 0.0075  0.0041  -0.0218 57   GLU A CB  
468 C  CG  . GLU A 57 ? 0.2311 0.2166 0.2460 0.0011  -0.0029 0.0056  57   GLU A CG  
469 C  CD  . GLU A 57 ? 0.2467 0.2319 0.2674 0.0096  0.0022  -0.0025 57   GLU A CD  
470 O  OE1 . GLU A 57 ? 0.2652 0.2200 0.3600 0.0061  0.0161  -0.0048 57   GLU A OE1 
471 O  OE2 . GLU A 57 ? 0.3342 0.3428 0.3106 -0.0270 -0.0158 0.0103  57   GLU A OE2 
472 N  N   . ALA A 58 ? 0.1968 0.2013 0.2329 0.0083  0.0264  -0.0211 58   ALA A N   
473 C  CA  . ALA A 58 ? 0.1895 0.1992 0.2615 0.0035  0.0318  -0.0277 58   ALA A CA  
474 C  C   . ALA A 58 ? 0.2100 0.2017 0.2562 -0.0088 0.0217  -0.0304 58   ALA A C   
475 O  O   . ALA A 58 ? 0.2140 0.2408 0.2750 0.0040  0.0276  -0.0429 58   ALA A O   
476 C  CB  . ALA A 58 ? 0.2165 0.1956 0.2500 0.0032  0.0316  -0.0237 58   ALA A CB  
477 N  N   . ASP A 59 ? 0.1950 0.2158 0.2931 -0.0030 0.0287  -0.0336 59   ASP A N   
478 C  CA  . ASP A 59 ? 0.2081 0.2213 0.3036 -0.0061 0.0260  -0.0270 59   ASP A CA  
479 C  C   . ASP A 59 ? 0.2195 0.2202 0.3080 -0.0076 0.0224  -0.0277 59   ASP A C   
480 O  O   . ASP A 59 ? 0.2278 0.2584 0.3652 -0.0071 0.0364  -0.0315 59   ASP A O   
481 C  CB  . ASP A 59 ? 0.2468 0.2368 0.3125 -0.0012 0.0258  -0.0196 59   ASP A CB  
482 C  CG  . ASP A 59 ? 0.2875 0.2715 0.3216 -0.0184 0.0245  -0.0156 59   ASP A CG  
483 O  OD1 . ASP A 59 ? 0.3063 0.2648 0.3374 -0.0335 0.0585  -0.0289 59   ASP A OD1 
484 O  OD2 . ASP A 59 ? 0.3889 0.3228 0.3642 -0.0201 0.0266  -0.0004 59   ASP A OD2 
485 N  N   . GLU A 60 ? 0.2125 0.2087 0.2957 -0.0120 0.0310  -0.0275 60   GLU A N   
486 C  CA  . GLU A 60 ? 0.2151 0.2129 0.3061 -0.0075 0.0259  -0.0165 60   GLU A CA  
487 C  C   . GLU A 60 ? 0.1959 0.1902 0.2876 -0.0070 0.0137  -0.0265 60   GLU A C   
488 O  O   . GLU A 60 ? 0.1918 0.1998 0.2875 0.0081  0.0274  -0.0348 60   GLU A O   
489 C  CB  . GLU A 60 ? 0.2309 0.2134 0.3130 0.0043  0.0379  -0.0115 60   GLU A CB  
490 C  CG  . GLU A 60 ? 0.2950 0.2471 0.3249 0.0138  0.0447  -0.0102 60   GLU A CG  
491 C  CD  . GLU A 60 ? 0.3180 0.2681 0.3295 0.0267  0.0505  -0.0278 60   GLU A CD  
492 O  OE1 . GLU A 60 ? 0.4086 0.3485 0.4240 0.0584  0.0748  -0.0588 60   GLU A OE1 
493 O  OE2 . GLU A 60 ? 0.3475 0.3039 0.3524 0.0401  0.0754  -0.0363 60   GLU A OE2 
494 N  N   . LEU A 61 ? 0.1940 0.1977 0.2850 -0.0080 0.0099  -0.0222 61   LEU A N   
495 C  CA  . LEU A 61 ? 0.1881 0.1977 0.2653 0.0031  0.0186  -0.0258 61   LEU A CA  
496 C  C   . LEU A 61 ? 0.1851 0.2167 0.2725 0.0060  0.0151  -0.0361 61   LEU A C   
497 O  O   . LEU A 61 ? 0.1971 0.2547 0.3109 0.0111  0.0049  -0.0510 61   LEU A O   
498 C  CB  . LEU A 61 ? 0.1884 0.2092 0.2693 0.0047  0.0048  -0.0182 61   LEU A CB  
499 C  CG  . LEU A 61 ? 0.1977 0.2187 0.2491 0.0023  0.0027  -0.0056 61   LEU A CG  
500 C  CD1 . LEU A 61 ? 0.1887 0.2610 0.2591 0.0079  -0.0104 -0.0433 61   LEU A CD1 
501 C  CD2 . LEU A 61 ? 0.2311 0.2444 0.2511 0.0087  0.0017  -0.0215 61   LEU A CD2 
502 N  N   . GLU A 62 ? 0.1864 0.1808 0.2663 0.0058  0.0241  -0.0354 62   GLU A N   
503 C  CA  . GLU A 62 ? 0.2098 0.2070 0.2746 0.0093  0.0230  -0.0276 62   GLU A CA  
504 C  C   . GLU A 62 ? 0.1811 0.1969 0.2601 0.0052  0.0225  -0.0244 62   GLU A C   
505 O  O   . GLU A 62 ? 0.1680 0.2120 0.2823 0.0230  0.0253  -0.0229 62   GLU A O   
506 C  CB  . GLU A 62 ? 0.2277 0.2141 0.2716 0.0207  0.0330  -0.0258 62   GLU A CB  
507 C  CG  . GLU A 62 ? 0.3228 0.2984 0.3355 0.0127  0.0214  -0.0346 62   GLU A CG  
508 C  CD  . GLU A 62 ? 0.3486 0.3151 0.3327 0.0083  0.0153  -0.0217 62   GLU A CD  
509 O  OE1 . GLU A 62 ? 0.4236 0.4149 0.3922 0.0387  0.0004  0.0164  62   GLU A OE1 
510 O  OE2 . GLU A 62 ? 0.4708 0.4014 0.3855 -0.0091 0.0228  -0.0486 62   GLU A OE2 
511 N  N   . THR A 63 ? 0.1935 0.1857 0.2598 0.0025  0.0157  -0.0296 63   THR A N   
512 C  CA  . THR A 63 ? 0.2001 0.1837 0.2447 0.0128  0.0266  -0.0300 63   THR A CA  
513 C  C   . THR A 63 ? 0.1943 0.1880 0.2485 0.0051  0.0289  -0.0351 63   THR A C   
514 O  O   . THR A 63 ? 0.2138 0.2048 0.2968 0.0001  0.0392  -0.0488 63   THR A O   
515 C  CB  . THR A 63 ? 0.2121 0.2277 0.2516 0.0094  0.0149  -0.0424 63   THR A CB  
516 O  OG1 . THR A 63 ? 0.2133 0.2563 0.2710 0.0342  0.0052  -0.0184 63   THR A OG1 
517 C  CG2 . THR A 63 ? 0.2356 0.2329 0.2319 0.0297  0.0188  -0.0371 63   THR A CG2 
518 N  N   . ILE A 64 ? 0.2013 0.1760 0.2389 0.0029  0.0251  -0.0335 64   ILE A N   
519 C  CA  . ILE A 64 ? 0.2078 0.1761 0.2256 0.0102  0.0035  -0.0141 64   ILE A CA  
520 C  C   . ILE A 64 ? 0.1866 0.1823 0.2270 -0.0009 0.0036  -0.0138 64   ILE A C   
521 O  O   . ILE A 64 ? 0.1790 0.1969 0.2301 0.0154  0.0150  -0.0007 64   ILE A O   
522 C  CB  . ILE A 64 ? 0.2253 0.1725 0.2188 0.0032  0.0137  -0.0156 64   ILE A CB  
523 C  CG1 . ILE A 64 ? 0.2358 0.2074 0.2502 0.0020  0.0020  0.0156  64   ILE A CG1 
524 C  CG2 . ILE A 64 ? 0.2173 0.2030 0.2325 0.0118  0.0169  -0.0421 64   ILE A CG2 
525 C  CD1 . ILE A 64 ? 0.2556 0.2264 0.2619 0.0124  -0.0043 0.0123  64   ILE A CD1 
526 N  N   . VAL A 65 ? 0.1899 0.1864 0.2345 0.0136  0.0023  -0.0079 65   VAL A N   
527 C  CA  . VAL A 65 ? 0.1763 0.1872 0.2242 0.0125  -0.0127 -0.0104 65   VAL A CA  
528 C  C   . VAL A 65 ? 0.1848 0.1798 0.2265 0.0091  0.0044  -0.0063 65   VAL A C   
529 O  O   . VAL A 65 ? 0.1808 0.1901 0.2279 0.0099  0.0062  -0.0041 65   VAL A O   
530 C  CB  . VAL A 65 ? 0.1758 0.1921 0.2374 0.0146  -0.0282 -0.0092 65   VAL A CB  
531 C  CG1 . VAL A 65 ? 0.2015 0.2052 0.2434 0.0204  -0.0119 0.0074  65   VAL A CG1 
532 C  CG2 . VAL A 65 ? 0.1954 0.2361 0.2564 0.0042  -0.0200 -0.0421 65   VAL A CG2 
533 N  N   . VAL A 66 ? 0.1839 0.1827 0.2341 0.0028  -0.0100 -0.0070 66   VAL A N   
534 C  CA  . VAL A 66 ? 0.1807 0.1844 0.2462 0.0028  -0.0175 -0.0124 66   VAL A CA  
535 C  C   . VAL A 66 ? 0.1985 0.1992 0.2311 0.0000  -0.0172 -0.0104 66   VAL A C   
536 O  O   . VAL A 66 ? 0.2058 0.1908 0.2428 0.0092  -0.0199 -0.0121 66   VAL A O   
537 C  CB  . VAL A 66 ? 0.1722 0.1918 0.2250 0.0081  -0.0151 0.0035  66   VAL A CB  
538 C  CG1 . VAL A 66 ? 0.2149 0.1973 0.2620 0.0082  -0.0103 0.0154  66   VAL A CG1 
539 C  CG2 . VAL A 66 ? 0.2207 0.2327 0.2534 -0.0097 -0.0045 0.0051  66   VAL A CG2 
540 N  N   . MET A 67 ? 0.1976 0.1920 0.2519 0.0032  -0.0140 -0.0171 67   MET A N   
541 C  CA  . MET A 67 ? 0.2260 0.2047 0.2671 0.0024  -0.0130 -0.0212 67   MET A CA  
542 C  C   . MET A 67 ? 0.2074 0.1958 0.2481 0.0042  -0.0186 -0.0094 67   MET A C   
543 O  O   . MET A 67 ? 0.2320 0.2347 0.2988 0.0109  -0.0281 0.0064  67   MET A O   
544 C  CB  . MET A 67 ? 0.2276 0.2056 0.2702 -0.0033 -0.0068 -0.0323 67   MET A CB  
545 C  CG  . MET A 67 ? 0.2544 0.2463 0.2757 -0.0061 0.0009  -0.0381 67   MET A CG  
546 S  SD  . MET A 67 ? 0.2650 0.2794 0.3376 0.0085  -0.0237 -0.0666 67   MET A SD  
547 C  CE  . MET A 67 ? 0.2944 0.3602 0.3583 0.0239  -0.0439 -0.0342 67   MET A CE  
548 N  N   . ASN A 68 ? 0.1924 0.2039 0.2510 -0.0012 -0.0128 -0.0104 68   ASN A N   
549 C  CA  . ASN A 68 ? 0.2107 0.1907 0.2439 -0.0043 -0.0128 0.0008  68   ASN A CA  
550 C  C   . ASN A 68 ? 0.2036 0.2097 0.2280 -0.0077 -0.0229 -0.0002 68   ASN A C   
551 O  O   . ASN A 68 ? 0.2082 0.1986 0.2334 -0.0052 -0.0108 0.0012  68   ASN A O   
552 C  CB  . ASN A 68 ? 0.2108 0.1966 0.2218 -0.0131 -0.0228 0.0019  68   ASN A CB  
553 C  CG  . ASN A 68 ? 0.2014 0.1877 0.2352 -0.0158 -0.0244 -0.0005 68   ASN A CG  
554 O  OD1 . ASN A 68 ? 0.2159 0.1778 0.2567 0.0117  -0.0301 0.0137  68   ASN A OD1 
555 N  ND2 . ASN A 68 ? 0.2552 0.1969 0.2864 -0.0189 -0.0149 -0.0223 68   ASN A ND2 
556 N  N   . GLU A 69 ? 0.2201 0.2294 0.2369 0.0000  -0.0104 -0.0095 69   GLU A N   
557 C  CA  . GLU A 69 ? 0.2337 0.2592 0.2473 0.0049  -0.0044 -0.0015 69   GLU A CA  
558 C  C   . GLU A 69 ? 0.2151 0.2324 0.2369 -0.0005 -0.0004 -0.0048 69   GLU A C   
559 O  O   . GLU A 69 ? 0.2462 0.2144 0.2469 -0.0022 0.0029  -0.0026 69   GLU A O   
560 C  CB  . GLU A 69 ? 0.2519 0.2775 0.2487 0.0097  -0.0056 -0.0007 69   GLU A CB  
561 C  CG  . GLU A 69 ? 0.3044 0.3351 0.2942 -0.0029 -0.0111 -0.0023 69   GLU A CG  
562 C  CD  . GLU A 69 ? 0.3385 0.3832 0.3123 -0.0039 0.0009  0.0043  69   GLU A CD  
563 O  OE1 . GLU A 69 ? 0.4075 0.4881 0.4375 -0.0170 0.0139  0.0088  69   GLU A OE1 
564 O  OE2 . GLU A 69 ? 0.4461 0.4790 0.3995 -0.0027 -0.0226 0.0164  69   GLU A OE2 
565 N  N   . ARG A 70 ? 0.2141 0.2112 0.2282 -0.0074 -0.0020 0.0064  70   ARG A N   
566 C  CA  . ARG A 70 ? 0.2172 0.1974 0.2194 -0.0049 -0.0053 -0.0071 70   ARG A CA  
567 C  C   . ARG A 70 ? 0.1983 0.1923 0.2290 -0.0002 -0.0067 0.0047  70   ARG A C   
568 O  O   . ARG A 70 ? 0.1959 0.1877 0.2403 0.0081  -0.0006 0.0066  70   ARG A O   
569 C  CB  . ARG A 70 ? 0.2310 0.2003 0.2265 -0.0206 -0.0153 0.0002  70   ARG A CB  
570 C  CG  . ARG A 70 ? 0.2612 0.2339 0.2227 -0.0308 0.0171  0.0063  70   ARG A CG  
571 C  CD  . ARG A 70 ? 0.2630 0.2178 0.2075 -0.0320 -0.0168 0.0043  70   ARG A CD  
572 N  NE  . ARG A 70 ? 0.2677 0.2409 0.1756 -0.0521 -0.0102 0.0185  70   ARG A NE  
573 C  CZ  . ARG A 70 ? 0.2436 0.2148 0.2104 -0.0291 0.0079  0.0117  70   ARG A CZ  
574 N  NH1 . ARG A 70 ? 0.2512 0.2018 0.2189 -0.0250 -0.0099 0.0216  70   ARG A NH1 
575 N  NH2 . ARG A 70 ? 0.2379 0.2052 0.2216 -0.0468 -0.0052 0.0289  70   ARG A NH2 
576 N  N   . GLU A 71 ? 0.1967 0.1798 0.2183 -0.0049 0.0075  -0.0029 71   GLU A N   
577 C  CA  . GLU A 71 ? 0.1778 0.1731 0.2069 0.0108  0.0083  -0.0034 71   GLU A CA  
578 C  C   . GLU A 71 ? 0.1878 0.1723 0.2017 0.0108  0.0041  -0.0030 71   GLU A C   
579 O  O   . GLU A 71 ? 0.1995 0.1867 0.2213 0.0037  -0.0054 -0.0003 71   GLU A O   
580 C  CB  . GLU A 71 ? 0.1722 0.2030 0.2193 0.0150  0.0069  0.0042  71   GLU A CB  
581 C  CG  . GLU A 71 ? 0.1971 0.2217 0.2388 0.0137  0.0207  0.0145  71   GLU A CG  
582 C  CD  . GLU A 71 ? 0.2163 0.1883 0.2376 0.0111  -0.0019 -0.0123 71   GLU A CD  
583 O  OE1 . GLU A 71 ? 0.2314 0.2698 0.2539 0.0235  -0.0204 -0.0273 71   GLU A OE1 
584 O  OE2 . GLU A 71 ? 0.2294 0.2767 0.2799 0.0033  0.0061  -0.0057 71   GLU A OE2 
585 N  N   . ALA A 72 ? 0.1834 0.1722 0.2178 -0.0013 -0.0029 -0.0141 72   ALA A N   
586 C  CA  . ALA A 72 ? 0.1862 0.1796 0.2091 0.0071  -0.0025 -0.0129 72   ALA A CA  
587 C  C   . ALA A 72 ? 0.1847 0.1776 0.2075 0.0005  0.0025  -0.0053 72   ALA A C   
588 O  O   . ALA A 72 ? 0.1936 0.1869 0.2187 -0.0046 -0.0044 -0.0046 72   ALA A O   
589 C  CB  . ALA A 72 ? 0.2093 0.2045 0.2179 -0.0020 -0.0121 -0.0151 72   ALA A CB  
590 N  N   . PHE A 73 ? 0.1717 0.1817 0.2171 0.0036  -0.0039 -0.0089 73   PHE A N   
591 C  CA  . PHE A 73 ? 0.1842 0.1974 0.2244 -0.0043 -0.0088 -0.0049 73   PHE A CA  
592 C  C   . PHE A 73 ? 0.1809 0.1891 0.2199 0.0043  -0.0007 -0.0073 73   PHE A C   
593 O  O   . PHE A 73 ? 0.2092 0.1968 0.2343 0.0074  -0.0077 0.0024  73   PHE A O   
594 C  CB  . PHE A 73 ? 0.1939 0.2050 0.2414 -0.0082 -0.0057 -0.0001 73   PHE A CB  
595 C  CG  . PHE A 73 ? 0.2029 0.2333 0.2384 -0.0144 0.0068  -0.0161 73   PHE A CG  
596 C  CD1 . PHE A 73 ? 0.2141 0.2793 0.2677 0.0044  0.0160  -0.0129 73   PHE A CD1 
597 C  CD2 . PHE A 73 ? 0.2163 0.2424 0.2745 0.0016  -0.0082 -0.0038 73   PHE A CD2 
598 C  CE1 . PHE A 73 ? 0.2273 0.2889 0.3038 0.0326  0.0097  -0.0231 73   PHE A CE1 
599 C  CE2 . PHE A 73 ? 0.2264 0.2861 0.3006 0.0198  -0.0195 -0.0202 73   PHE A CE2 
600 C  CZ  . PHE A 73 ? 0.2341 0.2860 0.3076 0.0172  -0.0001 -0.0111 73   PHE A CZ  
601 N  N   . ILE A 74 ? 0.1854 0.1932 0.2056 -0.0035 -0.0068 -0.0155 74   ILE A N   
602 C  CA  . ILE A 74 ? 0.1978 0.1891 0.2124 -0.0009 -0.0073 -0.0134 74   ILE A CA  
603 C  C   . ILE A 74 ? 0.1978 0.1928 0.2191 0.0038  -0.0107 -0.0010 74   ILE A C   
604 O  O   . ILE A 74 ? 0.2177 0.1968 0.2346 0.0019  -0.0139 0.0064  74   ILE A O   
605 C  CB  . ILE A 74 ? 0.1937 0.1854 0.2000 0.0001  -0.0014 -0.0085 74   ILE A CB  
606 C  CG1 . ILE A 74 ? 0.2320 0.2311 0.2190 0.0020  -0.0147 0.0229  74   ILE A CG1 
607 C  CG2 . ILE A 74 ? 0.1958 0.1839 0.2541 0.0105  0.0028  -0.0242 74   ILE A CG2 
608 C  CD1 . ILE A 74 ? 0.3181 0.3648 0.3579 0.0229  -0.0007 0.0082  74   ILE A CD1 
609 N  N   . LEU A 75 ? 0.1831 0.1825 0.2197 -0.0041 0.0007  -0.0098 75   LEU A N   
610 C  CA  . LEU A 75 ? 0.1828 0.1755 0.2221 0.0018  -0.0020 -0.0083 75   LEU A CA  
611 C  C   . LEU A 75 ? 0.1992 0.1785 0.2053 0.0009  -0.0003 -0.0103 75   LEU A C   
612 O  O   . LEU A 75 ? 0.2030 0.1830 0.2096 0.0087  0.0109  -0.0021 75   LEU A O   
613 C  CB  . LEU A 75 ? 0.1778 0.1740 0.2275 -0.0008 -0.0010 0.0044  75   LEU A CB  
614 C  CG  . LEU A 75 ? 0.1907 0.1670 0.2174 -0.0061 0.0003  0.0069  75   LEU A CG  
615 C  CD1 . LEU A 75 ? 0.2413 0.2016 0.2273 0.0159  0.0392  -0.0036 75   LEU A CD1 
616 C  CD2 . LEU A 75 ? 0.1930 0.2094 0.2553 0.0033  -0.0076 -0.0119 75   LEU A CD2 
617 N  N   . GLU A 76 ? 0.1924 0.1698 0.2141 -0.0019 -0.0003 -0.0166 76   GLU A N   
618 C  CA  . GLU A 76 ? 0.1904 0.1818 0.2049 0.0176  -0.0020 -0.0126 76   GLU A CA  
619 C  C   . GLU A 76 ? 0.2000 0.1805 0.2212 0.0106  -0.0043 -0.0060 76   GLU A C   
620 O  O   . GLU A 76 ? 0.2154 0.1834 0.2257 0.0190  -0.0178 -0.0030 76   GLU A O   
621 C  CB  . GLU A 76 ? 0.2124 0.1752 0.2035 0.0072  0.0168  -0.0154 76   GLU A CB  
622 C  CG  . GLU A 76 ? 0.2034 0.1832 0.2076 0.0169  0.0168  -0.0364 76   GLU A CG  
623 C  CD  . GLU A 76 ? 0.1872 0.2235 0.2389 -0.0099 0.0093  -0.0362 76   GLU A CD  
624 O  OE1 . GLU A 76 ? 0.2148 0.2488 0.3071 -0.0240 0.0404  -0.0432 76   GLU A OE1 
625 O  OE2 . GLU A 76 ? 0.1912 0.2278 0.2386 -0.0004 0.0272  -0.0428 76   GLU A OE2 
626 N  N   . ALA A 77 ? 0.2009 0.1982 0.2324 0.0135  -0.0250 -0.0093 77   ALA A N   
627 C  CA  . ALA A 77 ? 0.2177 0.2125 0.2524 0.0071  -0.0253 -0.0038 77   ALA A CA  
628 C  C   . ALA A 77 ? 0.2341 0.2122 0.2486 0.0131  -0.0320 -0.0101 77   ALA A C   
629 O  O   . ALA A 77 ? 0.2573 0.2062 0.2741 0.0289  -0.0446 -0.0031 77   ALA A O   
630 C  CB  . ALA A 77 ? 0.2164 0.2053 0.2775 0.0092  -0.0310 -0.0151 77   ALA A CB  
631 N  N   . ASN A 78 ? 0.2498 0.2135 0.2356 0.0122  -0.0195 -0.0147 78   ASN A N   
632 C  CA  . ASN A 78 ? 0.2736 0.2267 0.2468 0.0088  -0.0060 -0.0078 78   ASN A CA  
633 C  C   . ASN A 78 ? 0.2641 0.2175 0.2378 0.0003  -0.0124 -0.0093 78   ASN A C   
634 O  O   . ASN A 78 ? 0.3064 0.2052 0.2398 -0.0034 -0.0250 -0.0136 78   ASN A O   
635 C  CB  . ASN A 78 ? 0.2987 0.2384 0.2580 0.0106  0.0023  -0.0102 78   ASN A CB  
636 C  CG  . ASN A 78 ? 0.3463 0.3024 0.3196 -0.0092 -0.0082 0.0035  78   ASN A CG  
637 O  OD1 . ASN A 78 ? 0.3761 0.3126 0.3477 -0.0324 -0.0180 -0.0273 78   ASN A OD1 
638 N  ND2 . ASN A 78 ? 0.4417 0.3205 0.3302 0.0007  0.0228  -0.0242 78   ASN A ND2 
639 N  N   . LEU A 79 ? 0.2424 0.1928 0.2242 0.0128  -0.0095 -0.0158 79   LEU A N   
640 C  CA  . LEU A 79 ? 0.2316 0.1927 0.2312 0.0214  -0.0055 -0.0112 79   LEU A CA  
641 C  C   . LEU A 79 ? 0.2434 0.1975 0.2277 0.0183  -0.0009 -0.0138 79   LEU A C   
642 O  O   . LEU A 79 ? 0.2726 0.2012 0.2348 0.0168  0.0004  -0.0141 79   LEU A O   
643 C  CB  . LEU A 79 ? 0.2296 0.1927 0.2284 0.0276  -0.0065 -0.0162 79   LEU A CB  
644 C  CG  . LEU A 79 ? 0.2142 0.2144 0.2102 0.0319  0.0246  -0.0038 79   LEU A CG  
645 C  CD1 . LEU A 79 ? 0.2671 0.2461 0.2716 0.0414  -0.0184 -0.0259 79   LEU A CD1 
646 C  CD2 . LEU A 79 ? 0.2746 0.3094 0.2678 0.0461  0.0410  0.0048  79   LEU A CD2 
647 N  N   . ILE A 80 ? 0.2350 0.1849 0.2305 0.0339  0.0021  -0.0194 80   ILE A N   
648 C  CA  . ILE A 80 ? 0.2359 0.2042 0.2480 0.0388  -0.0174 -0.0104 80   ILE A CA  
649 C  C   . ILE A 80 ? 0.2828 0.2167 0.2535 0.0357  -0.0276 -0.0118 80   ILE A C   
650 O  O   . ILE A 80 ? 0.3144 0.2177 0.2634 0.0422  -0.0465 -0.0017 80   ILE A O   
651 C  CB  . ILE A 80 ? 0.2141 0.2145 0.2374 0.0419  -0.0132 -0.0127 80   ILE A CB  
652 C  CG1 . ILE A 80 ? 0.2308 0.2086 0.2333 0.0193  -0.0131 -0.0143 80   ILE A CG1 
653 C  CG2 . ILE A 80 ? 0.2298 0.2207 0.2866 0.0538  -0.0179 -0.0084 80   ILE A CG2 
654 C  CD1 . ILE A 80 ? 0.2384 0.2090 0.2422 0.0126  0.0016  -0.0182 80   ILE A CD1 
655 N  N   . LYS A 81 ? 0.3043 0.2356 0.2522 0.0289  -0.0578 -0.0090 81   LYS A N   
656 C  CA  . LYS A 81 ? 0.3359 0.2700 0.2836 0.0238  -0.0497 -0.0076 81   LYS A CA  
657 C  C   . LYS A 81 ? 0.3397 0.2735 0.2761 0.0209  -0.0459 -0.0160 81   LYS A C   
658 O  O   . LYS A 81 ? 0.3857 0.2949 0.2989 0.0373  -0.0529 0.0094  81   LYS A O   
659 C  CB  . LYS A 81 ? 0.3374 0.2697 0.2791 0.0179  -0.0460 -0.0083 81   LYS A CB  
660 C  CG  . LYS A 81 ? 0.3780 0.3298 0.3623 0.0042  -0.0265 -0.0104 81   LYS A CG  
661 C  CD  . LYS A 81 ? 0.3832 0.3448 0.3774 -0.0060 -0.0369 -0.0161 81   LYS A CD  
662 C  CE  . LYS A 81 ? 0.4659 0.4100 0.4502 0.0058  -0.0260 0.0047  81   LYS A CE  
663 N  NZ  . LYS A 81 ? 0.5072 0.4643 0.5177 -0.0163 -0.0271 -0.0115 81   LYS A NZ  
664 N  N   . LYS A 82 ? 0.3444 0.2601 0.2693 0.0076  -0.0332 -0.0247 82   LYS A N   
665 C  CA  . LYS A 82 ? 0.3650 0.2818 0.2834 0.0013  -0.0161 -0.0154 82   LYS A CA  
666 C  C   . LYS A 82 ? 0.3696 0.2630 0.2776 -0.0017 -0.0170 -0.0021 82   LYS A C   
667 O  O   . LYS A 82 ? 0.4203 0.2794 0.2935 0.0029  -0.0200 0.0024  82   LYS A O   
668 C  CB  . LYS A 82 ? 0.3578 0.2885 0.2983 0.0039  -0.0054 -0.0192 82   LYS A CB  
669 C  CG  . LYS A 82 ? 0.3851 0.3363 0.3140 -0.0002 0.0010  -0.0032 82   LYS A CG  
670 C  CD  . LYS A 82 ? 0.3993 0.3609 0.3478 0.0018  0.0071  -0.0116 82   LYS A CD  
671 C  CE  . LYS A 82 ? 0.4523 0.4682 0.4460 0.0007  0.0326  0.0060  82   LYS A CE  
672 N  NZ  . LYS A 82 ? 0.4907 0.5158 0.5028 0.0078  0.0141  -0.0005 82   LYS A NZ  
673 N  N   . TYR A 83 ? 0.3549 0.2397 0.2703 0.0016  -0.0124 0.0009  83   TYR A N   
674 C  CA  . TYR A 83 ? 0.3372 0.2524 0.2878 -0.0022 -0.0079 0.0003  83   TYR A CA  
675 C  C   . TYR A 83 ? 0.3330 0.2559 0.2824 0.0046  -0.0122 -0.0024 83   TYR A C   
676 O  O   . TYR A 83 ? 0.3629 0.2585 0.3209 0.0041  -0.0074 -0.0077 83   TYR A O   
677 C  CB  . TYR A 83 ? 0.3292 0.2564 0.2908 0.0004  -0.0008 0.0010  83   TYR A CB  
678 C  CG  . TYR A 83 ? 0.3246 0.2847 0.2868 -0.0008 0.0049  0.0073  83   TYR A CG  
679 C  CD1 . TYR A 83 ? 0.3366 0.2766 0.3038 0.0155  0.0146  -0.0151 83   TYR A CD1 
680 C  CD2 . TYR A 83 ? 0.3456 0.3128 0.3191 0.0028  0.0186  0.0002  83   TYR A CD2 
681 C  CE1 . TYR A 83 ? 0.3362 0.3294 0.3526 0.0027  0.0378  -0.0067 83   TYR A CE1 
682 C  CE2 . TYR A 83 ? 0.3384 0.3407 0.3331 0.0037  0.0289  0.0208  83   TYR A CE2 
683 C  CZ  . TYR A 83 ? 0.3630 0.3420 0.3617 0.0154  0.0351  -0.0052 83   TYR A CZ  
684 O  OH  . TYR A 83 ? 0.3869 0.4331 0.4039 0.0164  0.0635  -0.0026 83   TYR A OH  
685 N  N   . ARG A 84 ? 0.3223 0.2422 0.2778 0.0120  -0.0299 -0.0098 84   ARG A N   
686 C  CA  . ARG A 84 ? 0.3237 0.2581 0.2869 0.0232  -0.0457 -0.0087 84   ARG A CA  
687 C  C   . ARG A 84 ? 0.3116 0.2205 0.2741 0.0235  -0.0349 -0.0089 84   ARG A C   
688 O  O   . ARG A 84 ? 0.3568 0.2250 0.2899 0.0495  -0.0477 -0.0174 84   ARG A O   
689 C  CB  . ARG A 84 ? 0.3377 0.2743 0.2983 0.0223  -0.0537 -0.0093 84   ARG A CB  
690 C  CG  . ARG A 84 ? 0.3607 0.3278 0.3323 0.0093  -0.0651 -0.0202 84   ARG A CG  
691 C  CD  . ARG A 84 ? 0.4291 0.4147 0.4157 -0.0108 -0.0232 -0.0173 84   ARG A CD  
692 N  NE  . ARG A 84 ? 0.4639 0.4581 0.4831 -0.0098 -0.0291 -0.0195 84   ARG A NE  
693 C  CZ  . ARG A 84 ? 0.4723 0.4747 0.4831 -0.0082 -0.0118 -0.0104 84   ARG A CZ  
694 N  NH1 . ARG A 84 ? 0.4869 0.4914 0.5098 0.0033  -0.0213 0.0003  84   ARG A NH1 
695 N  NH2 . ARG A 84 ? 0.5032 0.4942 0.5220 0.0057  -0.0235 -0.0115 84   ARG A NH2 
696 N  N   . PRO A 85 ? 0.2899 0.1964 0.2600 0.0210  -0.0341 -0.0177 85   PRO A N   
697 C  CA  . PRO A 85 ? 0.2629 0.2003 0.2401 0.0217  -0.0271 -0.0203 85   PRO A CA  
698 C  C   . PRO A 85 ? 0.2552 0.2090 0.2470 0.0176  -0.0197 -0.0095 85   PRO A C   
699 O  O   . PRO A 85 ? 0.2578 0.2011 0.2576 0.0224  -0.0191 -0.0270 85   PRO A O   
700 C  CB  . PRO A 85 ? 0.2682 0.2005 0.2372 0.0301  -0.0251 -0.0203 85   PRO A CB  
701 C  CG  . PRO A 85 ? 0.2442 0.1968 0.2403 0.0217  -0.0181 -0.0353 85   PRO A CG  
702 C  CD  . PRO A 85 ? 0.2651 0.1977 0.2572 0.0288  -0.0376 -0.0111 85   PRO A CD  
703 N  N   . LYS A 86 ? 0.2591 0.2034 0.2547 0.0193  -0.0252 -0.0141 86   LYS A N   
704 C  CA  . LYS A 86 ? 0.2603 0.2250 0.2711 0.0016  -0.0148 -0.0149 86   LYS A CA  
705 C  C   . LYS A 86 ? 0.2450 0.2092 0.2717 -0.0021 -0.0174 -0.0169 86   LYS A C   
706 O  O   . LYS A 86 ? 0.2598 0.2237 0.3143 0.0263  -0.0346 -0.0109 86   LYS A O   
707 C  CB  . LYS A 86 ? 0.3070 0.2562 0.2992 -0.0140 -0.0099 -0.0026 86   LYS A CB  
708 C  CG  . LYS A 86 ? 0.2877 0.2823 0.2991 -0.0367 -0.0060 0.0078  86   LYS A CG  
709 C  CD  . LYS A 86 ? 0.2708 0.2306 0.2671 -0.0105 0.0117  -0.0288 86   LYS A CD  
710 C  CE  . LYS A 86 ? 0.2574 0.2331 0.2740 0.0047  -0.0051 -0.0146 86   LYS A CE  
711 N  NZ  . LYS A 86 ? 0.2552 0.2110 0.2604 0.0165  0.0108  -0.0077 86   LYS A NZ  
712 N  N   . TYR A 87 ? 0.2406 0.1827 0.2466 0.0093  -0.0152 -0.0204 87   TYR A N   
713 C  CA  . TYR A 87 ? 0.2109 0.2007 0.2510 0.0043  -0.0068 -0.0170 87   TYR A CA  
714 C  C   . TYR A 87 ? 0.2181 0.2144 0.2523 0.0032  -0.0031 -0.0137 87   TYR A C   
715 O  O   . TYR A 87 ? 0.2486 0.2258 0.2717 -0.0156 0.0001  -0.0216 87   TYR A O   
716 C  CB  . TYR A 87 ? 0.2172 0.1857 0.2385 0.0047  -0.0093 -0.0151 87   TYR A CB  
717 C  CG  . TYR A 87 ? 0.1851 0.1736 0.2395 0.0175  0.0011  -0.0191 87   TYR A CG  
718 C  CD1 . TYR A 87 ? 0.2007 0.1834 0.2226 0.0267  0.0062  -0.0138 87   TYR A CD1 
719 C  CD2 . TYR A 87 ? 0.1944 0.1796 0.2344 -0.0069 0.0035  -0.0272 87   TYR A CD2 
720 C  CE1 . TYR A 87 ? 0.1982 0.2006 0.2280 -0.0015 0.0037  -0.0098 87   TYR A CE1 
721 C  CE2 . TYR A 87 ? 0.2104 0.1871 0.2136 0.0018  0.0090  -0.0408 87   TYR A CE2 
722 C  CZ  . TYR A 87 ? 0.1951 0.1806 0.2211 -0.0012 0.0147  -0.0296 87   TYR A CZ  
723 O  OH  . TYR A 87 ? 0.2406 0.1776 0.2463 0.0011  -0.0033 -0.0276 87   TYR A OH  
724 N  N   . ASN A 88 ? 0.1875 0.1997 0.2655 0.0118  -0.0149 -0.0204 88   ASN A N   
725 C  CA  . ASN A 88 ? 0.1915 0.2276 0.2823 0.0118  -0.0192 -0.0281 88   ASN A CA  
726 C  C   . ASN A 88 ? 0.2358 0.2630 0.3124 0.0164  -0.0281 -0.0218 88   ASN A C   
727 O  O   . ASN A 88 ? 0.2396 0.2994 0.3510 0.0170  -0.0437 -0.0153 88   ASN A O   
728 C  CB  . ASN A 88 ? 0.1993 0.2069 0.2604 0.0230  -0.0270 -0.0301 88   ASN A CB  
729 C  CG  . ASN A 88 ? 0.1820 0.2127 0.2236 -0.0053 -0.0113 -0.0064 88   ASN A CG  
730 O  OD1 . ASN A 88 ? 0.1921 0.2002 0.2538 0.0087  -0.0105 -0.0226 88   ASN A OD1 
731 N  ND2 . ASN A 88 ? 0.2225 0.2128 0.2417 0.0030  0.0073  -0.0084 88   ASN A ND2 
732 N  N   . VAL A 89 ? 0.2630 0.3338 0.3679 0.0185  -0.0256 -0.0091 89   VAL A N   
733 C  CA  . VAL A 89 ? 0.3169 0.3937 0.4120 0.0164  -0.0229 -0.0109 89   VAL A CA  
734 C  C   . VAL A 89 ? 0.3463 0.4080 0.4260 0.0124  -0.0185 -0.0228 89   VAL A C   
735 O  O   . VAL A 89 ? 0.3682 0.4152 0.4568 0.0110  -0.0314 -0.0259 89   VAL A O   
736 C  CB  . VAL A 89 ? 0.3421 0.4182 0.4250 0.0123  -0.0190 -0.0075 89   VAL A CB  
737 C  CG1 . VAL A 89 ? 0.3681 0.4498 0.4459 0.0160  -0.0058 -0.0207 89   VAL A CG1 
738 C  CG2 . VAL A 89 ? 0.3892 0.4290 0.4592 0.0139  -0.0056 -0.0022 89   VAL A CG2 
739 MN MN  . MN  B .  ? 0.2063 0.2391 0.3006 0.0046  0.0366  -0.0163 2001 MN  A MN  
740 MN MN  . MN  C .  ? 0.4359 0.5018 0.4057 -0.0957 -0.0074 0.0095  2002 MN  A MN  
741 MN MN  . MN  D .  ? 0.7177 0.6937 0.6468 -0.0061 0.0030  -0.0256 2003 MN  A MN  
742 MN MN  . MN  E .  ? 0.5054 0.4724 0.5481 0.0088  0.1405  -0.0354 2004 MN  A MN  
743 C  C1  . GOL F .  ? 0.5376 0.5349 0.5466 -0.0026 0.0116  -0.0093 1001 GOL A C1  
744 O  O1  . GOL F .  ? 0.5343 0.5451 0.5353 -0.0026 0.0114  -0.0080 1001 GOL A O1  
745 C  C2  . GOL F .  ? 0.5565 0.5625 0.5557 0.0004  0.0041  -0.0054 1001 GOL A C2  
746 O  O2  . GOL F .  ? 0.5594 0.5750 0.5584 -0.0066 -0.0061 -0.0218 1001 GOL A O2  
747 C  C3  . GOL F .  ? 0.5586 0.5442 0.5468 -0.0054 0.0000  -0.0034 1001 GOL A C3  
748 O  O3  . GOL F .  ? 0.5963 0.6057 0.5801 -0.0135 -0.0008 -0.0167 1001 GOL A O3  
749 O  O   . HOH G .  ? 0.2656 0.3254 0.2362 0.0355  0.0702  -0.0211 2005 HOH A O   
750 O  O   . HOH G .  ? 0.1514 0.2680 0.4009 0.0145  0.0016  -0.0613 2006 HOH A O   
751 O  O   . HOH G .  ? 0.1922 0.2262 0.2437 0.0343  0.0495  -0.0141 2007 HOH A O   
752 O  O   . HOH G .  ? 0.2362 0.2636 0.3321 -0.0101 0.0330  -0.0214 2008 HOH A O   
753 O  O   . HOH G .  ? 0.2360 0.3230 0.3562 0.0019  0.0045  0.0351  2009 HOH A O   
754 O  O   . HOH G .  ? 0.2281 0.2270 0.2865 0.0065  0.0123  -0.0027 2010 HOH A O   
755 O  O   . HOH G .  ? 0.3694 0.3343 0.3181 0.0675  -0.0006 -0.0161 2011 HOH A O   
756 O  O   . HOH G .  ? 0.3109 0.3018 0.3459 -0.0367 0.0066  -0.0429 2012 HOH A O   
757 O  O   . HOH G .  ? 0.2375 0.2594 0.3380 -0.0066 0.0390  -0.0394 2013 HOH A O   
758 O  O   . HOH G .  ? 0.1839 0.2754 0.4127 -0.0297 0.0306  0.0203  2014 HOH A O   
759 O  O   . HOH G .  ? 0.3203 0.3561 0.2794 0.0575  0.0021  0.0478  2015 HOH A O   
760 O  O   . HOH G .  ? 0.2255 0.3579 0.3154 0.0065  0.0029  -0.0370 2016 HOH A O   
761 O  O   . HOH G .  ? 0.2940 0.2659 0.3997 0.0254  -0.0081 0.0220  2017 HOH A O   
762 O  O   . HOH G .  ? 0.2034 0.3376 0.4147 -0.0271 -0.0101 0.0385  2018 HOH A O   
763 O  O   . HOH G .  ? 0.3175 0.2337 0.2811 0.0211  0.0309  -0.0155 2019 HOH A O   
764 O  O   . HOH G .  ? 0.3484 0.3356 0.3533 0.0062  0.0525  -0.0322 2020 HOH A O   
765 O  O   . HOH G .  ? 0.3548 0.2948 0.3955 0.0351  0.0182  -0.0542 2021 HOH A O   
766 O  O   . HOH G .  ? 0.2783 0.3033 0.3600 0.0306  0.0829  -0.0306 2022 HOH A O   
767 O  O   . HOH G .  ? 0.2141 0.3613 0.4810 0.0567  0.0858  0.0067  2023 HOH A O   
768 O  O   . HOH G .  ? 0.4195 0.3563 0.4288 0.0884  0.0190  -0.0811 2024 HOH A O   
769 O  O   . HOH G .  ? 0.3533 0.3218 0.3658 0.0053  0.0056  0.0516  2025 HOH A O   
770 O  O   . HOH G .  ? 0.2182 0.2840 0.3816 0.0155  0.0140  0.0037  2026 HOH A O   
771 O  O   . HOH G .  ? 0.3760 0.3327 0.3522 0.0371  0.0168  -0.0096 2027 HOH A O   
772 O  O   . HOH G .  ? 0.3879 0.3177 0.4580 0.0611  0.0201  0.0361  2028 HOH A O   
773 O  O   . HOH G .  ? 0.3397 0.3562 0.3320 -0.0314 0.0685  -0.0535 2029 HOH A O   
774 O  O   . HOH G .  ? 0.3116 0.3814 0.3431 0.0249  0.0198  -0.0785 2030 HOH A O   
775 O  O   . HOH G .  ? 0.4140 0.4014 0.3778 0.0028  0.0582  0.0127  2031 HOH A O   
776 O  O   . HOH G .  ? 0.4031 0.3707 0.4064 0.0071  0.0035  -0.0106 2032 HOH A O   
777 O  O   . HOH G .  ? 0.3290 0.4150 0.4340 -0.0182 0.0067  -0.0298 2033 HOH A O   
778 O  O   . HOH G .  ? 0.3828 0.3460 0.3587 0.0576  -0.0246 -0.0361 2034 HOH A O   
779 O  O   . HOH G .  ? 0.3017 0.3062 0.5260 -0.0990 -0.0468 -0.0648 2035 HOH A O   
780 O  O   . HOH G .  ? 0.3649 0.3996 0.4593 0.0632  -0.0479 -0.0141 2036 HOH A O   
781 O  O   . HOH G .  ? 0.3810 0.3943 0.4098 -0.0145 -0.0360 -0.0067 2037 HOH A O   
782 O  O   . HOH G .  ? 0.3130 0.3681 0.3840 0.0870  -0.0195 -0.0669 2038 HOH A O   
783 O  O   . HOH G .  ? 0.3240 0.3607 0.4140 0.0365  0.0077  0.0342  2039 HOH A O   
784 O  O   . HOH G .  ? 0.3370 0.4098 0.3402 -0.0184 0.0358  -0.0234 2040 HOH A O   
785 O  O   . HOH G .  ? 0.4525 0.3902 0.4556 -0.0525 0.0046  -0.0167 2041 HOH A O   
786 O  O   . HOH G .  ? 0.4213 0.3431 0.4002 0.0014  -0.0005 -0.0278 2042 HOH A O   
787 O  O   . HOH G .  ? 0.3962 0.4067 0.4324 0.0154  0.0376  0.0319  2043 HOH A O   
788 O  O   . HOH G .  ? 0.3473 0.4062 0.4318 -0.0036 -0.0541 -0.0369 2044 HOH A O   
789 O  O   . HOH G .  ? 0.4343 0.4202 0.5111 0.0284  0.0190  -0.0080 2045 HOH A O   
790 O  O   . HOH G .  ? 0.4142 0.4165 0.4670 -0.0250 0.0647  0.0509  2046 HOH A O   
791 O  O   . HOH G .  ? 0.5364 0.5110 0.5128 0.0353  0.0298  0.0156  2047 HOH A O   
792 O  O   . HOH G .  ? 0.4782 0.3964 0.5041 -0.0102 0.0015  0.0826  2048 HOH A O   
793 O  O   . HOH G .  ? 0.4898 0.3821 0.3858 -0.0261 -0.0444 -0.0385 2049 HOH A O   
794 O  O   . HOH G .  ? 0.4743 0.4893 0.4640 0.0309  -0.0253 -0.0563 2050 HOH A O   
795 O  O   . HOH G .  ? 0.4994 0.5053 0.5004 0.0302  0.0140  -0.0567 2051 HOH A O   
796 O  O   . HOH G .  ? 0.4896 0.4860 0.4694 0.0033  -0.0284 0.0288  2052 HOH A O   
797 O  O   . HOH G .  ? 0.5667 0.5044 0.4679 0.0197  0.0569  0.0626  2053 HOH A O   
798 O  O   . HOH G .  ? 0.5557 0.5421 0.5616 0.0282  -0.0029 0.0075  2054 HOH A O   
799 O  O   . HOH G .  ? 0.5139 0.5133 0.5255 0.0295  0.0488  0.0006  2055 HOH A O   
800 O  O   . HOH G .  ? 0.4626 0.4949 0.5445 0.0013  0.0220  0.0401  2056 HOH A O   
801 O  O   . HOH G .  ? 0.3559 0.3909 0.6135 0.0665  0.0255  -0.0212 2057 HOH A O   
802 O  O   . HOH G .  ? 0.4698 0.3834 0.4834 -0.0394 0.0344  -0.0074 2058 HOH A O   
803 O  O   . HOH G .  ? 0.5512 0.5236 0.6071 -0.0127 -0.0247 -0.0031 2059 HOH A O   
804 O  O   . HOH G .  ? 0.3829 0.4946 0.5875 0.0336  -0.0035 0.0002  2060 HOH A O   
805 O  O   . HOH G .  ? 0.4955 0.5165 0.5072 0.0095  0.0276  -0.0388 2061 HOH A O   
806 O  O   . HOH G .  ? 0.4380 0.4653 0.4699 -0.0602 -0.0418 -0.0378 2062 HOH A O   
807 O  O   . HOH G .  ? 0.4617 0.4956 0.4802 -0.0322 0.0305  -0.0177 2063 HOH A O   
808 O  O   . HOH G .  ? 0.5977 0.5836 0.5816 0.0033  -0.0088 -0.0007 2064 HOH A O   
809 O  O   . HOH G .  ? 0.5579 0.5880 0.6271 0.0176  -0.0143 0.0091  2065 HOH A O   
810 O  O   . HOH G .  ? 0.5375 0.4959 0.4706 -0.0086 -0.0042 -0.0147 2066 HOH A O   
811 O  O   . HOH G .  ? 0.5969 0.5580 0.5814 -0.0156 -0.0111 -0.0338 2067 HOH A O   
812 O  O   . HOH G .  ? 0.6051 0.5770 0.6050 -0.0076 -0.0064 0.0125  2068 HOH A O   
813 O  O   . HOH G .  ? 0.5875 0.5578 0.5110 -0.0184 -0.0569 -0.0083 2069 HOH A O   
814 O  O   . HOH G .  ? 0.5246 0.5309 0.4890 0.0007  -0.0086 -0.0149 2070 HOH A O   
815 O  O   . HOH G .  ? 0.3947 0.4541 0.5103 0.1145  -0.0586 0.0078  2071 HOH A O   
816 O  O   . HOH G .  ? 0.6363 0.6222 0.6125 -0.0219 0.0022  0.0033  2072 HOH A O   
817 O  O   . HOH G .  ? 0.5919 0.6127 0.6188 0.0228  0.0084  -0.0236 2073 HOH A O   
818 O  O   . HOH G .  ? 0.5764 0.5803 0.5188 0.0187  0.0436  0.0284  2074 HOH A O   
819 O  O   . HOH G .  ? 0.5454 0.5266 0.6151 0.0694  -0.0384 0.0055  2075 HOH A O   
820 O  O   . HOH G .  ? 0.5711 0.5611 0.5647 -0.0153 -0.0030 -0.0123 2076 HOH A O   
821 O  O   . HOH G .  ? 0.5007 0.5022 0.5345 -0.0025 0.0141  -0.0011 2077 HOH A O   
822 O  O   . HOH G .  ? 0.7877 0.7632 0.7602 0.0006  -0.0195 -0.0029 2078 HOH A O   
823 O  O   . HOH G .  ? 0.4920 0.5286 0.5385 0.0247  -0.0535 -0.0296 2079 HOH A O   
824 O  O   . HOH G .  ? 0.5874 0.5458 0.6025 -0.0115 0.0052  -0.0031 2080 HOH A O   
825 O  O   . HOH G .  ? 0.5860 0.5399 0.5469 -0.0327 0.0057  0.0108  2081 HOH A O   
826 O  O   . HOH G .  ? 0.4652 0.4539 0.4802 0.0958  -0.0090 -0.0120 2082 HOH A O   
827 O  O   . HOH G .  ? 0.6222 0.6169 0.6246 -0.0173 0.0021  -0.0061 2083 HOH A O   
828 O  O   . HOH G .  ? 0.5531 0.6025 0.5453 -0.0200 0.0208  -0.0261 2084 HOH A O   
829 O  O   . HOH G .  ? 0.5363 0.5789 0.5751 -0.0048 -0.0183 0.0082  2085 HOH A O   
830 O  O   . HOH G .  ? 0.6004 0.5424 0.5679 0.0036  0.0257  0.0194  2086 HOH A O   
831 O  O   . HOH G .  ? 0.5715 0.5796 0.5223 0.0312  -0.0046 -0.0413 2087 HOH A O   
832 O  O   . HOH G .  ? 0.5570 0.5454 0.5240 0.0319  -0.0114 -0.0381 2088 HOH A O   
833 O  O   . HOH G .  ? 0.6224 0.5921 0.6334 0.0197  0.0030  0.0180  2089 HOH A O   
834 O  O   . HOH G .  ? 0.5069 0.5708 0.5824 0.0167  0.0571  -0.0024 2090 HOH A O   
835 O  O   . HOH G .  ? 0.6788 0.6633 0.6766 0.0064  0.0137  -0.0015 2091 HOH A O   
836 O  O   . HOH G .  ? 0.6092 0.5690 0.5575 0.0107  -0.0233 -0.0227 2092 HOH A O   
837 O  O   . HOH G .  ? 0.6327 0.6405 0.6488 0.0058  0.0249  0.0105  2093 HOH A O   
838 O  O   . HOH G .  ? 0.5278 0.4819 0.4556 -0.0066 0.0286  -0.0375 2094 HOH A O   
839 O  O   . HOH G .  ? 0.6618 0.6548 0.6447 -0.0010 0.0021  -0.0020 2095 HOH A O   
840 O  O   . HOH G .  ? 0.6686 0.6839 0.6736 -0.0056 0.0155  -0.0067 2096 HOH A O   
841 O  O   . HOH G .  ? 0.7335 0.6981 0.7451 -0.0151 -0.0048 -0.0003 2097 HOH A O   
842 O  O   . HOH G .  ? 0.4543 0.4676 0.4416 -0.0345 -0.0073 -0.0564 2098 HOH A O   
843 O  O   . HOH G .  ? 0.7312 0.7326 0.7330 -0.0065 0.0099  -0.0031 2099 HOH A O   
844 O  O   . HOH G .  ? 0.6907 0.7009 0.6432 -0.0004 -0.0179 -0.0175 2100 HOH A O   
845 O  O   . HOH G .  ? 0.5516 0.5626 0.5548 0.0334  0.0433  -0.0251 2101 HOH A O   
846 O  O   . HOH G .  ? 0.5164 0.4830 0.4823 -0.0097 -0.0103 0.0141  2102 HOH A O   
847 O  O   . HOH G .  ? 0.7585 0.7532 0.7540 -0.0150 -0.0088 -0.0031 2103 HOH A O   
848 O  O   . HOH G .  ? 0.6001 0.6169 0.5936 0.0164  0.0394  0.0318  2104 HOH A O   
849 O  O   . HOH G .  ? 0.6647 0.6381 0.6538 -0.0206 0.0036  -0.0092 2105 HOH A O   
850 O  O   . HOH G .  ? 0.5481 0.6177 0.6324 0.0172  0.0103  0.0078  2106 HOH A O   
851 O  O   . HOH G .  ? 0.5002 0.4729 0.4676 0.0261  0.0263  -0.0300 2107 HOH A O   
852 O  O   . HOH G .  ? 0.7017 0.7082 0.7071 0.0022  -0.0010 0.0036  2108 HOH A O   
853 O  O   . HOH G .  ? 0.7304 0.7169 0.7255 0.0014  0.0092  0.0175  2109 HOH A O   
854 O  O   . HOH G .  ? 0.5663 0.5716 0.5789 0.0054  0.0267  -0.0065 2110 HOH A O   
855 O  O   . HOH G .  ? 0.6178 0.6097 0.6550 0.0100  -0.0279 -0.0403 2111 HOH A O   
856 O  O   . HOH G .  ? 0.6881 0.6714 0.6942 0.0321  0.0103  -0.0045 2112 HOH A O   
857 O  O   . HOH G .  ? 0.8176 0.8234 0.8101 -0.0006 -0.0004 -0.0032 2113 HOH A O   
858 O  O   . HOH G .  ? 0.6612 0.6478 0.6378 0.0035  -0.0111 -0.0008 2114 HOH A O   
859 O  O   . HOH G .  ? 0.7689 0.7699 0.7592 0.0067  0.0125  0.0025  2115 HOH A O   
860 O  O   . HOH G .  ? 0.6447 0.6366 0.6487 0.0199  0.0000  -0.0128 2116 HOH A O   
861 O  O   . HOH G .  ? 0.7282 0.7158 0.7240 -0.0049 0.0128  -0.0005 2117 HOH A O   
862 O  O   . HOH G .  ? 0.7121 0.7001 0.7031 -0.0165 -0.0168 -0.0055 2118 HOH A O   
863 O  O   . HOH G .  ? 0.6967 0.6707 0.6405 -0.0157 0.0193  0.0047  2119 HOH A O   
864 O  O   . HOH G .  ? 0.6038 0.6534 0.6213 -0.0122 0.0108  -0.0155 2120 HOH A O   
865 O  O   . HOH G .  ? 0.7418 0.7398 0.7443 -0.0045 -0.0044 0.0022  2121 HOH A O   
866 O  O   . HOH G .  ? 0.7485 0.7687 0.7636 0.0102  0.0123  -0.0030 2122 HOH A O   
867 O  O   . HOH G .  ? 0.2050 0.2528 0.2693 0.0092  0.0358  -0.0119 2123 HOH A O   
868 O  O   . HOH G .  ? 0.7262 0.7179 0.7112 0.0017  0.0093  0.0032  2124 HOH A O   
869 O  O   . HOH G .  ? 0.7381 0.7613 0.7653 0.0061  0.0012  -0.0012 2125 HOH A O   
870 O  O   . HOH G .  ? 0.3144 0.2683 0.3685 -0.0281 0.0151  -0.0013 2126 HOH A O   
871 O  O   . HOH G .  ? 0.8244 0.8294 0.8176 -0.0032 0.0002  -0.0060 2127 HOH A O   
872 O  O   . HOH G .  ? 0.5624 0.5803 0.5733 0.0468  -0.0069 -0.0024 2128 HOH A O   
873 O  O   . HOH G .  ? 0.7120 0.6671 0.6817 -0.0015 0.0026  0.0037  2129 HOH A O   
874 O  O   . HOH G .  ? 0.6363 0.6080 0.5849 -0.0016 0.0040  -0.0071 2130 HOH A O   
875 O  O   . HOH G .  ? 0.7149 0.7244 0.6877 -0.0018 -0.0038 0.0037  2131 HOH A O   
876 O  O   . HOH G .  ? 0.5744 0.5641 0.5590 0.0135  -0.0181 -0.0023 2132 HOH A O   
877 O  O   . HOH G .  ? 0.5989 0.5923 0.5920 0.0368  -0.0020 -0.0052 2133 HOH A O   
878 O  O   . HOH G .  ? 0.5938 0.5792 0.6111 0.0192  0.0008  0.0053  2134 HOH A O   
879 O  O   . HOH G .  ? 0.6870 0.6806 0.6624 -0.0047 -0.0075 0.0078  2135 HOH A O   
880 O  O   . HOH G .  ? 0.8304 0.8219 0.8223 -0.0035 -0.0005 -0.0026 2136 HOH A O   
# 
